data_1MXS
# 
_entry.id   1MXS 
# 
_audit_conform.dict_name       mmcif_pdbx.dic 
_audit_conform.dict_version    5.380 
_audit_conform.dict_location   http://mmcif.pdb.org/dictionaries/ascii/mmcif_pdbx.dic 
# 
loop_
_database_2.database_id 
_database_2.database_code 
_database_2.pdbx_database_accession 
_database_2.pdbx_DOI 
PDB   1MXS         pdb_00001mxs 10.2210/pdb1mxs/pdb 
RCSB  RCSB017289   ?            ?                   
WWPDB D_1000017289 ?            ?                   
# 
_pdbx_database_status.status_code                     REL 
_pdbx_database_status.entry_id                        1MXS 
_pdbx_database_status.recvd_initial_deposition_date   2002-10-03 
_pdbx_database_status.deposit_site                    RCSB 
_pdbx_database_status.process_site                    PDBJ 
_pdbx_database_status.status_code_sf                  REL 
_pdbx_database_status.SG_entry                        . 
_pdbx_database_status.pdb_format_compatible           Y 
_pdbx_database_status.status_code_mr                  ? 
_pdbx_database_status.status_code_cs                  ? 
_pdbx_database_status.methods_development_category    ? 
_pdbx_database_status.status_code_nmr_data            ? 
# 
loop_
_audit_author.name 
_audit_author.pdbx_ordinal 
'Watanabe, L.'       1 
'Bell, B.J.'         2 
'Lebioda, L.'        3 
'Rios-Steiner, J.L.' 4 
'Tulinsky, A.'       5 
'Arni, R.K.'         6 
# 
loop_
_citation.id 
_citation.title 
_citation.journal_abbrev 
_citation.journal_volume 
_citation.page_first 
_citation.page_last 
_citation.year 
_citation.journal_id_ASTM 
_citation.country 
_citation.journal_id_ISSN 
_citation.journal_id_CSD 
_citation.book_publisher 
_citation.pdbx_database_id_PubMed 
_citation.pdbx_database_id_DOI 
primary 'Structure of 2-keto-3-deoxy-6-phosphogluconate (KDPG) aldolase from Pseudomonas putida.'                           
'Acta Crystallogr.,Sect.D' 59  1454 1458 2003 ABCRE6 DK 0907-4449 0766 ? 12876349 10.1107/S0907444903013192       
1       'Directed evolution of a new catalytic site in 2-keto-3-deoxy-6-phosphogluconate aldolase from Escherichia coli.'   
Structure                  9   1    9    2001 STRUE6 UK 0969-2126 2005 ? ?        '10.1016/S0969-2126(00)00555-4' 
2       'Covalent intermediate trapped in 2-keto-3-deoxy-6-phosphogluconate (KDPG) aldolase structure at 1.95-A resolution' 
Proc.Natl.Acad.Sci.USA     98  3679 3684 2001 PNASA6 US 0027-8424 0040 ? ?        10.1073/pnas.071380898          
3       'The folding and quaternary structure of trimeric 2-keto-3-deoxy-6-phosphogluconic aldolase at 3.5-A resolution.'   
Biochemistry               15  4410 4417 1976 BICHAW US 0006-2960 0033 ? ?        ?                               
4       'Structure of 2-keto-3-deoxy-6-phosphogluconate aldolase at 2.8A resolution'                                        
J.Mol.Biol.                162 419  444  1982 JMOBAK UK 0022-2836 0070 ? ?        ?                               
# 
loop_
_citation_author.citation_id 
_citation_author.name 
_citation_author.ordinal 
_citation_author.identifier_ORCID 
primary 'Bell, B.J.'         1  ? 
primary 'Watanabe, L.'       2  ? 
primary 'Rios-Steiner, J.L.' 3  ? 
primary 'Tulinsky, A.'       4  ? 
primary 'Lebioda, L.'        5  ? 
primary 'Arni, R.K.'         6  ? 
1       'Wymer, N.'          7  ? 
1       'Buchanan, L.V.'     8  ? 
1       'Henderson, D.'      9  ? 
1       'Mehta, N.'          10 ? 
1       'Botting, C.H.'      11 ? 
1       'Pocivavsek, L.'     12 ? 
1       'Fierke, C.A.'       13 ? 
1       'Toone, E.J.'        14 ? 
1       'Naismith, J.H.'     15 ? 
2       'Allard, J.'         16 ? 
2       'Grochulski, P.'     17 ? 
2       'Sygusch, J.'        18 ? 
3       'Mavridis, I.M.'     19 ? 
3       'Tulinsky, A.'       20 ? 
4       'Mavridis, I.M.'     21 ? 
4       'Hatada, M.H.'       22 ? 
4       'Tulinsky, A.'       23 ? 
4       'Lebioda, L.'        24 ? 
# 
_cell.entry_id           1MXS 
_cell.length_a           103.300 
_cell.length_b           103.300 
_cell.length_c           103.300 
_cell.angle_alpha        90.00 
_cell.angle_beta         90.00 
_cell.angle_gamma        90.00 
_cell.Z_PDB              12 
_cell.pdbx_unique_axis   ? 
# 
_symmetry.entry_id                         1MXS 
_symmetry.space_group_name_H-M             'P 21 3' 
_symmetry.pdbx_full_space_group_name_H-M   ? 
_symmetry.cell_setting                     ? 
_symmetry.Int_Tables_number                198 
# 
loop_
_entity.id 
_entity.type 
_entity.src_method 
_entity.pdbx_description 
_entity.formula_weight 
_entity.pdbx_number_of_molecules 
_entity.pdbx_ec 
_entity.pdbx_mutation 
_entity.pdbx_fragment 
_entity.details 
1 polymer     nat 'KDPG Aldolase' 24003.762 1  4.1.2.14 ? ? ? 
2 non-polymer syn 'SULFATE ION'   96.063    2  ?        ? ? ? 
3 water       nat water           18.015    56 ?        ? ? ? 
# 
_entity_name_com.entity_id   1 
_entity_name_com.name        '2-dehydro-3-deoxyphosphogluconate aldolase' 
# 
_entity_poly.entity_id                      1 
_entity_poly.type                           'polypeptide(L)' 
_entity_poly.nstd_linkage                   no 
_entity_poly.nstd_monomer                   no 
_entity_poly.pdbx_seq_one_letter_code       
;TTLERPQPKLSMADKAARIDAICEKARILPVITIAREEDILPLADALAAGGIRTLEVTLRSQHGLKAIQVLREQRPELCV
GAGTVLDRSMFAAVEAAGAQFVVTPGITEDILEAGVDSEIPLLPGISTPSEIMMGYALGYRRFKLFPAEISGGVAAIKAF
GGPFGDIRFCPTGGVNPANVRNYMALPNVMCVGTTWMLDSSWIKNGDWARIEACSAEAIALLDAN
;
_entity_poly.pdbx_seq_one_letter_code_can   
;TTLERPQPKLSMADKAARIDAICEKARILPVITIAREEDILPLADALAAGGIRTLEVTLRSQHGLKAIQVLREQRPELCV
GAGTVLDRSMFAAVEAAGAQFVVTPGITEDILEAGVDSEIPLLPGISTPSEIMMGYALGYRRFKLFPAEISGGVAAIKAF
GGPFGDIRFCPTGGVNPANVRNYMALPNVMCVGTTWMLDSSWIKNGDWARIEACSAEAIALLDAN
;
_entity_poly.pdbx_strand_id                 A 
_entity_poly.pdbx_target_identifier         ? 
# 
loop_
_entity_poly_seq.entity_id 
_entity_poly_seq.num 
_entity_poly_seq.mon_id 
_entity_poly_seq.hetero 
1 1   THR n 
1 2   THR n 
1 3   LEU n 
1 4   GLU n 
1 5   ARG n 
1 6   PRO n 
1 7   GLN n 
1 8   PRO n 
1 9   LYS n 
1 10  LEU n 
1 11  SER n 
1 12  MET n 
1 13  ALA n 
1 14  ASP n 
1 15  LYS n 
1 16  ALA n 
1 17  ALA n 
1 18  ARG n 
1 19  ILE n 
1 20  ASP n 
1 21  ALA n 
1 22  ILE n 
1 23  CYS n 
1 24  GLU n 
1 25  LYS n 
1 26  ALA n 
1 27  ARG n 
1 28  ILE n 
1 29  LEU n 
1 30  PRO n 
1 31  VAL n 
1 32  ILE n 
1 33  THR n 
1 34  ILE n 
1 35  ALA n 
1 36  ARG n 
1 37  GLU n 
1 38  GLU n 
1 39  ASP n 
1 40  ILE n 
1 41  LEU n 
1 42  PRO n 
1 43  LEU n 
1 44  ALA n 
1 45  ASP n 
1 46  ALA n 
1 47  LEU n 
1 48  ALA n 
1 49  ALA n 
1 50  GLY n 
1 51  GLY n 
1 52  ILE n 
1 53  ARG n 
1 54  THR n 
1 55  LEU n 
1 56  GLU n 
1 57  VAL n 
1 58  THR n 
1 59  LEU n 
1 60  ARG n 
1 61  SER n 
1 62  GLN n 
1 63  HIS n 
1 64  GLY n 
1 65  LEU n 
1 66  LYS n 
1 67  ALA n 
1 68  ILE n 
1 69  GLN n 
1 70  VAL n 
1 71  LEU n 
1 72  ARG n 
1 73  GLU n 
1 74  GLN n 
1 75  ARG n 
1 76  PRO n 
1 77  GLU n 
1 78  LEU n 
1 79  CYS n 
1 80  VAL n 
1 81  GLY n 
1 82  ALA n 
1 83  GLY n 
1 84  THR n 
1 85  VAL n 
1 86  LEU n 
1 87  ASP n 
1 88  ARG n 
1 89  SER n 
1 90  MET n 
1 91  PHE n 
1 92  ALA n 
1 93  ALA n 
1 94  VAL n 
1 95  GLU n 
1 96  ALA n 
1 97  ALA n 
1 98  GLY n 
1 99  ALA n 
1 100 GLN n 
1 101 PHE n 
1 102 VAL n 
1 103 VAL n 
1 104 THR n 
1 105 PRO n 
1 106 GLY n 
1 107 ILE n 
1 108 THR n 
1 109 GLU n 
1 110 ASP n 
1 111 ILE n 
1 112 LEU n 
1 113 GLU n 
1 114 ALA n 
1 115 GLY n 
1 116 VAL n 
1 117 ASP n 
1 118 SER n 
1 119 GLU n 
1 120 ILE n 
1 121 PRO n 
1 122 LEU n 
1 123 LEU n 
1 124 PRO n 
1 125 GLY n 
1 126 ILE n 
1 127 SER n 
1 128 THR n 
1 129 PRO n 
1 130 SER n 
1 131 GLU n 
1 132 ILE n 
1 133 MET n 
1 134 MET n 
1 135 GLY n 
1 136 TYR n 
1 137 ALA n 
1 138 LEU n 
1 139 GLY n 
1 140 TYR n 
1 141 ARG n 
1 142 ARG n 
1 143 PHE n 
1 144 LYS n 
1 145 LEU n 
1 146 PHE n 
1 147 PRO n 
1 148 ALA n 
1 149 GLU n 
1 150 ILE n 
1 151 SER n 
1 152 GLY n 
1 153 GLY n 
1 154 VAL n 
1 155 ALA n 
1 156 ALA n 
1 157 ILE n 
1 158 LYS n 
1 159 ALA n 
1 160 PHE n 
1 161 GLY n 
1 162 GLY n 
1 163 PRO n 
1 164 PHE n 
1 165 GLY n 
1 166 ASP n 
1 167 ILE n 
1 168 ARG n 
1 169 PHE n 
1 170 CYS n 
1 171 PRO n 
1 172 THR n 
1 173 GLY n 
1 174 GLY n 
1 175 VAL n 
1 176 ASN n 
1 177 PRO n 
1 178 ALA n 
1 179 ASN n 
1 180 VAL n 
1 181 ARG n 
1 182 ASN n 
1 183 TYR n 
1 184 MET n 
1 185 ALA n 
1 186 LEU n 
1 187 PRO n 
1 188 ASN n 
1 189 VAL n 
1 190 MET n 
1 191 CYS n 
1 192 VAL n 
1 193 GLY n 
1 194 THR n 
1 195 THR n 
1 196 TRP n 
1 197 MET n 
1 198 LEU n 
1 199 ASP n 
1 200 SER n 
1 201 SER n 
1 202 TRP n 
1 203 ILE n 
1 204 LYS n 
1 205 ASN n 
1 206 GLY n 
1 207 ASP n 
1 208 TRP n 
1 209 ALA n 
1 210 ARG n 
1 211 ILE n 
1 212 GLU n 
1 213 ALA n 
1 214 CYS n 
1 215 SER n 
1 216 ALA n 
1 217 GLU n 
1 218 ALA n 
1 219 ILE n 
1 220 ALA n 
1 221 LEU n 
1 222 LEU n 
1 223 ASP n 
1 224 ALA n 
1 225 ASN n 
# 
_entity_src_nat.entity_id                  1 
_entity_src_nat.pdbx_src_id                1 
_entity_src_nat.pdbx_alt_source_flag       sample 
_entity_src_nat.pdbx_beg_seq_num           ? 
_entity_src_nat.pdbx_end_seq_num           ? 
_entity_src_nat.common_name                ? 
_entity_src_nat.pdbx_organism_scientific   'Pseudomonas putida' 
_entity_src_nat.pdbx_ncbi_taxonomy_id      303 
_entity_src_nat.genus                      Pseudomonas 
_entity_src_nat.species                    ? 
_entity_src_nat.strain                     ? 
_entity_src_nat.tissue                     ? 
_entity_src_nat.tissue_fraction            ? 
_entity_src_nat.pdbx_secretion             ? 
_entity_src_nat.pdbx_fragment              ? 
_entity_src_nat.pdbx_variant               ? 
_entity_src_nat.pdbx_cell_line             ? 
_entity_src_nat.pdbx_atcc                  ? 
_entity_src_nat.pdbx_cellular_location     ? 
_entity_src_nat.pdbx_organ                 ? 
_entity_src_nat.pdbx_organelle             ? 
_entity_src_nat.pdbx_cell                  ? 
_entity_src_nat.pdbx_plasmid_name          ? 
_entity_src_nat.pdbx_plasmid_details       ? 
_entity_src_nat.details                    ? 
# 
_struct_ref.id                         1 
_struct_ref.db_name                    UNP 
_struct_ref.db_code                    ALKD_PSEPU 
_struct_ref.entity_id                  1 
_struct_ref.pdbx_seq_one_letter_code   
;TTLERPQPKLSMADKAARIDAICEKARILPVITIAREEDILPLADALAAGGIRTLEVTLRSQHGLKAIQVLREQRPELCV
GAGTVLDRSMFAAVEAAGAQFVVTPGITEDILEAGVDSEIPLLPGISTPSEIMMGYALGYRRFKLFPAEISGGVAAIKAF
GGPFGDIRFCPTGGVNPANVRNYMALPNVMCVGTGWMLDSSWIKNGDWARIEACSAEAIALLDAN
;
_struct_ref.pdbx_align_begin           1 
_struct_ref.pdbx_db_accession          P00885 
_struct_ref.pdbx_db_isoform            ? 
# 
_struct_ref_seq.align_id                      1 
_struct_ref_seq.ref_id                        1 
_struct_ref_seq.pdbx_PDB_id_code              1MXS 
_struct_ref_seq.pdbx_strand_id                A 
_struct_ref_seq.seq_align_beg                 1 
_struct_ref_seq.pdbx_seq_align_beg_ins_code   ? 
_struct_ref_seq.seq_align_end                 225 
_struct_ref_seq.pdbx_seq_align_end_ins_code   ? 
_struct_ref_seq.pdbx_db_accession             P00885 
_struct_ref_seq.db_align_beg                  1 
_struct_ref_seq.pdbx_db_align_beg_ins_code    ? 
_struct_ref_seq.db_align_end                  225 
_struct_ref_seq.pdbx_db_align_end_ins_code    ? 
_struct_ref_seq.pdbx_auth_seq_align_beg       2 
_struct_ref_seq.pdbx_auth_seq_align_end       226 
# 
_struct_ref_seq_dif.align_id                     1 
_struct_ref_seq_dif.pdbx_pdb_id_code             1MXS 
_struct_ref_seq_dif.mon_id                       THR 
_struct_ref_seq_dif.pdbx_pdb_strand_id           A 
_struct_ref_seq_dif.seq_num                      195 
_struct_ref_seq_dif.pdbx_pdb_ins_code            ? 
_struct_ref_seq_dif.pdbx_seq_db_name             UNP 
_struct_ref_seq_dif.pdbx_seq_db_accession_code   P00885 
_struct_ref_seq_dif.db_mon_id                    GLY 
_struct_ref_seq_dif.pdbx_seq_db_seq_num          195 
_struct_ref_seq_dif.details                      'SEE REMARK 999' 
_struct_ref_seq_dif.pdbx_auth_seq_num            196 
_struct_ref_seq_dif.pdbx_ordinal                 1 
# 
loop_
_chem_comp.id 
_chem_comp.type 
_chem_comp.mon_nstd_flag 
_chem_comp.name 
_chem_comp.pdbx_synonyms 
_chem_comp.formula 
_chem_comp.formula_weight 
ALA 'L-peptide linking' y ALANINE         ? 'C3 H7 N O2'     89.093  
ARG 'L-peptide linking' y ARGININE        ? 'C6 H15 N4 O2 1' 175.209 
ASN 'L-peptide linking' y ASPARAGINE      ? 'C4 H8 N2 O3'    132.118 
ASP 'L-peptide linking' y 'ASPARTIC ACID' ? 'C4 H7 N O4'     133.103 
CYS 'L-peptide linking' y CYSTEINE        ? 'C3 H7 N O2 S'   121.158 
GLN 'L-peptide linking' y GLUTAMINE       ? 'C5 H10 N2 O3'   146.144 
GLU 'L-peptide linking' y 'GLUTAMIC ACID' ? 'C5 H9 N O4'     147.129 
GLY 'peptide linking'   y GLYCINE         ? 'C2 H5 N O2'     75.067  
HIS 'L-peptide linking' y HISTIDINE       ? 'C6 H10 N3 O2 1' 156.162 
HOH non-polymer         . WATER           ? 'H2 O'           18.015  
ILE 'L-peptide linking' y ISOLEUCINE      ? 'C6 H13 N O2'    131.173 
LEU 'L-peptide linking' y LEUCINE         ? 'C6 H13 N O2'    131.173 
LYS 'L-peptide linking' y LYSINE          ? 'C6 H15 N2 O2 1' 147.195 
MET 'L-peptide linking' y METHIONINE      ? 'C5 H11 N O2 S'  149.211 
PHE 'L-peptide linking' y PHENYLALANINE   ? 'C9 H11 N O2'    165.189 
PRO 'L-peptide linking' y PROLINE         ? 'C5 H9 N O2'     115.130 
SER 'L-peptide linking' y SERINE          ? 'C3 H7 N O3'     105.093 
SO4 non-polymer         . 'SULFATE ION'   ? 'O4 S -2'        96.063  
THR 'L-peptide linking' y THREONINE       ? 'C4 H9 N O3'     119.119 
TRP 'L-peptide linking' y TRYPTOPHAN      ? 'C11 H12 N2 O2'  204.225 
TYR 'L-peptide linking' y TYROSINE        ? 'C9 H11 N O3'    181.189 
VAL 'L-peptide linking' y VALINE          ? 'C5 H11 N O2'    117.146 
# 
_exptl.entry_id          1MXS 
_exptl.method            'X-RAY DIFFRACTION' 
_exptl.crystals_number   1 
# 
_exptl_crystal.id                    1 
_exptl_crystal.density_meas          ? 
_exptl_crystal.density_percent_sol   67.84 
_exptl_crystal.density_Matthews      3.82 
_exptl_crystal.description           ? 
# 
_exptl_crystal_grow.crystal_id      1 
_exptl_crystal_grow.method          MICRODIALYSIS 
_exptl_crystal_grow.temp            296 
_exptl_crystal_grow.temp_details    ? 
_exptl_crystal_grow.pH              3.5 
_exptl_crystal_grow.pdbx_details    'ammonium sulfate, KH2PO4, pH 3.5, MICRODIALYSIS, temperature 296K' 
_exptl_crystal_grow.pdbx_pH_range   . 
# 
_diffrn.id                     1 
_diffrn.ambient_temp           296 
_diffrn.ambient_temp_details   ? 
_diffrn.crystal_id             1 
# 
_diffrn_detector.diffrn_id              1 
_diffrn_detector.detector               'IMAGE PLATE' 
_diffrn_detector.type                   'RIGAKU RAXIS II' 
_diffrn_detector.pdbx_collection_date   ? 
_diffrn_detector.details                'Yale/MSC mirrors' 
# 
_diffrn_radiation.diffrn_id                        1 
_diffrn_radiation.wavelength_id                    1 
_diffrn_radiation.pdbx_monochromatic_or_laue_m_l   M 
_diffrn_radiation.monochromator                    GRAPHITE 
_diffrn_radiation.pdbx_diffrn_protocol             'SINGLE WAVELENGTH' 
_diffrn_radiation.pdbx_scattering_type             x-ray 
# 
_diffrn_radiation_wavelength.id           1 
_diffrn_radiation_wavelength.wavelength   1.54 
_diffrn_radiation_wavelength.wt           1.0 
# 
_diffrn_source.diffrn_id                   1 
_diffrn_source.source                      'ROTATING ANODE' 
_diffrn_source.type                        'RIGAKU RU200' 
_diffrn_source.pdbx_synchrotron_site       ? 
_diffrn_source.pdbx_synchrotron_beamline   ? 
_diffrn_source.pdbx_wavelength             ? 
_diffrn_source.pdbx_wavelength_list        1.54 
# 
_reflns.entry_id                     1MXS 
_reflns.observed_criterion_sigma_I   ? 
_reflns.observed_criterion_sigma_F   ? 
_reflns.d_resolution_low             9.98 
_reflns.d_resolution_high            2.2 
_reflns.number_obs                   9901 
_reflns.number_all                   ? 
_reflns.percent_possible_obs         ? 
_reflns.pdbx_Rmerge_I_obs            ? 
_reflns.pdbx_Rsym_value              0.046 
_reflns.pdbx_netI_over_sigmaI        ? 
_reflns.B_iso_Wilson_estimate        12.6 
_reflns.pdbx_redundancy              ? 
_reflns.R_free_details               ? 
_reflns.limit_h_max                  ? 
_reflns.limit_h_min                  ? 
_reflns.limit_k_max                  ? 
_reflns.limit_k_min                  ? 
_reflns.limit_l_max                  ? 
_reflns.limit_l_min                  ? 
_reflns.observed_criterion_F_max     ? 
_reflns.observed_criterion_F_min     ? 
_reflns.pdbx_ordinal                 1 
_reflns.pdbx_diffrn_id               1 
# 
_reflns_shell.d_res_high             2.2 
_reflns_shell.d_res_low              50 
_reflns_shell.percent_possible_all   ? 
_reflns_shell.Rmerge_I_obs           ? 
_reflns_shell.pdbx_Rsym_value        0.046 
_reflns_shell.meanI_over_sigI_obs    ? 
_reflns_shell.pdbx_redundancy        ? 
_reflns_shell.percent_possible_obs   ? 
_reflns_shell.number_unique_all      9901 
_reflns_shell.pdbx_ordinal           1 
_reflns_shell.pdbx_diffrn_id         1 
# 
_refine.entry_id                                 1MXS 
_refine.ls_number_reflns_obs                     9901 
_refine.ls_number_reflns_all                     ? 
_refine.pdbx_ls_sigma_I                          ? 
_refine.pdbx_ls_sigma_F                          3.0 
_refine.pdbx_data_cutoff_high_absF               ? 
_refine.pdbx_data_cutoff_low_absF                ? 
_refine.ls_d_res_low                             9.98 
_refine.ls_d_res_high                            2.20 
_refine.ls_percent_reflns_obs                    52.9 
_refine.ls_R_factor_obs                          0.171 
_refine.ls_R_factor_all                          ? 
_refine.ls_R_factor_R_work                       0.171 
_refine.ls_R_factor_R_free                       0.214 
_refine.ls_R_factor_R_free_error                 0.009 
_refine.ls_R_factor_R_free_error_details         ? 
_refine.ls_percent_reflns_R_free                 5.3 
_refine.ls_number_reflns_R_free                  525 
_refine.ls_number_parameters                     ? 
_refine.ls_number_restraints                     ? 
_refine.occupancy_min                            ? 
_refine.occupancy_max                            ? 
_refine.correlation_coeff_Fo_to_Fc               ? 
_refine.correlation_coeff_Fo_to_Fc_free          ? 
_refine.B_iso_mean                               34.9 
_refine.aniso_B[1][1]                            0.00 
_refine.aniso_B[2][2]                            0.00 
_refine.aniso_B[3][3]                            0.00 
_refine.aniso_B[1][2]                            0.00 
_refine.aniso_B[1][3]                            0.00 
_refine.aniso_B[2][3]                            0.00 
_refine.solvent_model_details                    'FLAT MODEL' 
_refine.solvent_model_param_ksol                 0.341747 
_refine.solvent_model_param_bsol                 30.9183 
_refine.pdbx_solvent_vdw_probe_radii             ? 
_refine.pdbx_solvent_ion_probe_radii             ? 
_refine.pdbx_solvent_shrinkage_radii             ? 
_refine.pdbx_ls_cross_valid_method               THROUGHOUT 
_refine.details                                  ? 
_refine.pdbx_starting_model                      1EUN 
_refine.pdbx_method_to_determine_struct          'MOLECULAR REPLACEMENT' 
_refine.pdbx_isotropic_thermal_model             RESTRAINED 
_refine.pdbx_stereochemistry_target_values       'Engh & Huber' 
_refine.pdbx_stereochem_target_val_spec_case     ? 
_refine.pdbx_R_Free_selection_details            RANDOM 
_refine.pdbx_overall_ESU_R_Free                  ? 
_refine.overall_SU_B                             ? 
_refine.ls_redundancy_reflns_obs                 ? 
_refine.B_iso_min                                ? 
_refine.B_iso_max                                ? 
_refine.overall_SU_R_Cruickshank_DPI             ? 
_refine.overall_SU_R_free                        ? 
_refine.overall_SU_ML                            ? 
_refine.pdbx_overall_ESU_R                       ? 
_refine.pdbx_data_cutoff_high_rms_absF           ? 
_refine.pdbx_refine_id                           'X-RAY DIFFRACTION' 
_refine.pdbx_diffrn_id                           1 
_refine.pdbx_TLS_residual_ADP_flag               ? 
_refine.pdbx_overall_phase_error                 ? 
_refine.pdbx_overall_SU_R_free_Cruickshank_DPI   ? 
_refine.pdbx_overall_SU_R_Blow_DPI               ? 
_refine.pdbx_overall_SU_R_free_Blow_DPI          ? 
# 
_refine_analyze.entry_id                        1MXS 
_refine_analyze.Luzzati_coordinate_error_obs    0.25 
_refine_analyze.Luzzati_sigma_a_obs             0.41 
_refine_analyze.Luzzati_d_res_low_obs           5.00 
_refine_analyze.Luzzati_coordinate_error_free   0.32 
_refine_analyze.Luzzati_sigma_a_free            0.62 
_refine_analyze.Luzzati_d_res_low_free          ? 
_refine_analyze.number_disordered_residues      ? 
_refine_analyze.occupancy_sum_hydrogen          ? 
_refine_analyze.occupancy_sum_non_hydrogen      ? 
_refine_analyze.pdbx_Luzzati_d_res_high_obs     ? 
_refine_analyze.pdbx_refine_id                  'X-RAY DIFFRACTION' 
# 
_refine_hist.pdbx_refine_id                   'X-RAY DIFFRACTION' 
_refine_hist.cycle_id                         LAST 
_refine_hist.pdbx_number_atoms_protein        1603 
_refine_hist.pdbx_number_atoms_nucleic_acid   0 
_refine_hist.pdbx_number_atoms_ligand         10 
_refine_hist.number_atoms_solvent             56 
_refine_hist.number_atoms_total               1669 
_refine_hist.d_res_high                       2.20 
_refine_hist.d_res_low                        9.98 
# 
loop_
_refine_ls_restr.type 
_refine_ls_restr.dev_ideal 
_refine_ls_restr.dev_ideal_target 
_refine_ls_restr.weight 
_refine_ls_restr.number 
_refine_ls_restr.pdbx_refine_id 
_refine_ls_restr.pdbx_restraint_function 
c_bond_d           0.006 ? ? ? 'X-RAY DIFFRACTION' ? 
c_angle_deg        1.2   ? ? ? 'X-RAY DIFFRACTION' ? 
c_dihedral_angle_d 22.4  ? ? ? 'X-RAY DIFFRACTION' ? 
c_improper_angle_d 0.89  ? ? ? 'X-RAY DIFFRACTION' ? 
# 
_refine_ls_shell.pdbx_total_number_of_bins_used   6 
_refine_ls_shell.d_res_high                       2.20 
_refine_ls_shell.d_res_low                        50 
_refine_ls_shell.number_reflns_R_work             488 
_refine_ls_shell.R_factor_R_work                  0.3 
_refine_ls_shell.percent_reflns_obs               16.8 
_refine_ls_shell.R_factor_R_free                  0.329 
_refine_ls_shell.R_factor_R_free_error            0.059 
_refine_ls_shell.percent_reflns_R_free            6.0 
_refine_ls_shell.number_reflns_R_free             31 
_refine_ls_shell.number_reflns_obs                ? 
_refine_ls_shell.redundancy_reflns_obs            ? 
_refine_ls_shell.number_reflns_all                ? 
_refine_ls_shell.pdbx_refine_id                   'X-RAY DIFFRACTION' 
_refine_ls_shell.R_factor_all                     ? 
# 
loop_
_pdbx_xplor_file.serial_no 
_pdbx_xplor_file.param_file 
_pdbx_xplor_file.topol_file 
_pdbx_xplor_file.pdbx_refine_id 
1 PROTEIN_REP.PARAM PROTEIN.TOP 'X-RAY DIFFRACTION' 
2 ION.PARAM         ION.TOP     'X-RAY DIFFRACTION' 
3 WATER_REP.PARAM   WATER.TOP   'X-RAY DIFFRACTION' 
# 
_struct.entry_id                  1MXS 
_struct.title                     'Crystal structure of 2-keto-3-deoxy-6-phosphogluconate (KDPG) aldolase from Pseudomonas putida.' 
_struct.pdbx_model_details        ? 
_struct.pdbx_CASP_flag            ? 
_struct.pdbx_model_type_details   ? 
# 
_struct_keywords.entry_id        1MXS 
_struct_keywords.pdbx_keywords   LYASE 
_struct_keywords.text            '2-KETO-3-DEOXY-6-PHOSPHOGLUCONATE ALDOLASE, SULFATE, BETA-BARREL, LYASE' 
# 
loop_
_struct_asym.id 
_struct_asym.pdbx_blank_PDB_chainid_flag 
_struct_asym.pdbx_modified 
_struct_asym.entity_id 
_struct_asym.details 
A N N 1 ? 
B N N 2 ? 
C N N 2 ? 
D N N 3 ? 
# 
_struct_biol.id                    1 
_struct_biol.pdbx_parent_biol_id   ? 
_struct_biol.details               ? 
# 
loop_
_struct_conf.conf_type_id 
_struct_conf.id 
_struct_conf.pdbx_PDB_helix_id 
_struct_conf.beg_label_comp_id 
_struct_conf.beg_label_asym_id 
_struct_conf.beg_label_seq_id 
_struct_conf.pdbx_beg_PDB_ins_code 
_struct_conf.end_label_comp_id 
_struct_conf.end_label_asym_id 
_struct_conf.end_label_seq_id 
_struct_conf.pdbx_end_PDB_ins_code 
_struct_conf.beg_auth_comp_id 
_struct_conf.beg_auth_asym_id 
_struct_conf.beg_auth_seq_id 
_struct_conf.end_auth_comp_id 
_struct_conf.end_auth_asym_id 
_struct_conf.end_auth_seq_id 
_struct_conf.pdbx_PDB_helix_class 
_struct_conf.details 
_struct_conf.pdbx_PDB_helix_length 
HELX_P HELX_P1  1  SER A 11  ? ARG A 27  ? SER A 12  ARG A 28  1 ? 17 
HELX_P HELX_P2  2  ARG A 36  ? GLU A 38  ? ARG A 37  GLU A 39  5 ? 3  
HELX_P HELX_P3  3  ASP A 39  ? GLY A 50  ? ASP A 40  GLY A 51  1 ? 12 
HELX_P HELX_P4  4  HIS A 63  ? ARG A 75  ? HIS A 64  ARG A 76  1 ? 13 
HELX_P HELX_P5  5  ASP A 87  ? GLY A 98  ? ASP A 88  GLY A 99  1 ? 12 
HELX_P HELX_P6  6  THR A 108 ? SER A 118 ? THR A 109 SER A 119 1 ? 11 
HELX_P HELX_P7  7  THR A 128 ? ALA A 137 ? THR A 129 ALA A 138 1 ? 10 
HELX_P HELX_P8  8  PRO A 147 ? GLY A 152 ? PRO A 148 GLY A 153 1 ? 6  
HELX_P HELX_P9  9  GLY A 152 ? GLY A 162 ? GLY A 153 GLY A 163 1 ? 11 
HELX_P HELX_P10 10 ASN A 179 ? LEU A 186 ? ASN A 180 LEU A 187 1 ? 8  
HELX_P HELX_P11 11 ASP A 199 ? ASN A 205 ? ASP A 200 ASN A 206 1 ? 7  
HELX_P HELX_P12 12 ASP A 207 ? LEU A 221 ? ASP A 208 LEU A 222 1 ? 15 
# 
_struct_conf_type.id          HELX_P 
_struct_conf_type.criteria    ? 
_struct_conf_type.reference   ? 
# 
_struct_mon_prot_cis.pdbx_id                1 
_struct_mon_prot_cis.label_comp_id          PHE 
_struct_mon_prot_cis.label_seq_id           146 
_struct_mon_prot_cis.label_asym_id          A 
_struct_mon_prot_cis.label_alt_id           . 
_struct_mon_prot_cis.pdbx_PDB_ins_code      ? 
_struct_mon_prot_cis.auth_comp_id           PHE 
_struct_mon_prot_cis.auth_seq_id            147 
_struct_mon_prot_cis.auth_asym_id           A 
_struct_mon_prot_cis.pdbx_label_comp_id_2   PRO 
_struct_mon_prot_cis.pdbx_label_seq_id_2    147 
_struct_mon_prot_cis.pdbx_label_asym_id_2   A 
_struct_mon_prot_cis.pdbx_PDB_ins_code_2    ? 
_struct_mon_prot_cis.pdbx_auth_comp_id_2    PRO 
_struct_mon_prot_cis.pdbx_auth_seq_id_2     148 
_struct_mon_prot_cis.pdbx_auth_asym_id_2    A 
_struct_mon_prot_cis.pdbx_PDB_model_num     1 
_struct_mon_prot_cis.pdbx_omega_angle       -0.20 
# 
loop_
_struct_sheet.id 
_struct_sheet.type 
_struct_sheet.number_strands 
_struct_sheet.details 
A ? 4 ? 
B ? 2 ? 
C ? 3 ? 
# 
loop_
_struct_sheet_order.sheet_id 
_struct_sheet_order.range_id_1 
_struct_sheet_order.range_id_2 
_struct_sheet_order.offset 
_struct_sheet_order.sense 
A 1 2 ? parallel 
A 2 3 ? parallel 
A 3 4 ? parallel 
B 1 2 ? parallel 
C 1 2 ? parallel 
C 2 3 ? parallel 
# 
loop_
_struct_sheet_range.sheet_id 
_struct_sheet_range.id 
_struct_sheet_range.beg_label_comp_id 
_struct_sheet_range.beg_label_asym_id 
_struct_sheet_range.beg_label_seq_id 
_struct_sheet_range.pdbx_beg_PDB_ins_code 
_struct_sheet_range.end_label_comp_id 
_struct_sheet_range.end_label_asym_id 
_struct_sheet_range.end_label_seq_id 
_struct_sheet_range.pdbx_end_PDB_ins_code 
_struct_sheet_range.beg_auth_comp_id 
_struct_sheet_range.beg_auth_asym_id 
_struct_sheet_range.beg_auth_seq_id 
_struct_sheet_range.end_auth_comp_id 
_struct_sheet_range.end_auth_asym_id 
_struct_sheet_range.end_auth_seq_id 
A 1 CYS A 79  ? GLY A 83  ? CYS A 80  GLY A 84  
A 2 THR A 54  ? THR A 58  ? THR A 55  THR A 59  
A 3 ILE A 28  ? ILE A 32  ? ILE A 29  ILE A 33  
A 4 VAL A 192 ? THR A 194 ? VAL A 193 THR A 195 
B 1 VAL A 102 ? VAL A 103 ? VAL A 103 VAL A 104 
B 2 LEU A 122 ? LEU A 123 ? LEU A 123 LEU A 124 
C 1 GLY A 125 ? ILE A 126 ? GLY A 126 ILE A 127 
C 2 ARG A 142 ? LEU A 145 ? ARG A 143 LEU A 146 
C 3 ARG A 168 ? PRO A 171 ? ARG A 169 PRO A 172 
# 
loop_
_pdbx_struct_sheet_hbond.sheet_id 
_pdbx_struct_sheet_hbond.range_id_1 
_pdbx_struct_sheet_hbond.range_id_2 
_pdbx_struct_sheet_hbond.range_1_label_atom_id 
_pdbx_struct_sheet_hbond.range_1_label_comp_id 
_pdbx_struct_sheet_hbond.range_1_label_asym_id 
_pdbx_struct_sheet_hbond.range_1_label_seq_id 
_pdbx_struct_sheet_hbond.range_1_PDB_ins_code 
_pdbx_struct_sheet_hbond.range_1_auth_atom_id 
_pdbx_struct_sheet_hbond.range_1_auth_comp_id 
_pdbx_struct_sheet_hbond.range_1_auth_asym_id 
_pdbx_struct_sheet_hbond.range_1_auth_seq_id 
_pdbx_struct_sheet_hbond.range_2_label_atom_id 
_pdbx_struct_sheet_hbond.range_2_label_comp_id 
_pdbx_struct_sheet_hbond.range_2_label_asym_id 
_pdbx_struct_sheet_hbond.range_2_label_seq_id 
_pdbx_struct_sheet_hbond.range_2_PDB_ins_code 
_pdbx_struct_sheet_hbond.range_2_auth_atom_id 
_pdbx_struct_sheet_hbond.range_2_auth_comp_id 
_pdbx_struct_sheet_hbond.range_2_auth_asym_id 
_pdbx_struct_sheet_hbond.range_2_auth_seq_id 
A 1 2 O GLY A 81  ? O GLY A 82  N VAL A 57  ? N VAL A 58  
A 2 3 O THR A 58  ? O THR A 59  N ILE A 32  ? N ILE A 33  
A 3 4 N LEU A 29  ? N LEU A 30  O VAL A 192 ? O VAL A 193 
B 1 2 N VAL A 102 ? N VAL A 103 O LEU A 123 ? O LEU A 124 
C 1 2 N ILE A 126 ? N ILE A 127 O LYS A 144 ? O LYS A 145 
C 2 3 N PHE A 143 ? N PHE A 144 O ARG A 168 ? O ARG A 169 
# 
loop_
_struct_site.id 
_struct_site.pdbx_evidence_code 
_struct_site.pdbx_auth_asym_id 
_struct_site.pdbx_auth_comp_id 
_struct_site.pdbx_auth_seq_id 
_struct_site.pdbx_auth_ins_code 
_struct_site.pdbx_num_residues 
_struct_site.details 
AC1 Software A SO4 299 ? 5 'BINDING SITE FOR RESIDUE SO4 A 299' 
AC2 Software A SO4 300 ? 8 'BINDING SITE FOR RESIDUE SO4 A 300' 
# 
loop_
_struct_site_gen.id 
_struct_site_gen.site_id 
_struct_site_gen.pdbx_num_res 
_struct_site_gen.label_comp_id 
_struct_site_gen.label_asym_id 
_struct_site_gen.label_seq_id 
_struct_site_gen.pdbx_auth_ins_code 
_struct_site_gen.auth_comp_id 
_struct_site_gen.auth_asym_id 
_struct_site_gen.auth_seq_id 
_struct_site_gen.label_atom_id 
_struct_site_gen.label_alt_id 
_struct_site_gen.symmetry 
_struct_site_gen.details 
1  AC1 5 GLY A 173 ? GLY A 174 . ? 1_555 ? 
2  AC1 5 GLY A 174 ? GLY A 175 . ? 1_555 ? 
3  AC1 5 THR A 194 ? THR A 195 . ? 1_555 ? 
4  AC1 5 THR A 195 ? THR A 196 . ? 1_555 ? 
5  AC1 5 HOH D .   ? HOH A 305 . ? 1_555 ? 
6  AC2 8 GLU A 56  ? GLU A 57  . ? 1_555 ? 
7  AC2 8 ARG A 60  ? ARG A 61  . ? 1_555 ? 
8  AC2 8 GLY A 83  ? GLY A 84  . ? 1_555 ? 
9  AC2 8 THR A 84  ? THR A 85  . ? 1_555 ? 
10 AC2 8 VAL A 103 ? VAL A 104 . ? 1_555 ? 
11 AC2 8 THR A 104 ? THR A 105 . ? 1_555 ? 
12 AC2 8 PRO A 105 ? PRO A 106 . ? 1_555 ? 
13 AC2 8 LYS A 144 ? LYS A 145 . ? 1_555 ? 
# 
_atom_sites.entry_id                    1MXS 
_atom_sites.fract_transf_matrix[1][1]   -0.00686462 
_atom_sites.fract_transf_matrix[1][2]   0.00596356 
_atom_sites.fract_transf_matrix[1][3]   -0.00332186 
_atom_sites.fract_transf_matrix[2][1]   0.00633608 
_atom_sites.fract_transf_matrix[2][2]   0.00381323 
_atom_sites.fract_transf_matrix[2][3]   -0.00624780 
_atom_sites.fract_transf_matrix[3][1]   -0.00254024 
_atom_sites.fract_transf_matrix[3][2]   -0.00660432 
_atom_sites.fract_transf_matrix[3][3]   -0.00660696 
_atom_sites.fract_transf_vector[1]      0.694641 
_atom_sites.fract_transf_vector[2]      0.886632 
_atom_sites.fract_transf_vector[3]      0.385001 
# 
loop_
_atom_type.symbol 
C 
N 
O 
S 
# 
loop_
_atom_site.group_PDB 
_atom_site.id 
_atom_site.type_symbol 
_atom_site.label_atom_id 
_atom_site.label_alt_id 
_atom_site.label_comp_id 
_atom_site.label_asym_id 
_atom_site.label_entity_id 
_atom_site.label_seq_id 
_atom_site.pdbx_PDB_ins_code 
_atom_site.Cartn_x 
_atom_site.Cartn_y 
_atom_site.Cartn_z 
_atom_site.occupancy 
_atom_site.B_iso_or_equiv 
_atom_site.pdbx_formal_charge 
_atom_site.auth_seq_id 
_atom_site.auth_comp_id 
_atom_site.auth_asym_id 
_atom_site.auth_atom_id 
_atom_site.pdbx_PDB_model_num 
ATOM   1    N N   . LEU A 1 10  ? -13.566 -13.955 -1.969  1.00 54.42 ? 11  LEU A N   1 
ATOM   2    C CA  . LEU A 1 10  ? -15.012 -13.997 -1.583  1.00 54.34 ? 11  LEU A CA  1 
ATOM   3    C C   . LEU A 1 10  ? -15.179 -14.015 -0.054  1.00 53.12 ? 11  LEU A C   1 
ATOM   4    O O   . LEU A 1 10  ? -15.910 -13.191 0.500   1.00 54.13 ? 11  LEU A O   1 
ATOM   5    C CB  . LEU A 1 10  ? -15.678 -15.234 -2.209  1.00 55.32 ? 11  LEU A CB  1 
ATOM   6    C CG  . LEU A 1 10  ? -17.209 -15.375 -2.166  1.00 55.91 ? 11  LEU A CG  1 
ATOM   7    C CD1 . LEU A 1 10  ? -17.860 -14.403 -3.144  1.00 55.01 ? 11  LEU A CD1 1 
ATOM   8    C CD2 . LEU A 1 10  ? -17.593 -16.807 -2.525  1.00 55.97 ? 11  LEU A CD2 1 
ATOM   9    N N   . SER A 1 11  ? -14.492 -14.942 0.618   1.00 50.71 ? 12  SER A N   1 
ATOM   10   C CA  . SER A 1 11  ? -14.557 -15.075 2.078   1.00 48.34 ? 12  SER A CA  1 
ATOM   11   C C   . SER A 1 11  ? -13.642 -14.074 2.791   1.00 47.11 ? 12  SER A C   1 
ATOM   12   O O   . SER A 1 11  ? -12.564 -13.764 2.295   1.00 47.07 ? 12  SER A O   1 
ATOM   13   C CB  . SER A 1 11  ? -14.150 -16.494 2.486   1.00 48.77 ? 12  SER A CB  1 
ATOM   14   O OG  . SER A 1 11  ? -13.856 -16.562 3.875   1.00 49.02 ? 12  SER A OG  1 
ATOM   15   N N   . MET A 1 12  ? -14.054 -13.573 3.952   1.00 44.88 ? 13  MET A N   1 
ATOM   16   C CA  . MET A 1 12  ? -13.200 -12.624 4.656   1.00 44.11 ? 13  MET A CA  1 
ATOM   17   C C   . MET A 1 12  ? -11.824 -13.210 4.940   1.00 43.61 ? 13  MET A C   1 
ATOM   18   O O   . MET A 1 12  ? -10.798 -12.553 4.727   1.00 42.73 ? 13  MET A O   1 
ATOM   19   C CB  . MET A 1 12  ? -13.843 -12.150 5.966   1.00 43.18 ? 13  MET A CB  1 
ATOM   20   C CG  . MET A 1 12  ? -14.891 -11.064 5.773   1.00 42.25 ? 13  MET A CG  1 
ATOM   21   S SD  . MET A 1 12  ? -14.286 -9.702  4.729   1.00 41.34 ? 13  MET A SD  1 
ATOM   22   C CE  . MET A 1 12  ? -13.391 -8.715  5.925   1.00 43.12 ? 13  MET A CE  1 
ATOM   23   N N   . ALA A 1 13  ? -11.800 -14.445 5.423   1.00 43.53 ? 14  ALA A N   1 
ATOM   24   C CA  . ALA A 1 13  ? -10.540 -15.112 5.727   1.00 41.91 ? 14  ALA A CA  1 
ATOM   25   C C   . ALA A 1 13  ? -9.710  -15.264 4.456   1.00 40.86 ? 14  ALA A C   1 
ATOM   26   O O   . ALA A 1 13  ? -8.488  -15.329 4.520   1.00 41.00 ? 14  ALA A O   1 
ATOM   27   C CB  . ALA A 1 13  ? -10.809 -16.478 6.347   1.00 41.33 ? 14  ALA A CB  1 
ATOM   28   N N   . ASP A 1 14  ? -10.368 -15.307 3.300   1.00 39.76 ? 15  ASP A N   1 
ATOM   29   C CA  . ASP A 1 14  ? -9.638  -15.440 2.046   1.00 40.68 ? 15  ASP A CA  1 
ATOM   30   C C   . ASP A 1 14  ? -8.952  -14.139 1.670   1.00 39.98 ? 15  ASP A C   1 
ATOM   31   O O   . ASP A 1 14  ? -7.805  -14.139 1.223   1.00 40.56 ? 15  ASP A O   1 
ATOM   32   C CB  . ASP A 1 14  ? -10.556 -15.857 0.897   1.00 44.09 ? 15  ASP A CB  1 
ATOM   33   C CG  . ASP A 1 14  ? -11.049 -17.276 1.030   1.00 46.50 ? 15  ASP A CG  1 
ATOM   34   O OD1 . ASP A 1 14  ? -10.309 -18.121 1.584   1.00 47.91 ? 15  ASP A OD1 1 
ATOM   35   O OD2 . ASP A 1 14  ? -12.173 -17.555 0.556   1.00 48.09 ? 15  ASP A OD2 1 
ATOM   36   N N   . LYS A 1 15  ? -9.662  -13.030 1.833   1.00 38.66 ? 16  LYS A N   1 
ATOM   37   C CA  . LYS A 1 15  ? -9.105  -11.726 1.509   1.00 36.99 ? 16  LYS A CA  1 
ATOM   38   C C   . LYS A 1 15  ? -7.941  -11.430 2.436   1.00 36.24 ? 16  LYS A C   1 
ATOM   39   O O   . LYS A 1 15  ? -6.960  -10.821 2.029   1.00 36.33 ? 16  LYS A O   1 
ATOM   40   C CB  . LYS A 1 15  ? -10.182 -10.652 1.647   1.00 35.74 ? 16  LYS A CB  1 
ATOM   41   C CG  . LYS A 1 15  ? -11.342 -10.834 0.692   1.00 33.90 ? 16  LYS A CG  1 
ATOM   42   C CD  . LYS A 1 15  ? -12.489 -9.889  1.023   1.00 34.18 ? 16  LYS A CD  1 
ATOM   43   C CE  . LYS A 1 15  ? -13.578 -9.977  -0.026  1.00 35.08 ? 16  LYS A CE  1 
ATOM   44   N NZ  . LYS A 1 15  ? -14.773 -9.168  0.313   1.00 34.82 ? 16  LYS A NZ  1 
ATOM   45   N N   . ALA A 1 16  ? -8.054  -11.869 3.684   1.00 35.77 ? 17  ALA A N   1 
ATOM   46   C CA  . ALA A 1 16  ? -6.988  -11.657 4.655   1.00 36.02 ? 17  ALA A CA  1 
ATOM   47   C C   . ALA A 1 16  ? -5.723  -12.328 4.130   1.00 36.64 ? 17  ALA A C   1 
ATOM   48   O O   . ALA A 1 16  ? -4.642  -11.746 4.162   1.00 37.92 ? 17  ALA A O   1 
ATOM   49   C CB  . ALA A 1 16  ? -7.375  -12.252 6.002   1.00 34.69 ? 17  ALA A CB  1 
ATOM   50   N N   . ALA A 1 17  ? -5.870  -13.554 3.635   1.00 36.73 ? 18  ALA A N   1 
ATOM   51   C CA  . ALA A 1 17  ? -4.749  -14.316 3.094   1.00 36.42 ? 18  ALA A CA  1 
ATOM   52   C C   . ALA A 1 17  ? -4.223  -13.709 1.794   1.00 37.63 ? 18  ALA A C   1 
ATOM   53   O O   . ALA A 1 17  ? -3.014  -13.600 1.596   1.00 37.99 ? 18  ALA A O   1 
ATOM   54   C CB  . ALA A 1 17  ? -5.173  -15.755 2.856   1.00 33.35 ? 18  ALA A CB  1 
ATOM   55   N N   . ARG A 1 18  ? -5.139  -13.320 0.914   1.00 39.29 ? 19  ARG A N   1 
ATOM   56   C CA  . ARG A 1 18  ? -4.785  -12.731 -0.371  1.00 41.06 ? 19  ARG A CA  1 
ATOM   57   C C   . ARG A 1 18  ? -3.982  -11.450 -0.173  1.00 40.26 ? 19  ARG A C   1 
ATOM   58   O O   . ARG A 1 18  ? -2.895  -11.298 -0.730  1.00 40.34 ? 19  ARG A O   1 
ATOM   59   C CB  . ARG A 1 18  ? -6.061  -12.435 -1.163  1.00 44.38 ? 19  ARG A CB  1 
ATOM   60   C CG  . ARG A 1 18  ? -5.887  -12.319 -2.671  1.00 50.45 ? 19  ARG A CG  1 
ATOM   61   C CD  . ARG A 1 18  ? -7.219  -11.912 -3.306  1.00 57.83 ? 19  ARG A CD  1 
ATOM   62   N NE  . ARG A 1 18  ? -7.240  -12.066 -4.762  1.00 62.80 ? 19  ARG A NE  1 
ATOM   63   C CZ  . ARG A 1 18  ? -8.203  -11.587 -5.550  1.00 64.89 ? 19  ARG A CZ  1 
ATOM   64   N NH1 . ARG A 1 18  ? -9.226  -10.916 -5.024  1.00 64.47 ? 19  ARG A NH1 1 
ATOM   65   N NH2 . ARG A 1 18  ? -8.148  -11.782 -6.864  1.00 66.09 ? 19  ARG A NH2 1 
ATOM   66   N N   . ILE A 1 19  ? -4.519  -10.536 0.632   1.00 39.46 ? 20  ILE A N   1 
ATOM   67   C CA  . ILE A 1 19  ? -3.854  -9.265  0.901   1.00 38.37 ? 20  ILE A CA  1 
ATOM   68   C C   . ILE A 1 19  ? -2.523  -9.519  1.601   1.00 37.60 ? 20  ILE A C   1 
ATOM   69   O O   . ILE A 1 19  ? -1.585  -8.738  1.470   1.00 38.28 ? 20  ILE A O   1 
ATOM   70   C CB  . ILE A 1 19  ? -4.744  -8.333  1.782   1.00 37.54 ? 20  ILE A CB  1 
ATOM   71   C CG1 . ILE A 1 19  ? -4.182  -6.913  1.781   1.00 38.47 ? 20  ILE A CG1 1 
ATOM   72   C CG2 . ILE A 1 19  ? -4.790  -8.843  3.205   1.00 37.90 ? 20  ILE A CG2 1 
ATOM   73   C CD1 . ILE A 1 19  ? -4.209  -6.227  0.413   1.00 38.09 ? 20  ILE A CD1 1 
ATOM   74   N N   . ASP A 1 20  ? -2.441  -10.626 2.326   1.00 36.97 ? 21  ASP A N   1 
ATOM   75   C CA  . ASP A 1 20  ? -1.218  -10.962 3.025   1.00 36.72 ? 21  ASP A CA  1 
ATOM   76   C C   . ASP A 1 20  ? -0.165  -11.418 2.014   1.00 35.56 ? 21  ASP A C   1 
ATOM   77   O O   . ASP A 1 20  ? 1.014   -11.077 2.138   1.00 33.94 ? 21  ASP A O   1 
ATOM   78   C CB  . ASP A 1 20  ? -1.473  -12.061 4.050   1.00 39.02 ? 21  ASP A CB  1 
ATOM   79   C CG  . ASP A 1 20  ? -0.310  -12.238 5.009   1.00 40.64 ? 21  ASP A CG  1 
ATOM   80   O OD1 . ASP A 1 20  ? 0.000   -11.290 5.756   1.00 41.74 ? 21  ASP A OD1 1 
ATOM   81   O OD2 . ASP A 1 20  ? 0.302   -13.322 5.021   1.00 44.68 ? 21  ASP A OD2 1 
ATOM   82   N N   . ALA A 1 21  ? -0.598  -12.182 1.011   1.00 34.44 ? 22  ALA A N   1 
ATOM   83   C CA  . ALA A 1 21  ? 0.287   -12.681 -0.045  1.00 33.64 ? 22  ALA A CA  1 
ATOM   84   C C   . ALA A 1 21  ? 0.875   -11.529 -0.861  1.00 33.27 ? 22  ALA A C   1 
ATOM   85   O O   . ALA A 1 21  ? 2.068   -11.510 -1.171  1.00 32.58 ? 22  ALA A O   1 
ATOM   86   C CB  . ALA A 1 21  ? -0.488  -13.619 -0.965  1.00 32.25 ? 22  ALA A CB  1 
ATOM   87   N N   . ILE A 1 22  ? 0.008   -10.579 -1.198  1.00 33.47 ? 23  ILE A N   1 
ATOM   88   C CA  . ILE A 1 22  ? 0.350   -9.395  -1.977  1.00 33.76 ? 23  ILE A CA  1 
ATOM   89   C C   . ILE A 1 22  ? 1.373   -8.523  -1.264  1.00 33.85 ? 23  ILE A C   1 
ATOM   90   O O   . ILE A 1 22  ? 2.298   -7.988  -1.885  1.00 32.14 ? 23  ILE A O   1 
ATOM   91   C CB  . ILE A 1 22  ? -0.903  -8.538  -2.233  1.00 33.75 ? 23  ILE A CB  1 
ATOM   92   C CG1 . ILE A 1 22  ? -1.972  -9.386  -2.919  1.00 34.27 ? 23  ILE A CG1 1 
ATOM   93   C CG2 . ILE A 1 22  ? -0.540  -7.317  -3.059  1.00 33.73 ? 23  ILE A CG2 1 
ATOM   94   C CD1 . ILE A 1 22  ? -3.265  -8.634  -3.172  1.00 34.37 ? 23  ILE A CD1 1 
ATOM   95   N N   . CYS A 1 23  ? 1.197   -8.366  0.043   1.00 34.48 ? 24  CYS A N   1 
ATOM   96   C CA  . CYS A 1 23  ? 2.105   -7.541  0.814   1.00 35.78 ? 24  CYS A CA  1 
ATOM   97   C C   . CYS A 1 23  ? 3.451   -8.199  1.079   1.00 37.59 ? 24  CYS A C   1 
ATOM   98   O O   . CYS A 1 23  ? 4.471   -7.513  1.111   1.00 37.81 ? 24  CYS A O   1 
ATOM   99   C CB  . CYS A 1 23  ? 1.456   -7.122  2.130   1.00 33.79 ? 24  CYS A CB  1 
ATOM   100  S SG  . CYS A 1 23  ? 0.272   -5.778  1.941   1.00 34.87 ? 24  CYS A SG  1 
ATOM   101  N N   . GLU A 1 24  ? 3.478   -9.516  1.250   1.00 40.13 ? 25  GLU A N   1 
ATOM   102  C CA  . GLU A 1 24  ? 4.749   -10.171 1.500   1.00 42.64 ? 25  GLU A CA  1 
ATOM   103  C C   . GLU A 1 24  ? 5.610   -10.211 0.252   1.00 42.84 ? 25  GLU A C   1 
ATOM   104  O O   . GLU A 1 24  ? 6.820   -10.041 0.332   1.00 43.83 ? 25  GLU A O   1 
ATOM   105  C CB  . GLU A 1 24  ? 4.534   -11.583 2.033   1.00 45.27 ? 25  GLU A CB  1 
ATOM   106  C CG  . GLU A 1 24  ? 3.749   -11.615 3.329   1.00 51.35 ? 25  GLU A CG  1 
ATOM   107  C CD  . GLU A 1 24  ? 4.211   -12.706 4.274   1.00 55.24 ? 25  GLU A CD  1 
ATOM   108  O OE1 . GLU A 1 24  ? 4.173   -13.901 3.892   1.00 57.02 ? 25  GLU A OE1 1 
ATOM   109  O OE2 . GLU A 1 24  ? 4.606   -12.360 5.412   1.00 58.17 ? 25  GLU A OE2 1 
ATOM   110  N N   . LYS A 1 25  ? 4.992   -10.432 -0.903  1.00 43.26 ? 26  LYS A N   1 
ATOM   111  C CA  . LYS A 1 25  ? 5.745   -10.485 -2.152  1.00 44.03 ? 26  LYS A CA  1 
ATOM   112  C C   . LYS A 1 25  ? 6.208   -9.088  -2.561  1.00 42.02 ? 26  LYS A C   1 
ATOM   113  O O   . LYS A 1 25  ? 7.210   -8.941  -3.257  1.00 43.43 ? 26  LYS A O   1 
ATOM   114  C CB  . LYS A 1 25  ? 4.889   -11.103 -3.264  1.00 47.79 ? 26  LYS A CB  1 
ATOM   115  C CG  . LYS A 1 25  ? 4.421   -12.523 -2.957  1.00 53.40 ? 26  LYS A CG  1 
ATOM   116  C CD  . LYS A 1 25  ? 3.590   -13.124 -4.089  1.00 57.15 ? 26  LYS A CD  1 
ATOM   117  C CE  . LYS A 1 25  ? 3.088   -14.523 -3.722  1.00 59.57 ? 26  LYS A CE  1 
ATOM   118  N NZ  . LYS A 1 25  ? 2.191   -15.114 -4.765  1.00 62.31 ? 26  LYS A NZ  1 
ATOM   119  N N   . ALA A 1 26  ? 5.489   -8.065  -2.109  1.00 39.25 ? 27  ALA A N   1 
ATOM   120  C CA  . ALA A 1 26  ? 5.832   -6.692  -2.441  1.00 37.64 ? 27  ALA A CA  1 
ATOM   121  C C   . ALA A 1 26  ? 6.997   -6.164  -1.600  1.00 37.43 ? 27  ALA A C   1 
ATOM   122  O O   . ALA A 1 26  ? 7.944   -5.595  -2.141  1.00 37.72 ? 27  ALA A O   1 
ATOM   123  C CB  . ALA A 1 26  ? 4.608   -5.802  -2.275  1.00 36.11 ? 27  ALA A CB  1 
ATOM   124  N N   . ARG A 1 27  ? 6.922   -6.356  -0.285  1.00 37.75 ? 28  ARG A N   1 
ATOM   125  C CA  . ARG A 1 27  ? 7.953   -5.907  0.659   1.00 38.52 ? 28  ARG A CA  1 
ATOM   126  C C   . ARG A 1 27  ? 7.910   -4.398  0.853   1.00 36.21 ? 28  ARG A C   1 
ATOM   127  O O   . ARG A 1 27  ? 7.961   -3.904  1.979   1.00 37.09 ? 28  ARG A O   1 
ATOM   128  C CB  . ARG A 1 27  ? 9.346   -6.342  0.183   1.00 41.76 ? 28  ARG A CB  1 
ATOM   129  C CG  . ARG A 1 27  ? 9.426   -7.827  -0.139  1.00 47.13 ? 28  ARG A CG  1 
ATOM   130  C CD  . ARG A 1 27  ? 10.770  -8.238  -0.726  1.00 52.82 ? 28  ARG A CD  1 
ATOM   131  N NE  . ARG A 1 27  ? 11.813  -8.359  0.294   1.00 58.94 ? 28  ARG A NE  1 
ATOM   132  C CZ  . ARG A 1 27  ? 13.021  -8.878  0.067   1.00 61.70 ? 28  ARG A CZ  1 
ATOM   133  N NH1 . ARG A 1 27  ? 13.912  -8.955  1.050   1.00 62.42 ? 28  ARG A NH1 1 
ATOM   134  N NH2 . ARG A 1 27  ? 13.339  -9.336  -1.143  1.00 62.56 ? 28  ARG A NH2 1 
ATOM   135  N N   . ILE A 1 28  ? 7.813   -3.672  -0.253  1.00 34.37 ? 29  ILE A N   1 
ATOM   136  C CA  . ILE A 1 28  ? 7.748   -2.216  -0.227  1.00 32.63 ? 29  ILE A CA  1 
ATOM   137  C C   . ILE A 1 28  ? 6.632   -1.755  -1.148  1.00 31.66 ? 29  ILE A C   1 
ATOM   138  O O   . ILE A 1 28  ? 6.660   -2.011  -2.350  1.00 33.22 ? 29  ILE A O   1 
ATOM   139  C CB  . ILE A 1 28  ? 9.063   -1.581  -0.700  1.00 32.58 ? 29  ILE A CB  1 
ATOM   140  C CG1 . ILE A 1 28  ? 10.177  -1.874  0.303   1.00 33.41 ? 29  ILE A CG1 1 
ATOM   141  C CG2 . ILE A 1 28  ? 8.883   -0.083  -0.851  1.00 32.97 ? 29  ILE A CG2 1 
ATOM   142  C CD1 . ILE A 1 28  ? 11.500  -1.313  -0.101  1.00 33.35 ? 29  ILE A CD1 1 
ATOM   143  N N   . LEU A 1 29  ? 5.652   -1.077  -0.571  1.00 30.96 ? 30  LEU A N   1 
ATOM   144  C CA  . LEU A 1 29  ? 4.510   -0.584  -1.315  1.00 29.48 ? 30  LEU A CA  1 
ATOM   145  C C   . LEU A 1 29  ? 4.673   0.904   -1.616  1.00 28.35 ? 30  LEU A C   1 
ATOM   146  O O   . LEU A 1 29  ? 4.568   1.745   -0.721  1.00 27.62 ? 30  LEU A O   1 
ATOM   147  C CB  . LEU A 1 29  ? 3.239   -0.813  -0.495  1.00 30.12 ? 30  LEU A CB  1 
ATOM   148  C CG  . LEU A 1 29  ? 1.900   -0.864  -1.218  1.00 29.60 ? 30  LEU A CG  1 
ATOM   149  C CD1 . LEU A 1 29  ? 1.962   -1.943  -2.300  1.00 31.53 ? 30  LEU A CD1 1 
ATOM   150  C CD2 . LEU A 1 29  ? 0.792   -1.179  -0.218  1.00 30.89 ? 30  LEU A CD2 1 
ATOM   151  N N   . PRO A 1 30  ? 4.974   1.244   -2.878  1.00 26.98 ? 31  PRO A N   1 
ATOM   152  C CA  . PRO A 1 30  ? 5.144   2.643   -3.279  1.00 26.44 ? 31  PRO A CA  1 
ATOM   153  C C   . PRO A 1 30  ? 3.793   3.356   -3.445  1.00 26.21 ? 31  PRO A C   1 
ATOM   154  O O   . PRO A 1 30  ? 2.910   2.871   -4.157  1.00 27.16 ? 31  PRO A O   1 
ATOM   155  C CB  . PRO A 1 30  ? 5.922   2.537   -4.593  1.00 25.84 ? 31  PRO A CB  1 
ATOM   156  C CG  . PRO A 1 30  ? 5.463   1.233   -5.152  1.00 27.53 ? 31  PRO A CG  1 
ATOM   157  C CD  . PRO A 1 30  ? 5.414   0.327   -3.945  1.00 27.09 ? 31  PRO A CD  1 
ATOM   158  N N   . VAL A 1 31  ? 3.638   4.499   -2.780  1.00 25.16 ? 32  VAL A N   1 
ATOM   159  C CA  . VAL A 1 31  ? 2.400   5.272   -2.869  1.00 24.84 ? 32  VAL A CA  1 
ATOM   160  C C   . VAL A 1 31  ? 2.540   6.286   -3.996  1.00 24.89 ? 32  VAL A C   1 
ATOM   161  O O   . VAL A 1 31  ? 3.077   7.377   -3.808  1.00 25.03 ? 32  VAL A O   1 
ATOM   162  C CB  . VAL A 1 31  ? 2.090   6.004   -1.547  1.00 23.52 ? 32  VAL A CB  1 
ATOM   163  C CG1 . VAL A 1 31  ? 0.722   6.675   -1.629  1.00 20.84 ? 32  VAL A CG1 1 
ATOM   164  C CG2 . VAL A 1 31  ? 2.108   5.015   -0.389  1.00 22.61 ? 32  VAL A CG2 1 
ATOM   165  N N   . ILE A 1 32  ? 2.040   5.909   -5.166  1.00 25.46 ? 33  ILE A N   1 
ATOM   166  C CA  . ILE A 1 32  ? 2.142   6.736   -6.353  1.00 25.83 ? 33  ILE A CA  1 
ATOM   167  C C   . ILE A 1 32  ? 0.986   7.703   -6.605  1.00 26.89 ? 33  ILE A C   1 
ATOM   168  O O   . ILE A 1 32  ? -0.181  7.388   -6.376  1.00 27.99 ? 33  ILE A O   1 
ATOM   169  C CB  . ILE A 1 32  ? 2.318   5.844   -7.602  1.00 25.23 ? 33  ILE A CB  1 
ATOM   170  C CG1 . ILE A 1 32  ? 3.463   4.872   -7.381  1.00 24.91 ? 33  ILE A CG1 1 
ATOM   171  C CG2 . ILE A 1 32  ? 2.639   6.693   -8.807  1.00 27.11 ? 33  ILE A CG2 1 
ATOM   172  C CD1 . ILE A 1 32  ? 3.559   3.821   -8.442  1.00 28.17 ? 33  ILE A CD1 1 
ATOM   173  N N   . THR A 1 33  ? 1.347   8.889   -7.083  1.00 28.63 ? 34  THR A N   1 
ATOM   174  C CA  . THR A 1 33  ? 0.404   9.941   -7.424  1.00 30.63 ? 34  THR A CA  1 
ATOM   175  C C   . THR A 1 33  ? 0.820   10.414  -8.819  1.00 33.38 ? 34  THR A C   1 
ATOM   176  O O   . THR A 1 33  ? 1.856   11.063  -8.990  1.00 34.22 ? 34  THR A O   1 
ATOM   177  C CB  . THR A 1 33  ? 0.484   11.116  -6.427  1.00 29.48 ? 34  THR A CB  1 
ATOM   178  O OG1 . THR A 1 33  ? 0.146   10.648  -5.116  1.00 30.49 ? 34  THR A OG1 1 
ATOM   179  C CG2 . THR A 1 33  ? -0.474  12.228  -6.827  1.00 26.35 ? 34  THR A CG2 1 
ATOM   180  N N   . ILE A 1 34  ? 0.020   10.066  -9.818  1.00 34.95 ? 35  ILE A N   1 
ATOM   181  C CA  . ILE A 1 34  ? 0.313   10.440  -11.195 1.00 37.02 ? 35  ILE A CA  1 
ATOM   182  C C   . ILE A 1 34  ? -0.116  11.863  -11.516 1.00 39.52 ? 35  ILE A C   1 
ATOM   183  O O   . ILE A 1 34  ? -1.300  12.181  -11.493 1.00 40.87 ? 35  ILE A O   1 
ATOM   184  C CB  . ILE A 1 34  ? -0.389  9.487   -12.181 1.00 35.84 ? 35  ILE A CB  1 
ATOM   185  C CG1 . ILE A 1 34  ? -0.018  8.040   -11.859 1.00 36.42 ? 35  ILE A CG1 1 
ATOM   186  C CG2 . ILE A 1 34  ? 0.013   9.822   -13.607 1.00 34.95 ? 35  ILE A CG2 1 
ATOM   187  C CD1 . ILE A 1 34  ? 1.471   7.762   -11.919 1.00 36.15 ? 35  ILE A CD1 1 
ATOM   188  N N   . ALA A 1 35  ? 0.847   12.718  -11.835 1.00 42.64 ? 36  ALA A N   1 
ATOM   189  C CA  . ALA A 1 35  ? 0.530   14.101  -12.167 1.00 45.83 ? 36  ALA A CA  1 
ATOM   190  C C   . ALA A 1 35  ? 0.398   14.272  -13.679 1.00 48.19 ? 36  ALA A C   1 
ATOM   191  O O   . ALA A 1 35  ? -0.297  15.177  -14.147 1.00 49.04 ? 36  ALA A O   1 
ATOM   192  C CB  . ALA A 1 35  ? 1.603   15.033  -11.620 1.00 45.19 ? 36  ALA A CB  1 
ATOM   193  N N   . ARG A 1 36  ? 1.064   13.398  -14.432 1.00 50.70 ? 37  ARG A N   1 
ATOM   194  C CA  . ARG A 1 36  ? 1.020   13.434  -15.892 1.00 53.19 ? 37  ARG A CA  1 
ATOM   195  C C   . ARG A 1 36  ? 0.776   12.057  -16.483 1.00 53.64 ? 37  ARG A C   1 
ATOM   196  O O   . ARG A 1 36  ? 1.332   11.060  -16.021 1.00 54.58 ? 37  ARG A O   1 
ATOM   197  C CB  . ARG A 1 36  ? 2.323   13.994  -16.465 1.00 56.41 ? 37  ARG A CB  1 
ATOM   198  C CG  . ARG A 1 36  ? 2.503   15.472  -16.250 1.00 61.22 ? 37  ARG A CG  1 
ATOM   199  C CD  . ARG A 1 36  ? 3.789   15.959  -16.875 1.00 66.72 ? 37  ARG A CD  1 
ATOM   200  N NE  . ARG A 1 36  ? 4.414   16.974  -16.034 1.00 72.31 ? 37  ARG A NE  1 
ATOM   201  C CZ  . ARG A 1 36  ? 4.882   16.732  -14.812 1.00 74.72 ? 37  ARG A CZ  1 
ATOM   202  N NH1 . ARG A 1 36  ? 4.797   15.508  -14.300 1.00 75.17 ? 37  ARG A NH1 1 
ATOM   203  N NH2 . ARG A 1 36  ? 5.424   17.711  -14.097 1.00 75.32 ? 37  ARG A NH2 1 
ATOM   204  N N   . GLU A 1 37  ? -0.051  12.019  -17.518 1.00 54.03 ? 38  GLU A N   1 
ATOM   205  C CA  . GLU A 1 37  ? -0.394  10.780  -18.199 1.00 54.66 ? 38  GLU A CA  1 
ATOM   206  C C   . GLU A 1 37  ? 0.861   10.049  -18.694 1.00 53.82 ? 38  GLU A C   1 
ATOM   207  O O   . GLU A 1 37  ? 1.069   8.869   -18.400 1.00 53.37 ? 38  GLU A O   1 
ATOM   208  C CB  . GLU A 1 37  ? -1.302  11.083  -19.398 1.00 57.96 ? 38  GLU A CB  1 
ATOM   209  C CG  . GLU A 1 37  ? -2.189  12.349  -19.283 1.00 63.68 ? 38  GLU A CG  1 
ATOM   210  C CD  . GLU A 1 37  ? -1.394  13.665  -19.310 1.00 67.06 ? 38  GLU A CD  1 
ATOM   211  O OE1 . GLU A 1 37  ? -0.475  13.808  -20.161 1.00 68.60 ? 38  GLU A OE1 1 
ATOM   212  O OE2 . GLU A 1 37  ? -1.713  14.568  -18.495 1.00 66.96 ? 38  GLU A OE2 1 
ATOM   213  N N   . GLU A 1 38  ? 1.686   10.765  -19.457 1.00 53.16 ? 39  GLU A N   1 
ATOM   214  C CA  . GLU A 1 38  ? 2.922   10.224  -20.038 1.00 51.97 ? 39  GLU A CA  1 
ATOM   215  C C   . GLU A 1 38  ? 3.948   9.664   -19.043 1.00 49.74 ? 39  GLU A C   1 
ATOM   216  O O   . GLU A 1 38  ? 5.019   9.203   -19.447 1.00 48.60 ? 39  GLU A O   1 
ATOM   217  C CB  . GLU A 1 38  ? 3.595   11.301  -20.895 1.00 53.77 ? 39  GLU A CB  1 
ATOM   218  C CG  . GLU A 1 38  ? 3.494   12.710  -20.310 1.00 58.46 ? 39  GLU A CG  1 
ATOM   219  C CD  . GLU A 1 38  ? 4.732   13.553  -20.569 1.00 60.95 ? 39  GLU A CD  1 
ATOM   220  O OE1 . GLU A 1 38  ? 5.273   13.500  -21.702 1.00 63.45 ? 39  GLU A OE1 1 
ATOM   221  O OE2 . GLU A 1 38  ? 5.151   14.289  -19.644 1.00 60.92 ? 39  GLU A OE2 1 
ATOM   222  N N   . ASP A 1 39  ? 3.609   9.700   -17.757 1.00 47.05 ? 40  ASP A N   1 
ATOM   223  C CA  . ASP A 1 39  ? 4.477   9.209   -16.693 1.00 43.53 ? 40  ASP A CA  1 
ATOM   224  C C   . ASP A 1 39  ? 4.107   7.809   -16.212 1.00 40.97 ? 40  ASP A C   1 
ATOM   225  O O   . ASP A 1 39  ? 4.887   7.166   -15.514 1.00 40.37 ? 40  ASP A O   1 
ATOM   226  C CB  . ASP A 1 39  ? 4.422   10.162  -15.495 1.00 44.44 ? 40  ASP A CB  1 
ATOM   227  C CG  . ASP A 1 39  ? 5.021   11.518  -15.795 1.00 46.61 ? 40  ASP A CG  1 
ATOM   228  O OD1 . ASP A 1 39  ? 4.880   12.430  -14.952 1.00 47.25 ? 40  ASP A OD1 1 
ATOM   229  O OD2 . ASP A 1 39  ? 5.640   11.678  -16.868 1.00 49.05 ? 40  ASP A OD2 1 
ATOM   230  N N   . ILE A 1 40  ? 2.924   7.332   -16.582 1.00 37.70 ? 41  ILE A N   1 
ATOM   231  C CA  . ILE A 1 40  ? 2.485   6.022   -16.129 1.00 35.69 ? 41  ILE A CA  1 
ATOM   232  C C   . ILE A 1 40  ? 3.514   4.925   -16.373 1.00 35.25 ? 41  ILE A C   1 
ATOM   233  O O   . ILE A 1 40  ? 4.129   4.423   -15.435 1.00 35.08 ? 41  ILE A O   1 
ATOM   234  C CB  . ILE A 1 40  ? 1.176   5.576   -16.810 1.00 35.84 ? 41  ILE A CB  1 
ATOM   235  C CG1 . ILE A 1 40  ? 0.155   6.699   -16.791 1.00 34.55 ? 41  ILE A CG1 1 
ATOM   236  C CG2 . ILE A 1 40  ? 0.605   4.374   -16.082 1.00 34.95 ? 41  ILE A CG2 1 
ATOM   237  C CD1 . ILE A 1 40  ? -0.403  6.997   -15.436 1.00 36.69 ? 41  ILE A CD1 1 
ATOM   238  N N   . LEU A 1 41  ? 3.699   4.558   -17.637 1.00 34.06 ? 42  LEU A N   1 
ATOM   239  C CA  . LEU A 1 41  ? 4.620   3.486   -17.994 1.00 34.39 ? 42  LEU A CA  1 
ATOM   240  C C   . LEU A 1 41  ? 6.081   3.669   -17.582 1.00 33.94 ? 42  LEU A C   1 
ATOM   241  O O   . LEU A 1 41  ? 6.665   2.792   -16.935 1.00 34.46 ? 42  LEU A O   1 
ATOM   242  C CB  . LEU A 1 41  ? 4.555   3.209   -19.501 1.00 35.00 ? 42  LEU A CB  1 
ATOM   243  C CG  . LEU A 1 41  ? 3.203   2.822   -20.103 1.00 35.13 ? 42  LEU A CG  1 
ATOM   244  C CD1 . LEU A 1 41  ? 3.378   2.577   -21.598 1.00 35.13 ? 42  LEU A CD1 1 
ATOM   245  C CD2 . LEU A 1 41  ? 2.651   1.589   -19.418 1.00 32.65 ? 42  LEU A CD2 1 
ATOM   246  N N   . PRO A 1 42  ? 6.701   4.799   -17.958 1.00 32.55 ? 43  PRO A N   1 
ATOM   247  C CA  . PRO A 1 42  ? 8.105   5.013   -17.586 1.00 32.15 ? 43  PRO A CA  1 
ATOM   248  C C   . PRO A 1 42  ? 8.330   4.882   -16.079 1.00 32.45 ? 43  PRO A C   1 
ATOM   249  O O   . PRO A 1 42  ? 9.308   4.270   -15.636 1.00 33.90 ? 43  PRO A O   1 
ATOM   250  C CB  . PRO A 1 42  ? 8.404   6.411   -18.132 1.00 30.67 ? 43  PRO A CB  1 
ATOM   251  C CG  . PRO A 1 42  ? 7.071   7.079   -18.142 1.00 33.53 ? 43  PRO A CG  1 
ATOM   252  C CD  . PRO A 1 42  ? 6.133   5.993   -18.605 1.00 32.26 ? 43  PRO A CD  1 
ATOM   253  N N   . LEU A 1 43  ? 7.416   5.448   -15.294 1.00 31.14 ? 44  LEU A N   1 
ATOM   254  C CA  . LEU A 1 43  ? 7.510   5.373   -13.841 1.00 29.76 ? 44  LEU A CA  1 
ATOM   255  C C   . LEU A 1 43  ? 7.405   3.911   -13.431 1.00 28.36 ? 44  LEU A C   1 
ATOM   256  O O   . LEU A 1 43  ? 8.194   3.420   -12.624 1.00 29.14 ? 44  LEU A O   1 
ATOM   257  C CB  . LEU A 1 43  ? 6.367   6.154   -13.195 1.00 30.22 ? 44  LEU A CB  1 
ATOM   258  C CG  . LEU A 1 43  ? 6.285   6.081   -11.672 1.00 31.24 ? 44  LEU A CG  1 
ATOM   259  C CD1 . LEU A 1 43  ? 7.556   6.660   -11.057 1.00 30.97 ? 44  LEU A CD1 1 
ATOM   260  C CD2 . LEU A 1 43  ? 5.063   6.848   -11.191 1.00 31.19 ? 44  LEU A CD2 1 
ATOM   261  N N   . ALA A 1 44  ? 6.425   3.218   -14.002 1.00 25.98 ? 45  ALA A N   1 
ATOM   262  C CA  . ALA A 1 44  ? 6.198   1.816   -13.696 1.00 23.86 ? 45  ALA A CA  1 
ATOM   263  C C   . ALA A 1 44  ? 7.390   0.931   -14.062 1.00 22.83 ? 45  ALA A C   1 
ATOM   264  O O   . ALA A 1 44  ? 7.742   0.015   -13.320 1.00 20.11 ? 45  ALA A O   1 
ATOM   265  C CB  . ALA A 1 44  ? 4.940   1.327   -14.419 1.00 24.55 ? 45  ALA A CB  1 
ATOM   266  N N   . ASP A 1 45  ? 8.021   1.202   -15.201 1.00 23.00 ? 46  ASP A N   1 
ATOM   267  C CA  . ASP A 1 45  ? 9.159   0.384   -15.634 1.00 23.22 ? 46  ASP A CA  1 
ATOM   268  C C   . ASP A 1 45  ? 10.393  0.607   -14.754 1.00 22.80 ? 46  ASP A C   1 
ATOM   269  O O   . ASP A 1 45  ? 11.160  -0.332  -14.489 1.00 20.15 ? 46  ASP A O   1 
ATOM   270  C CB  . ASP A 1 45  ? 9.482   0.671   -17.105 1.00 25.35 ? 46  ASP A CB  1 
ATOM   271  C CG  . ASP A 1 45  ? 8.370   0.221   -18.035 1.00 28.22 ? 46  ASP A CG  1 
ATOM   272  O OD1 . ASP A 1 45  ? 7.547   -0.623  -17.592 1.00 25.71 ? 46  ASP A OD1 1 
ATOM   273  O OD2 . ASP A 1 45  ? 8.314   0.694   -19.199 1.00 29.96 ? 46  ASP A OD2 1 
ATOM   274  N N   . ALA A 1 46  ? 10.572  1.852   -14.309 1.00 22.16 ? 47  ALA A N   1 
ATOM   275  C CA  . ALA A 1 46  ? 11.680  2.213   -13.439 1.00 21.72 ? 47  ALA A CA  1 
ATOM   276  C C   . ALA A 1 46  ? 11.549  1.439   -12.135 1.00 22.11 ? 47  ALA A C   1 
ATOM   277  O O   . ALA A 1 46  ? 12.484  0.766   -11.707 1.00 21.88 ? 47  ALA A O   1 
ATOM   278  C CB  . ALA A 1 46  ? 11.673  3.711   -13.175 1.00 20.88 ? 47  ALA A CB  1 
ATOM   279  N N   . LEU A 1 47  ? 10.386  1.527   -11.501 1.00 22.41 ? 48  LEU A N   1 
ATOM   280  C CA  . LEU A 1 47  ? 10.174  0.807   -10.257 1.00 20.61 ? 48  LEU A CA  1 
ATOM   281  C C   . LEU A 1 47  ? 10.360  -0.677  -10.488 1.00 21.51 ? 48  LEU A C   1 
ATOM   282  O O   . LEU A 1 47  ? 11.142  -1.320  -9.797  1.00 22.73 ? 48  LEU A O   1 
ATOM   283  C CB  . LEU A 1 47  ? 8.768   1.062   -9.727  1.00 19.35 ? 48  LEU A CB  1 
ATOM   284  C CG  . LEU A 1 47  ? 8.536   2.500   -9.283  1.00 19.22 ? 48  LEU A CG  1 
ATOM   285  C CD1 . LEU A 1 47  ? 7.065   2.687   -8.975  1.00 19.92 ? 48  LEU A CD1 1 
ATOM   286  C CD2 . LEU A 1 47  ? 9.393   2.823   -8.062  1.00 16.36 ? 48  LEU A CD2 1 
ATOM   287  N N   . ALA A 1 48  ? 9.646   -1.220  -11.472 1.00 22.06 ? 49  ALA A N   1 
ATOM   288  C CA  . ALA A 1 48  ? 9.724   -2.647  -11.778 1.00 20.80 ? 49  ALA A CA  1 
ATOM   289  C C   . ALA A 1 48  ? 11.163  -3.160  -11.944 1.00 21.39 ? 49  ALA A C   1 
ATOM   290  O O   . ALA A 1 48  ? 11.499  -4.217  -11.420 1.00 18.96 ? 49  ALA A O   1 
ATOM   291  C CB  . ALA A 1 48  ? 8.922   -2.939  -13.021 1.00 18.51 ? 49  ALA A CB  1 
ATOM   292  N N   . ALA A 1 49  ? 12.006  -2.409  -12.652 1.00 22.19 ? 50  ALA A N   1 
ATOM   293  C CA  . ALA A 1 49  ? 13.392  -2.811  -12.863 1.00 23.70 ? 50  ALA A CA  1 
ATOM   294  C C   . ALA A 1 49  ? 14.173  -2.834  -11.549 1.00 25.38 ? 50  ALA A C   1 
ATOM   295  O O   . ALA A 1 49  ? 15.094  -3.639  -11.367 1.00 25.34 ? 50  ALA A O   1 
ATOM   296  C CB  . ALA A 1 49  ? 14.072  -1.869  -13.850 1.00 21.13 ? 50  ALA A CB  1 
ATOM   297  N N   . GLY A 1 50  ? 13.812  -1.931  -10.644 1.00 25.08 ? 51  GLY A N   1 
ATOM   298  C CA  . GLY A 1 50  ? 14.471  -1.855  -9.353  1.00 25.05 ? 51  GLY A CA  1 
ATOM   299  C C   . GLY A 1 50  ? 14.019  -2.954  -8.413  1.00 25.43 ? 51  GLY A C   1 
ATOM   300  O O   . GLY A 1 50  ? 14.540  -3.083  -7.306  1.00 26.41 ? 51  GLY A O   1 
ATOM   301  N N   . GLY A 1 51  ? 13.038  -3.741  -8.847  1.00 24.77 ? 52  GLY A N   1 
ATOM   302  C CA  . GLY A 1 51  ? 12.545  -4.842  -8.032  1.00 25.45 ? 52  GLY A CA  1 
ATOM   303  C C   . GLY A 1 51  ? 11.193  -4.638  -7.378  1.00 26.76 ? 52  GLY A C   1 
ATOM   304  O O   . GLY A 1 51  ? 10.713  -5.512  -6.657  1.00 25.85 ? 52  GLY A O   1 
ATOM   305  N N   . ILE A 1 52  ? 10.578  -3.483  -7.623  1.00 29.20 ? 53  ILE A N   1 
ATOM   306  C CA  . ILE A 1 52  ? 9.267   -3.162  -7.056  1.00 30.71 ? 53  ILE A CA  1 
ATOM   307  C C   . ILE A 1 52  ? 8.168   -3.440  -8.080  1.00 31.81 ? 53  ILE A C   1 
ATOM   308  O O   . ILE A 1 52  ? 7.923   -2.636  -8.982  1.00 31.47 ? 53  ILE A O   1 
ATOM   309  C CB  . ILE A 1 52  ? 9.210   -1.674  -6.602  1.00 29.54 ? 53  ILE A CB  1 
ATOM   310  C CG1 . ILE A 1 52  ? 10.141  -1.475  -5.395  1.00 29.75 ? 53  ILE A CG1 1 
ATOM   311  C CG2 . ILE A 1 52  ? 7.776   -1.267  -6.258  1.00 29.86 ? 53  ILE A CG2 1 
ATOM   312  C CD1 . ILE A 1 52  ? 10.069  -0.097  -4.756  1.00 28.54 ? 53  ILE A CD1 1 
ATOM   313  N N   . ARG A 1 53  ? 7.507   -4.586  -7.931  1.00 33.99 ? 54  ARG A N   1 
ATOM   314  C CA  . ARG A 1 53  ? 6.441   -4.998  -8.847  1.00 35.73 ? 54  ARG A CA  1 
ATOM   315  C C   . ARG A 1 53  ? 4.999   -4.781  -8.376  1.00 34.36 ? 54  ARG A C   1 
ATOM   316  O O   . ARG A 1 53  ? 4.056   -5.066  -9.119  1.00 33.37 ? 54  ARG A O   1 
ATOM   317  C CB  . ARG A 1 53  ? 6.611   -6.472  -9.209  1.00 40.30 ? 54  ARG A CB  1 
ATOM   318  C CG  . ARG A 1 53  ? 7.576   -6.733  -10.336 1.00 45.65 ? 54  ARG A CG  1 
ATOM   319  C CD  . ARG A 1 53  ? 9.006   -6.777  -9.860  1.00 51.46 ? 54  ARG A CD  1 
ATOM   320  N NE  . ARG A 1 53  ? 9.912   -6.960  -10.988 1.00 58.35 ? 54  ARG A NE  1 
ATOM   321  C CZ  . ARG A 1 53  ? 11.175  -7.362  -10.874 1.00 62.05 ? 54  ARG A CZ  1 
ATOM   322  N NH1 . ARG A 1 53  ? 11.687  -7.630  -9.676  1.00 63.77 ? 54  ARG A NH1 1 
ATOM   323  N NH2 . ARG A 1 53  ? 11.932  -7.496  -11.959 1.00 62.88 ? 54  ARG A NH2 1 
ATOM   324  N N   . THR A 1 54  ? 4.822   -4.304  -7.147  1.00 32.51 ? 55  THR A N   1 
ATOM   325  C CA  . THR A 1 54  ? 3.485   -4.042  -6.620  1.00 29.82 ? 55  THR A CA  1 
ATOM   326  C C   . THR A 1 54  ? 3.378   -2.537  -6.407  1.00 29.60 ? 55  THR A C   1 
ATOM   327  O O   . THR A 1 54  ? 4.164   -1.950  -5.665  1.00 29.60 ? 55  THR A O   1 
ATOM   328  C CB  . THR A 1 54  ? 3.247   -4.776  -5.283  1.00 29.22 ? 55  THR A CB  1 
ATOM   329  O OG1 . THR A 1 54  ? 3.389   -6.185  -5.485  1.00 27.06 ? 55  THR A OG1 1 
ATOM   330  C CG2 . THR A 1 54  ? 1.844   -4.489  -4.749  1.00 27.92 ? 55  THR A CG2 1 
ATOM   331  N N   . LEU A 1 55  ? 2.398   -1.923  -7.062  1.00 27.85 ? 56  LEU A N   1 
ATOM   332  C CA  . LEU A 1 55  ? 2.208   -0.485  -6.984  1.00 27.31 ? 56  LEU A CA  1 
ATOM   333  C C   . LEU A 1 55  ? 0.883   -0.087  -6.374  1.00 27.18 ? 56  LEU A C   1 
ATOM   334  O O   . LEU A 1 55  ? -0.103  -0.813  -6.478  1.00 28.43 ? 56  LEU A O   1 
ATOM   335  C CB  . LEU A 1 55  ? 2.282   0.133   -8.380  1.00 27.67 ? 56  LEU A CB  1 
ATOM   336  C CG  . LEU A 1 55  ? 3.416   -0.333  -9.280  1.00 26.40 ? 56  LEU A CG  1 
ATOM   337  C CD1 . LEU A 1 55  ? 3.253   0.286   -10.654 1.00 27.58 ? 56  LEU A CD1 1 
ATOM   338  C CD2 . LEU A 1 55  ? 4.739   0.048   -8.657  1.00 27.39 ? 56  LEU A CD2 1 
ATOM   339  N N   . GLU A 1 56  ? 0.868   1.079   -5.735  1.00 27.16 ? 57  GLU A N   1 
ATOM   340  C CA  . GLU A 1 56  ? -0.354  1.607   -5.144  1.00 26.13 ? 57  GLU A CA  1 
ATOM   341  C C   . GLU A 1 56  ? -0.608  2.952   -5.803  1.00 25.86 ? 57  GLU A C   1 
ATOM   342  O O   . GLU A 1 56  ? 0.074   3.931   -5.501  1.00 25.24 ? 57  GLU A O   1 
ATOM   343  C CB  . GLU A 1 56  ? -0.207  1.806   -3.637  1.00 25.97 ? 57  GLU A CB  1 
ATOM   344  C CG  . GLU A 1 56  ? -1.541  2.078   -2.960  1.00 26.18 ? 57  GLU A CG  1 
ATOM   345  C CD  . GLU A 1 56  ? -1.448  3.069   -1.813  1.00 25.74 ? 57  GLU A CD  1 
ATOM   346  O OE1 . GLU A 1 56  ? -0.726  2.786   -0.839  1.00 25.50 ? 57  GLU A OE1 1 
ATOM   347  O OE2 . GLU A 1 56  ? -2.095  4.136   -1.894  1.00 23.43 ? 57  GLU A OE2 1 
ATOM   348  N N   . VAL A 1 57  ? -1.568  2.999   -6.723  1.00 25.71 ? 58  VAL A N   1 
ATOM   349  C CA  . VAL A 1 57  ? -1.890  4.256   -7.403  1.00 26.50 ? 58  VAL A CA  1 
ATOM   350  C C   . VAL A 1 57  ? -2.981  4.968   -6.589  1.00 27.31 ? 58  VAL A C   1 
ATOM   351  O O   . VAL A 1 57  ? -4.057  4.411   -6.365  1.00 27.31 ? 58  VAL A O   1 
ATOM   352  C CB  . VAL A 1 57  ? -2.380  4.008   -8.860  1.00 26.30 ? 58  VAL A CB  1 
ATOM   353  C CG1 . VAL A 1 57  ? -2.583  5.337   -9.583  1.00 24.91 ? 58  VAL A CG1 1 
ATOM   354  C CG2 . VAL A 1 57  ? -1.363  3.153   -9.613  1.00 23.66 ? 58  VAL A CG2 1 
ATOM   355  N N   . THR A 1 58  ? -2.693  6.182   -6.129  1.00 26.99 ? 59  THR A N   1 
ATOM   356  C CA  . THR A 1 58  ? -3.653  6.919   -5.329  1.00 28.25 ? 59  THR A CA  1 
ATOM   357  C C   . THR A 1 58  ? -4.613  7.697   -6.209  1.00 30.45 ? 59  THR A C   1 
ATOM   358  O O   . THR A 1 58  ? -4.292  8.055   -7.349  1.00 30.75 ? 59  THR A O   1 
ATOM   359  C CB  . THR A 1 58  ? -2.971  7.936   -4.396  1.00 27.32 ? 59  THR A CB  1 
ATOM   360  O OG1 . THR A 1 58  ? -2.545  9.085   -5.145  1.00 27.22 ? 59  THR A OG1 1 
ATOM   361  C CG2 . THR A 1 58  ? -1.752  7.308   -3.727  1.00 27.58 ? 59  THR A CG2 1 
ATOM   362  N N   . LEU A 1 59  ? -5.807  7.945   -5.681  1.00 32.53 ? 60  LEU A N   1 
ATOM   363  C CA  . LEU A 1 59  ? -6.817  8.714   -6.395  1.00 32.98 ? 60  LEU A CA  1 
ATOM   364  C C   . LEU A 1 59  ? -6.638  10.178  -6.026  1.00 34.16 ? 60  LEU A C   1 
ATOM   365  O O   . LEU A 1 59  ? -7.571  10.969  -6.144  1.00 34.82 ? 60  LEU A O   1 
ATOM   366  C CB  . LEU A 1 59  ? -8.213  8.254   -5.990  1.00 31.94 ? 60  LEU A CB  1 
ATOM   367  C CG  . LEU A 1 59  ? -8.679  6.939   -6.614  1.00 32.45 ? 60  LEU A CG  1 
ATOM   368  C CD1 . LEU A 1 59  ? -10.029 6.542   -6.038  1.00 31.83 ? 60  LEU A CD1 1 
ATOM   369  C CD2 . LEU A 1 59  ? -8.758  7.102   -8.122  1.00 32.28 ? 60  LEU A CD2 1 
ATOM   370  N N   . ARG A 1 60  ? -5.431  10.533  -5.591  1.00 34.55 ? 61  ARG A N   1 
ATOM   371  C CA  . ARG A 1 60  ? -5.143  11.907  -5.189  1.00 36.48 ? 61  ARG A CA  1 
ATOM   372  C C   . ARG A 1 60  ? -5.104  12.866  -6.367  1.00 37.59 ? 61  ARG A C   1 
ATOM   373  O O   . ARG A 1 60  ? -4.993  14.071  -6.178  1.00 38.27 ? 61  ARG A O   1 
ATOM   374  C CB  . ARG A 1 60  ? -3.822  11.972  -4.412  1.00 35.28 ? 61  ARG A CB  1 
ATOM   375  C CG  . ARG A 1 60  ? -3.803  11.096  -3.167  1.00 34.31 ? 61  ARG A CG  1 
ATOM   376  C CD  . ARG A 1 60  ? -2.505  11.223  -2.390  1.00 33.20 ? 61  ARG A CD  1 
ATOM   377  N NE  . ARG A 1 60  ? -2.411  10.212  -1.338  1.00 32.06 ? 61  ARG A NE  1 
ATOM   378  C CZ  . ARG A 1 60  ? -1.444  10.164  -0.425  1.00 31.79 ? 61  ARG A CZ  1 
ATOM   379  N NH1 . ARG A 1 60  ? -1.443  9.207   0.490   1.00 31.78 ? 61  ARG A NH1 1 
ATOM   380  N NH2 . ARG A 1 60  ? -0.483  11.081  -0.416  1.00 31.48 ? 61  ARG A NH2 1 
ATOM   381  N N   . SER A 1 61  ? -5.187  12.326  -7.577  1.00 39.29 ? 62  SER A N   1 
ATOM   382  C CA  . SER A 1 61  ? -5.183  13.147  -8.775  1.00 41.15 ? 62  SER A CA  1 
ATOM   383  C C   . SER A 1 61  ? -6.173  12.561  -9.774  1.00 43.46 ? 62  SER A C   1 
ATOM   384  O O   . SER A 1 61  ? -6.601  11.410  -9.642  1.00 43.96 ? 62  SER A O   1 
ATOM   385  C CB  . SER A 1 61  ? -3.784  13.213  -9.395  1.00 39.54 ? 62  SER A CB  1 
ATOM   386  O OG  . SER A 1 61  ? -3.389  11.952  -9.903  1.00 39.55 ? 62  SER A OG  1 
ATOM   387  N N   . GLN A 1 62  ? -6.536  13.361  -10.771 1.00 46.16 ? 63  GLN A N   1 
ATOM   388  C CA  . GLN A 1 62  ? -7.490  12.952  -11.801 1.00 48.73 ? 63  GLN A CA  1 
ATOM   389  C C   . GLN A 1 62  ? -7.015  11.713  -12.544 1.00 48.28 ? 63  GLN A C   1 
ATOM   390  O O   . GLN A 1 62  ? -7.807  10.829  -12.876 1.00 48.83 ? 63  GLN A O   1 
ATOM   391  C CB  . GLN A 1 62  ? -7.657  14.075  -12.817 1.00 52.49 ? 63  GLN A CB  1 
ATOM   392  C CG  . GLN A 1 62  ? -7.869  15.457  -12.225 1.00 58.02 ? 63  GLN A CG  1 
ATOM   393  C CD  . GLN A 1 62  ? -7.780  16.560  -13.283 1.00 61.67 ? 63  GLN A CD  1 
ATOM   394  O OE1 . GLN A 1 62  ? -8.044  17.736  -13.004 1.00 62.25 ? 63  GLN A OE1 1 
ATOM   395  N NE2 . GLN A 1 62  ? -7.398  16.180  -14.506 1.00 63.06 ? 63  GLN A NE2 1 
ATOM   396  N N   . HIS A 1 63  ? -5.714  11.670  -12.807 1.00 47.73 ? 64  HIS A N   1 
ATOM   397  C CA  . HIS A 1 63  ? -5.110  10.577  -13.542 1.00 47.48 ? 64  HIS A CA  1 
ATOM   398  C C   . HIS A 1 63  ? -5.064  9.245   -12.791 1.00 45.53 ? 64  HIS A C   1 
ATOM   399  O O   . HIS A 1 63  ? -4.529  8.253   -13.294 1.00 45.82 ? 64  HIS A O   1 
ATOM   400  C CB  . HIS A 1 63  ? -3.713  11.005  -13.981 1.00 50.02 ? 64  HIS A CB  1 
ATOM   401  C CG  . HIS A 1 63  ? -3.687  12.321  -14.687 1.00 53.49 ? 64  HIS A CG  1 
ATOM   402  N ND1 . HIS A 1 63  ? -4.370  12.548  -15.868 1.00 55.55 ? 64  HIS A ND1 1 
ATOM   403  C CD2 . HIS A 1 63  ? -3.084  13.494  -14.377 1.00 55.00 ? 64  HIS A CD2 1 
ATOM   404  C CE1 . HIS A 1 63  ? -4.187  13.797  -16.247 1.00 56.64 ? 64  HIS A CE1 1 
ATOM   405  N NE2 . HIS A 1 63  ? -3.409  14.395  -15.359 1.00 56.55 ? 64  HIS A NE2 1 
ATOM   406  N N   . GLY A 1 64  ? -5.652  9.219   -11.601 1.00 43.05 ? 65  GLY A N   1 
ATOM   407  C CA  . GLY A 1 64  ? -5.663  8.003   -10.813 1.00 40.76 ? 65  GLY A CA  1 
ATOM   408  C C   . GLY A 1 64  ? -6.260  6.801   -11.525 1.00 39.12 ? 65  GLY A C   1 
ATOM   409  O O   . GLY A 1 64  ? -5.572  5.809   -11.750 1.00 36.80 ? 65  GLY A O   1 
ATOM   410  N N   . LEU A 1 65  ? -7.540  6.884   -11.875 1.00 38.97 ? 66  LEU A N   1 
ATOM   411  C CA  . LEU A 1 65  ? -8.220  5.781   -12.548 1.00 39.65 ? 66  LEU A CA  1 
ATOM   412  C C   . LEU A 1 65  ? -7.603  5.399   -13.890 1.00 39.72 ? 66  LEU A C   1 
ATOM   413  O O   . LEU A 1 65  ? -7.379  4.216   -14.163 1.00 38.99 ? 66  LEU A O   1 
ATOM   414  C CB  . LEU A 1 65  ? -9.695  6.114   -12.754 1.00 39.73 ? 66  LEU A CB  1 
ATOM   415  C CG  . LEU A 1 65  ? -10.541 6.046   -11.489 1.00 40.31 ? 66  LEU A CG  1 
ATOM   416  C CD1 . LEU A 1 65  ? -11.872 6.715   -11.737 1.00 39.80 ? 66  LEU A CD1 1 
ATOM   417  C CD2 . LEU A 1 65  ? -10.715 4.592   -11.067 1.00 40.04 ? 66  LEU A CD2 1 
ATOM   418  N N   . LYS A 1 66  ? -7.338  6.388   -14.737 1.00 39.40 ? 67  LYS A N   1 
ATOM   419  C CA  . LYS A 1 66  ? -6.756  6.090   -16.036 1.00 37.93 ? 67  LYS A CA  1 
ATOM   420  C C   . LYS A 1 66  ? -5.461  5.295   -15.855 1.00 35.16 ? 67  LYS A C   1 
ATOM   421  O O   . LYS A 1 66  ? -5.203  4.353   -16.600 1.00 34.94 ? 67  LYS A O   1 
ATOM   422  C CB  . LYS A 1 66  ? -6.480  7.384   -16.809 1.00 40.30 ? 67  LYS A CB  1 
ATOM   423  C CG  . LYS A 1 66  ? -5.903  7.161   -18.204 1.00 44.67 ? 67  LYS A CG  1 
ATOM   424  C CD  . LYS A 1 66  ? -4.892  8.252   -18.558 1.00 49.48 ? 67  LYS A CD  1 
ATOM   425  C CE  . LYS A 1 66  ? -3.978  7.832   -19.712 1.00 52.55 ? 67  LYS A CE  1 
ATOM   426  N NZ  . LYS A 1 66  ? -2.892  8.820   -20.003 1.00 53.40 ? 67  LYS A NZ  1 
ATOM   427  N N   . ALA A 1 67  ? -4.661  5.669   -14.856 1.00 31.66 ? 68  ALA A N   1 
ATOM   428  C CA  . ALA A 1 67  ? -3.397  4.994   -14.585 1.00 28.21 ? 68  ALA A CA  1 
ATOM   429  C C   . ALA A 1 67  ? -3.592  3.511   -14.279 1.00 27.58 ? 68  ALA A C   1 
ATOM   430  O O   . ALA A 1 67  ? -2.893  2.660   -14.827 1.00 29.20 ? 68  ALA A O   1 
ATOM   431  C CB  . ALA A 1 67  ? -2.679  5.680   -13.433 1.00 28.05 ? 68  ALA A CB  1 
ATOM   432  N N   . ILE A 1 68  ? -4.543  3.206   -13.402 1.00 26.03 ? 69  ILE A N   1 
ATOM   433  C CA  . ILE A 1 68  ? -4.835  1.825   -13.029 1.00 26.37 ? 69  ILE A CA  1 
ATOM   434  C C   . ILE A 1 68  ? -5.221  1.003   -14.251 1.00 27.80 ? 69  ILE A C   1 
ATOM   435  O O   . ILE A 1 68  ? -4.832  -0.160  -14.385 1.00 27.63 ? 69  ILE A O   1 
ATOM   436  C CB  . ILE A 1 68  ? -5.985  1.773   -12.001 1.00 24.87 ? 69  ILE A CB  1 
ATOM   437  C CG1 . ILE A 1 68  ? -5.527  2.422   -10.694 1.00 25.24 ? 69  ILE A CG1 1 
ATOM   438  C CG2 . ILE A 1 68  ? -6.452  0.330   -11.788 1.00 22.98 ? 69  ILE A CG2 1 
ATOM   439  C CD1 . ILE A 1 68  ? -6.631  2.695   -9.723  1.00 24.39 ? 69  ILE A CD1 1 
ATOM   440  N N   . GLN A 1 69  ? -5.981  1.622   -15.144 1.00 29.69 ? 70  GLN A N   1 
ATOM   441  C CA  . GLN A 1 69  ? -6.434  0.957   -16.359 1.00 32.06 ? 70  GLN A CA  1 
ATOM   442  C C   . GLN A 1 69  ? -5.279  0.681   -17.298 1.00 31.70 ? 70  GLN A C   1 
ATOM   443  O O   . GLN A 1 69  ? -5.091  -0.449  -17.743 1.00 30.59 ? 70  GLN A O   1 
ATOM   444  C CB  . GLN A 1 69  ? -7.476  1.810   -17.075 1.00 33.91 ? 70  GLN A CB  1 
ATOM   445  C CG  . GLN A 1 69  ? -8.781  1.957   -16.312 1.00 38.51 ? 70  GLN A CG  1 
ATOM   446  C CD  . GLN A 1 69  ? -9.823  2.708   -17.119 1.00 40.91 ? 70  GLN A CD  1 
ATOM   447  O OE1 . GLN A 1 69  ? -10.208 2.274   -18.207 1.00 43.93 ? 70  GLN A OE1 1 
ATOM   448  N NE2 . GLN A 1 69  ? -10.292 3.835   -16.588 1.00 41.08 ? 70  GLN A NE2 1 
ATOM   449  N N   . VAL A 1 70  ? -4.511  1.721   -17.606 1.00 31.64 ? 71  VAL A N   1 
ATOM   450  C CA  . VAL A 1 70  ? -3.372  1.562   -18.495 1.00 31.69 ? 71  VAL A CA  1 
ATOM   451  C C   . VAL A 1 70  ? -2.439  0.484   -17.956 1.00 32.32 ? 71  VAL A C   1 
ATOM   452  O O   . VAL A 1 70  ? -2.035  -0.413  -18.685 1.00 32.46 ? 71  VAL A O   1 
ATOM   453  C CB  . VAL A 1 70  ? -2.586  2.879   -18.649 1.00 31.08 ? 71  VAL A CB  1 
ATOM   454  C CG1 . VAL A 1 70  ? -1.305  2.630   -19.420 1.00 31.43 ? 71  VAL A CG1 1 
ATOM   455  C CG2 . VAL A 1 70  ? -3.435  3.913   -19.369 1.00 30.78 ? 71  VAL A CG2 1 
ATOM   456  N N   . LEU A 1 71  ? -2.115  0.562   -16.672 1.00 33.12 ? 72  LEU A N   1 
ATOM   457  C CA  . LEU A 1 71  ? -1.232  -0.423  -16.063 1.00 34.40 ? 72  LEU A CA  1 
ATOM   458  C C   . LEU A 1 71  ? -1.804  -1.837  -16.059 1.00 35.92 ? 72  LEU A C   1 
ATOM   459  O O   . LEU A 1 71  ? -1.062  -2.813  -16.139 1.00 36.51 ? 72  LEU A O   1 
ATOM   460  C CB  . LEU A 1 71  ? -0.873  -0.004  -14.632 1.00 32.81 ? 72  LEU A CB  1 
ATOM   461  C CG  . LEU A 1 71  ? 0.061   1.206   -14.535 1.00 32.06 ? 72  LEU A CG  1 
ATOM   462  C CD1 . LEU A 1 71  ? 0.178   1.656   -13.099 1.00 31.61 ? 72  LEU A CD1 1 
ATOM   463  C CD2 . LEU A 1 71  ? 1.427   0.853   -15.112 1.00 31.04 ? 72  LEU A CD2 1 
ATOM   464  N N   . ARG A 1 72  ? -3.120  -1.958  -15.961 1.00 37.43 ? 73  ARG A N   1 
ATOM   465  C CA  . ARG A 1 72  ? -3.735  -3.283  -15.943 1.00 39.19 ? 73  ARG A CA  1 
ATOM   466  C C   . ARG A 1 72  ? -3.840  -3.925  -17.324 1.00 39.98 ? 73  ARG A C   1 
ATOM   467  O O   . ARG A 1 72  ? -3.965  -5.142  -17.444 1.00 39.66 ? 73  ARG A O   1 
ATOM   468  C CB  . ARG A 1 72  ? -5.119  -3.208  -15.285 1.00 39.36 ? 73  ARG A CB  1 
ATOM   469  C CG  . ARG A 1 72  ? -5.053  -2.987  -13.783 1.00 38.85 ? 73  ARG A CG  1 
ATOM   470  C CD  . ARG A 1 72  ? -4.367  -4.164  -13.117 1.00 40.85 ? 73  ARG A CD  1 
ATOM   471  N NE  . ARG A 1 72  ? -5.228  -5.336  -13.124 1.00 41.62 ? 73  ARG A NE  1 
ATOM   472  C CZ  . ARG A 1 72  ? -4.805  -6.580  -13.313 1.00 43.15 ? 73  ARG A CZ  1 
ATOM   473  N NH1 . ARG A 1 72  ? -5.682  -7.575  -13.288 1.00 45.39 ? 73  ARG A NH1 1 
ATOM   474  N NH2 . ARG A 1 72  ? -3.519  -6.831  -13.530 1.00 42.68 ? 73  ARG A NH2 1 
ATOM   475  N N   . GLU A 1 73  ? -3.773  -3.108  -18.367 1.00 41.62 ? 74  GLU A N   1 
ATOM   476  C CA  . GLU A 1 73  ? -3.867  -3.628  -19.721 1.00 44.08 ? 74  GLU A CA  1 
ATOM   477  C C   . GLU A 1 73  ? -2.502  -3.783  -20.388 1.00 43.80 ? 74  GLU A C   1 
ATOM   478  O O   . GLU A 1 73  ? -2.299  -4.697  -21.186 1.00 44.99 ? 74  GLU A O   1 
ATOM   479  C CB  . GLU A 1 73  ? -4.745  -2.716  -20.579 1.00 46.77 ? 74  GLU A CB  1 
ATOM   480  C CG  . GLU A 1 73  ? -4.150  -1.341  -20.834 1.00 53.27 ? 74  GLU A CG  1 
ATOM   481  C CD  . GLU A 1 73  ? -5.036  -0.461  -21.705 1.00 56.92 ? 74  GLU A CD  1 
ATOM   482  O OE1 . GLU A 1 73  ? -6.129  -0.063  -21.232 1.00 58.24 ? 74  GLU A OE1 1 
ATOM   483  O OE2 . GLU A 1 73  ? -4.641  -0.175  -22.863 1.00 58.70 ? 74  GLU A OE2 1 
ATOM   484  N N   . GLN A 1 74  ? -1.564  -2.905  -20.048 1.00 42.32 ? 75  GLN A N   1 
ATOM   485  C CA  . GLN A 1 74  ? -0.240  -2.942  -20.655 1.00 40.48 ? 75  GLN A CA  1 
ATOM   486  C C   . GLN A 1 74  ? 0.876   -3.510  -19.801 1.00 39.55 ? 75  GLN A C   1 
ATOM   487  O O   . GLN A 1 74  ? 1.916   -3.910  -20.325 1.00 40.63 ? 75  GLN A O   1 
ATOM   488  C CB  . GLN A 1 74  ? 0.127   -1.548  -21.143 1.00 40.95 ? 75  GLN A CB  1 
ATOM   489  C CG  . GLN A 1 74  ? -0.768  -1.125  -22.288 1.00 43.35 ? 75  GLN A CG  1 
ATOM   490  C CD  . GLN A 1 74  ? -0.520  0.290   -22.720 1.00 44.86 ? 75  GLN A CD  1 
ATOM   491  O OE1 . GLN A 1 74  ? 0.619   0.682   -22.962 1.00 47.34 ? 75  GLN A OE1 1 
ATOM   492  N NE2 . GLN A 1 74  ? -1.585  1.065   -22.842 1.00 46.84 ? 75  GLN A NE2 1 
ATOM   493  N N   . ARG A 1 75  ? 0.673   -3.544  -18.490 1.00 37.10 ? 76  ARG A N   1 
ATOM   494  C CA  . ARG A 1 75  ? 1.672   -4.102  -17.584 1.00 34.05 ? 76  ARG A CA  1 
ATOM   495  C C   . ARG A 1 75  ? 1.004   -5.159  -16.698 1.00 32.51 ? 76  ARG A C   1 
ATOM   496  O O   . ARG A 1 75  ? 1.122   -5.125  -15.474 1.00 32.52 ? 76  ARG A O   1 
ATOM   497  C CB  . ARG A 1 75  ? 2.290   -2.996  -16.711 1.00 33.06 ? 76  ARG A CB  1 
ATOM   498  C CG  . ARG A 1 75  ? 3.195   -2.007  -17.446 1.00 33.13 ? 76  ARG A CG  1 
ATOM   499  C CD  . ARG A 1 75  ? 4.434   -2.684  -18.031 1.00 34.73 ? 76  ARG A CD  1 
ATOM   500  N NE  . ARG A 1 75  ? 4.486   -2.488  -19.479 1.00 37.32 ? 76  ARG A NE  1 
ATOM   501  C CZ  . ARG A 1 75  ? 5.067   -1.460  -20.086 1.00 36.38 ? 76  ARG A CZ  1 
ATOM   502  N NH1 . ARG A 1 75  ? 5.035   -1.368  -21.405 1.00 36.27 ? 76  ARG A NH1 1 
ATOM   503  N NH2 . ARG A 1 75  ? 5.695   -0.536  -19.377 1.00 38.37 ? 76  ARG A NH2 1 
ATOM   504  N N   . PRO A 1 76  ? 0.321   -6.135  -17.318 1.00 31.12 ? 77  PRO A N   1 
ATOM   505  C CA  . PRO A 1 76  ? -0.360  -7.186  -16.557 1.00 30.59 ? 77  PRO A CA  1 
ATOM   506  C C   . PRO A 1 76  ? 0.521   -7.981  -15.586 1.00 30.48 ? 77  PRO A C   1 
ATOM   507  O O   . PRO A 1 76  ? 0.004   -8.635  -14.674 1.00 31.42 ? 77  PRO A O   1 
ATOM   508  C CB  . PRO A 1 76  ? -0.961  -8.062  -17.652 1.00 29.62 ? 77  PRO A CB  1 
ATOM   509  C CG  . PRO A 1 76  ? 0.035   -7.946  -18.751 1.00 29.97 ? 77  PRO A CG  1 
ATOM   510  C CD  . PRO A 1 76  ? 0.337   -6.463  -18.756 1.00 30.40 ? 77  PRO A CD  1 
ATOM   511  N N   . GLU A 1 77  ? 1.839   -7.921  -15.775 1.00 29.63 ? 78  GLU A N   1 
ATOM   512  C CA  . GLU A 1 77  ? 2.781   -8.645  -14.920 1.00 29.48 ? 78  GLU A CA  1 
ATOM   513  C C   . GLU A 1 77  ? 2.934   -7.963  -13.547 1.00 29.73 ? 78  GLU A C   1 
ATOM   514  O O   . GLU A 1 77  ? 3.341   -8.599  -12.573 1.00 29.82 ? 78  GLU A O   1 
ATOM   515  C CB  . GLU A 1 77  ? 4.154   -8.754  -15.609 1.00 28.00 ? 78  GLU A CB  1 
ATOM   516  C CG  . GLU A 1 77  ? 4.937   -7.435  -15.757 1.00 29.93 ? 78  GLU A CG  1 
ATOM   517  C CD  . GLU A 1 77  ? 4.447   -6.543  -16.902 1.00 30.82 ? 78  GLU A CD  1 
ATOM   518  O OE1 . GLU A 1 77  ? 3.258   -6.645  -17.282 1.00 30.96 ? 78  GLU A OE1 1 
ATOM   519  O OE2 . GLU A 1 77  ? 5.247   -5.719  -17.408 1.00 28.29 ? 78  GLU A OE2 1 
ATOM   520  N N   . LEU A 1 78  ? 2.591   -6.677  -13.468 1.00 28.03 ? 79  LEU A N   1 
ATOM   521  C CA  . LEU A 1 78  ? 2.681   -5.935  -12.213 1.00 28.61 ? 79  LEU A CA  1 
ATOM   522  C C   . LEU A 1 78  ? 1.374   -6.047  -11.424 1.00 29.04 ? 79  LEU A C   1 
ATOM   523  O O   . LEU A 1 78  ? 0.302   -6.165  -12.010 1.00 29.52 ? 79  LEU A O   1 
ATOM   524  C CB  . LEU A 1 78  ? 2.971   -4.454  -12.490 1.00 27.95 ? 79  LEU A CB  1 
ATOM   525  C CG  . LEU A 1 78  ? 4.285   -4.120  -13.195 1.00 28.82 ? 79  LEU A CG  1 
ATOM   526  C CD1 . LEU A 1 78  ? 4.375   -2.630  -13.469 1.00 28.41 ? 79  LEU A CD1 1 
ATOM   527  C CD2 . LEU A 1 78  ? 5.443   -4.574  -12.323 1.00 27.68 ? 79  LEU A CD2 1 
ATOM   528  N N   . CYS A 1 79  ? 1.461   -6.029  -10.097 1.00 29.15 ? 80  CYS A N   1 
ATOM   529  C CA  . CYS A 1 79  ? 0.270   -6.089  -9.255  1.00 28.11 ? 80  CYS A CA  1 
ATOM   530  C C   . CYS A 1 79  ? -0.065  -4.653  -8.861  1.00 28.38 ? 80  CYS A C   1 
ATOM   531  O O   . CYS A 1 79  ? 0.646   -4.044  -8.053  1.00 27.08 ? 80  CYS A O   1 
ATOM   532  C CB  . CYS A 1 79  ? 0.558   -6.914  -8.009  1.00 28.25 ? 80  CYS A CB  1 
ATOM   533  S SG  . CYS A 1 79  ? -0.868  -7.195  -6.939  1.00 30.93 ? 80  CYS A SG  1 
ATOM   534  N N   . VAL A 1 80  ? -1.158  -4.130  -9.417  1.00 28.43 ? 81  VAL A N   1 
ATOM   535  C CA  . VAL A 1 80  ? -1.582  -2.749  -9.172  1.00 28.60 ? 81  VAL A CA  1 
ATOM   536  C C   . VAL A 1 80  ? -2.855  -2.584  -8.322  1.00 29.31 ? 81  VAL A C   1 
ATOM   537  O O   . VAL A 1 80  ? -3.907  -3.136  -8.641  1.00 29.00 ? 81  VAL A O   1 
ATOM   538  C CB  . VAL A 1 80  ? -1.786  -2.006  -10.525 1.00 28.07 ? 81  VAL A CB  1 
ATOM   539  C CG1 . VAL A 1 80  ? -2.111  -0.537  -10.286 1.00 26.95 ? 81  VAL A CG1 1 
ATOM   540  C CG2 . VAL A 1 80  ? -0.525  -2.142  -11.377 1.00 27.09 ? 81  VAL A CG2 1 
ATOM   541  N N   . GLY A 1 81  ? -2.744  -1.808  -7.241  1.00 29.35 ? 82  GLY A N   1 
ATOM   542  C CA  . GLY A 1 81  ? -3.876  -1.553  -6.365  1.00 26.75 ? 82  GLY A CA  1 
ATOM   543  C C   . GLY A 1 81  ? -4.184  -0.072  -6.338  1.00 26.63 ? 82  GLY A C   1 
ATOM   544  O O   . GLY A 1 81  ? -3.388  0.740   -6.819  1.00 27.89 ? 82  GLY A O   1 
ATOM   545  N N   . ALA A 1 82  ? -5.335  0.292   -5.784  1.00 25.80 ? 83  ALA A N   1 
ATOM   546  C CA  . ALA A 1 82  ? -5.721  1.703   -5.717  1.00 24.73 ? 83  ALA A CA  1 
ATOM   547  C C   . ALA A 1 82  ? -5.686  2.209   -4.286  1.00 23.87 ? 83  ALA A C   1 
ATOM   548  O O   . ALA A 1 82  ? -5.899  1.442   -3.356  1.00 24.45 ? 83  ALA A O   1 
ATOM   549  C CB  . ALA A 1 82  ? -7.120  1.891   -6.305  1.00 25.63 ? 83  ALA A CB  1 
ATOM   550  N N   . GLY A 1 83  ? -5.412  3.499   -4.118  1.00 23.64 ? 84  GLY A N   1 
ATOM   551  C CA  . GLY A 1 83  ? -5.359  4.080   -2.792  1.00 23.65 ? 84  GLY A CA  1 
ATOM   552  C C   . GLY A 1 83  ? -6.100  5.402   -2.696  1.00 26.47 ? 84  GLY A C   1 
ATOM   553  O O   . GLY A 1 83  ? -6.516  5.976   -3.709  1.00 26.24 ? 84  GLY A O   1 
ATOM   554  N N   . THR A 1 84  ? -6.255  5.886   -1.466  1.00 27.29 ? 85  THR A N   1 
ATOM   555  C CA  . THR A 1 84  ? -6.947  7.142   -1.180  1.00 27.81 ? 85  THR A CA  1 
ATOM   556  C C   . THR A 1 84  ? -8.410  7.071   -1.605  1.00 28.63 ? 85  THR A C   1 
ATOM   557  O O   . THR A 1 84  ? -8.962  8.023   -2.164  1.00 28.94 ? 85  THR A O   1 
ATOM   558  C CB  . THR A 1 84  ? -6.264  8.333   -1.876  1.00 27.99 ? 85  THR A CB  1 
ATOM   559  O OG1 . THR A 1 84  ? -4.865  8.310   -1.578  1.00 29.42 ? 85  THR A OG1 1 
ATOM   560  C CG2 . THR A 1 84  ? -6.832  9.642   -1.366  1.00 27.85 ? 85  THR A CG2 1 
ATOM   561  N N   . VAL A 1 85  ? -9.017  5.916   -1.349  1.00 29.25 ? 86  VAL A N   1 
ATOM   562  C CA  . VAL A 1 85  ? -10.421 5.684   -1.647  1.00 30.34 ? 86  VAL A CA  1 
ATOM   563  C C   . VAL A 1 85  ? -11.162 6.165   -0.413  1.00 31.10 ? 86  VAL A C   1 
ATOM   564  O O   . VAL A 1 85  ? -11.105 5.524   0.632   1.00 29.73 ? 86  VAL A O   1 
ATOM   565  C CB  . VAL A 1 85  ? -10.685 4.190   -1.873  1.00 30.62 ? 86  VAL A CB  1 
ATOM   566  C CG1 . VAL A 1 85  ? -12.178 3.908   -1.818  1.00 32.20 ? 86  VAL A CG1 1 
ATOM   567  C CG2 . VAL A 1 85  ? -10.114 3.761   -3.216  1.00 30.57 ? 86  VAL A CG2 1 
ATOM   568  N N   . LEU A 1 86  ? -11.847 7.298   -0.533  1.00 33.56 ? 87  LEU A N   1 
ATOM   569  C CA  . LEU A 1 86  ? -12.545 7.883   0.611   1.00 35.23 ? 87  LEU A CA  1 
ATOM   570  C C   . LEU A 1 86  ? -14.016 7.509   0.806   1.00 36.97 ? 87  LEU A C   1 
ATOM   571  O O   . LEU A 1 86  ? -14.579 7.793   1.860   1.00 37.44 ? 87  LEU A O   1 
ATOM   572  C CB  . LEU A 1 86  ? -12.422 9.400   0.565   1.00 33.01 ? 87  LEU A CB  1 
ATOM   573  C CG  . LEU A 1 86  ? -11.007 9.942   0.362   1.00 33.90 ? 87  LEU A CG  1 
ATOM   574  C CD1 . LEU A 1 86  ? -11.071 11.456  0.389   1.00 33.90 ? 87  LEU A CD1 1 
ATOM   575  C CD2 . LEU A 1 86  ? -10.056 9.428   1.440   1.00 32.35 ? 87  LEU A CD2 1 
ATOM   576  N N   . ASP A 1 87  ? -14.646 6.890   -0.190  1.00 39.21 ? 88  ASP A N   1 
ATOM   577  C CA  . ASP A 1 87  ? -16.039 6.484   -0.040  1.00 40.79 ? 88  ASP A CA  1 
ATOM   578  C C   . ASP A 1 87  ? -16.421 5.266   -0.872  1.00 41.00 ? 88  ASP A C   1 
ATOM   579  O O   . ASP A 1 87  ? -15.640 4.796   -1.690  1.00 39.44 ? 88  ASP A O   1 
ATOM   580  C CB  . ASP A 1 87  ? -16.990 7.667   -0.310  1.00 43.35 ? 88  ASP A CB  1 
ATOM   581  C CG  . ASP A 1 87  ? -16.770 8.323   -1.663  1.00 45.75 ? 88  ASP A CG  1 
ATOM   582  O OD1 . ASP A 1 87  ? -16.945 7.643   -2.696  1.00 47.39 ? 88  ASP A OD1 1 
ATOM   583  O OD2 . ASP A 1 87  ? -16.433 9.528   -1.686  1.00 46.58 ? 88  ASP A OD2 1 
ATOM   584  N N   . ARG A 1 88  ? -17.623 4.750   -0.635  1.00 43.86 ? 89  ARG A N   1 
ATOM   585  C CA  . ARG A 1 88  ? -18.114 3.574   -1.338  1.00 47.00 ? 89  ARG A CA  1 
ATOM   586  C C   . ARG A 1 88  ? -18.187 3.830   -2.843  1.00 47.40 ? 89  ARG A C   1 
ATOM   587  O O   . ARG A 1 88  ? -18.002 2.915   -3.644  1.00 48.38 ? 89  ARG A O   1 
ATOM   588  C CB  . ARG A 1 88  ? -19.490 3.164   -0.786  1.00 50.01 ? 89  ARG A CB  1 
ATOM   589  C CG  . ARG A 1 88  ? -20.637 4.111   -1.143  1.00 56.92 ? 89  ARG A CG  1 
ATOM   590  C CD  . ARG A 1 88  ? -20.359 5.552   -0.714  1.00 61.70 ? 89  ARG A CD  1 
ATOM   591  N NE  . ARG A 1 88  ? -21.177 6.520   -1.444  1.00 65.08 ? 89  ARG A NE  1 
ATOM   592  C CZ  . ARG A 1 88  ? -21.067 7.838   -1.310  1.00 66.86 ? 89  ARG A CZ  1 
ATOM   593  N NH1 . ARG A 1 88  ? -21.849 8.642   -2.018  1.00 68.36 ? 89  ARG A NH1 1 
ATOM   594  N NH2 . ARG A 1 88  ? -20.175 8.350   -0.467  1.00 67.04 ? 89  ARG A NH2 1 
ATOM   595  N N   . SER A 1 89  ? -18.431 5.080   -3.225  1.00 46.71 ? 90  SER A N   1 
ATOM   596  C CA  . SER A 1 89  ? -18.514 5.460   -4.630  1.00 46.36 ? 90  SER A CA  1 
ATOM   597  C C   . SER A 1 89  ? -17.151 5.274   -5.312  1.00 45.24 ? 90  SER A C   1 
ATOM   598  O O   . SER A 1 89  ? -17.058 4.647   -6.369  1.00 44.11 ? 90  SER A O   1 
ATOM   599  C CB  . SER A 1 89  ? -18.987 6.917   -4.735  1.00 49.53 ? 90  SER A CB  1 
ATOM   600  O OG  . SER A 1 89  ? -19.246 7.298   -6.080  1.00 51.84 ? 90  SER A OG  1 
ATOM   601  N N   . MET A 1 90  ? -16.099 5.817   -4.698  1.00 43.57 ? 91  MET A N   1 
ATOM   602  C CA  . MET A 1 90  ? -14.737 5.691   -5.233  1.00 42.42 ? 91  MET A CA  1 
ATOM   603  C C   . MET A 1 90  ? -14.283 4.233   -5.200  1.00 41.07 ? 91  MET A C   1 
ATOM   604  O O   . MET A 1 90  ? -13.541 3.784   -6.071  1.00 40.36 ? 91  MET A O   1 
ATOM   605  C CB  . MET A 1 90  ? -13.738 6.495   -4.401  1.00 42.95 ? 91  MET A CB  1 
ATOM   606  C CG  . MET A 1 90  ? -13.820 7.995   -4.550  1.00 43.16 ? 91  MET A CG  1 
ATOM   607  S SD  . MET A 1 90  ? -12.650 8.782   -3.436  1.00 44.49 ? 91  MET A SD  1 
ATOM   608  C CE  . MET A 1 90  ? -13.469 10.342  -3.106  1.00 44.96 ? 91  MET A CE  1 
ATOM   609  N N   . PHE A 1 91  ? -14.717 3.510   -4.174  1.00 39.11 ? 92  PHE A N   1 
ATOM   610  C CA  . PHE A 1 91  ? -14.352 2.120   -4.015  1.00 37.38 ? 92  PHE A CA  1 
ATOM   611  C C   . PHE A 1 91  ? -14.882 1.348   -5.207  1.00 37.28 ? 92  PHE A C   1 
ATOM   612  O O   . PHE A 1 91  ? -14.184 0.516   -5.771  1.00 39.35 ? 92  PHE A O   1 
ATOM   613  C CB  . PHE A 1 91  ? -14.944 1.571   -2.713  1.00 35.98 ? 92  PHE A CB  1 
ATOM   614  C CG  . PHE A 1 91  ? -14.329 0.272   -2.259  1.00 33.85 ? 92  PHE A CG  1 
ATOM   615  C CD1 . PHE A 1 91  ? -14.468 -0.888  -3.007  1.00 33.38 ? 92  PHE A CD1 1 
ATOM   616  C CD2 . PHE A 1 91  ? -13.601 0.212   -1.081  1.00 34.69 ? 92  PHE A CD2 1 
ATOM   617  C CE1 . PHE A 1 91  ? -13.891 -2.089  -2.584  1.00 32.81 ? 92  PHE A CE1 1 
ATOM   618  C CE2 . PHE A 1 91  ? -13.023 -0.987  -0.653  1.00 34.03 ? 92  PHE A CE2 1 
ATOM   619  C CZ  . PHE A 1 91  ? -13.172 -2.135  -1.410  1.00 33.12 ? 92  PHE A CZ  1 
ATOM   620  N N   . ALA A 1 92  ? -16.123 1.630   -5.588  1.00 36.61 ? 93  ALA A N   1 
ATOM   621  C CA  . ALA A 1 92  ? -16.753 0.953   -6.715  1.00 35.55 ? 93  ALA A CA  1 
ATOM   622  C C   . ALA A 1 92  ? -16.036 1.290   -8.023  1.00 36.23 ? 93  ALA A C   1 
ATOM   623  O O   . ALA A 1 92  ? -15.845 0.411   -8.875  1.00 36.11 ? 93  ALA A O   1 
ATOM   624  C CB  . ALA A 1 92  ? -18.212 1.347   -6.807  1.00 33.70 ? 93  ALA A CB  1 
ATOM   625  N N   . ALA A 1 93  ? -15.630 2.551   -8.172  1.00 35.18 ? 94  ALA A N   1 
ATOM   626  C CA  . ALA A 1 93  ? -14.932 3.015   -9.372  1.00 34.60 ? 94  ALA A CA  1 
ATOM   627  C C   . ALA A 1 93  ? -13.633 2.249   -9.608  1.00 35.45 ? 94  ALA A C   1 
ATOM   628  O O   . ALA A 1 93  ? -13.472 1.595   -10.637 1.00 35.42 ? 94  ALA A O   1 
ATOM   629  C CB  . ALA A 1 93  ? -14.645 4.507   -9.253  1.00 32.51 ? 94  ALA A CB  1 
ATOM   630  N N   . VAL A 1 94  ? -12.712 2.333   -8.651  1.00 36.58 ? 95  VAL A N   1 
ATOM   631  C CA  . VAL A 1 94  ? -11.438 1.638   -8.770  1.00 36.51 ? 95  VAL A CA  1 
ATOM   632  C C   . VAL A 1 94  ? -11.634 0.156   -9.053  1.00 37.72 ? 95  VAL A C   1 
ATOM   633  O O   . VAL A 1 94  ? -10.883 -0.430  -9.827  1.00 39.10 ? 95  VAL A O   1 
ATOM   634  C CB  . VAL A 1 94  ? -10.570 1.766   -7.493  1.00 34.51 ? 95  VAL A CB  1 
ATOM   635  C CG1 . VAL A 1 94  ? -10.173 3.217   -7.277  1.00 33.19 ? 95  VAL A CG1 1 
ATOM   636  C CG2 . VAL A 1 94  ? -11.321 1.236   -6.292  1.00 33.15 ? 95  VAL A CG2 1 
ATOM   637  N N   . GLU A 1 95  ? -12.641 -0.456  -8.439  1.00 38.55 ? 96  GLU A N   1 
ATOM   638  C CA  . GLU A 1 95  ? -12.878 -1.876  -8.647  1.00 40.01 ? 96  GLU A CA  1 
ATOM   639  C C   . GLU A 1 95  ? -13.165 -2.187  -10.115 1.00 39.90 ? 96  GLU A C   1 
ATOM   640  O O   . GLU A 1 95  ? -12.741 -3.220  -10.634 1.00 39.61 ? 96  GLU A O   1 
ATOM   641  C CB  . GLU A 1 95  ? -14.030 -2.353  -7.762  1.00 42.01 ? 96  GLU A CB  1 
ATOM   642  C CG  . GLU A 1 95  ? -14.101 -3.872  -7.658  1.00 46.41 ? 96  GLU A CG  1 
ATOM   643  C CD  . GLU A 1 95  ? -14.907 -4.363  -6.467  1.00 49.52 ? 96  GLU A CD  1 
ATOM   644  O OE1 . GLU A 1 95  ? -14.959 -5.603  -6.250  1.00 51.14 ? 96  GLU A OE1 1 
ATOM   645  O OE2 . GLU A 1 95  ? -15.492 -3.511  -5.750  1.00 49.87 ? 96  GLU A OE2 1 
ATOM   646  N N   . ALA A 1 96  ? -13.879 -1.281  -10.777 1.00 39.49 ? 97  ALA A N   1 
ATOM   647  C CA  . ALA A 1 96  ? -14.221 -1.441  -12.186 1.00 37.73 ? 97  ALA A CA  1 
ATOM   648  C C   . ALA A 1 96  ? -13.010 -1.117  -13.055 1.00 37.65 ? 97  ALA A C   1 
ATOM   649  O O   . ALA A 1 96  ? -12.823 -1.699  -14.123 1.00 38.35 ? 97  ALA A O   1 
ATOM   650  C CB  . ALA A 1 96  ? -15.386 -0.520  -12.547 1.00 36.56 ? 97  ALA A CB  1 
ATOM   651  N N   . ALA A 1 97  ? -12.194 -0.177  -12.591 1.00 36.72 ? 98  ALA A N   1 
ATOM   652  C CA  . ALA A 1 97  ? -10.997 0.226   -13.319 1.00 34.59 ? 98  ALA A CA  1 
ATOM   653  C C   . ALA A 1 97  ? -10.014 -0.941  -13.430 1.00 34.13 ? 98  ALA A C   1 
ATOM   654  O O   . ALA A 1 97  ? -9.161  -0.955  -14.316 1.00 34.09 ? 98  ALA A O   1 
ATOM   655  C CB  . ALA A 1 97  ? -10.336 1.411   -12.617 1.00 34.81 ? 98  ALA A CB  1 
ATOM   656  N N   . GLY A 1 98  ? -10.130 -1.912  -12.524 1.00 32.81 ? 99  GLY A N   1 
ATOM   657  C CA  . GLY A 1 98  ? -9.247  -3.062  -12.571 1.00 32.13 ? 99  GLY A CA  1 
ATOM   658  C C   . GLY A 1 98  ? -8.252  -3.208  -11.429 1.00 33.76 ? 99  GLY A C   1 
ATOM   659  O O   . GLY A 1 98  ? -7.366  -4.068  -11.501 1.00 34.78 ? 99  GLY A O   1 
ATOM   660  N N   . ALA A 1 99  ? -8.387  -2.391  -10.382 1.00 32.99 ? 100 ALA A N   1 
ATOM   661  C CA  . ALA A 1 99  ? -7.490  -2.462  -9.228  1.00 31.08 ? 100 ALA A CA  1 
ATOM   662  C C   . ALA A 1 99  ? -7.532  -3.867  -8.634  1.00 31.25 ? 100 ALA A C   1 
ATOM   663  O O   . ALA A 1 99  ? -8.594  -4.482  -8.577  1.00 31.94 ? 100 ALA A O   1 
ATOM   664  C CB  . ALA A 1 99  ? -7.910  -1.440  -8.192  1.00 30.41 ? 100 ALA A CB  1 
ATOM   665  N N   . GLN A 1 100 ? -6.378  -4.380  -8.214  1.00 31.04 ? 101 GLN A N   1 
ATOM   666  C CA  . GLN A 1 100 ? -6.305  -5.723  -7.642  1.00 30.15 ? 101 GLN A CA  1 
ATOM   667  C C   . GLN A 1 100 ? -6.504  -5.757  -6.127  1.00 29.48 ? 101 GLN A C   1 
ATOM   668  O O   . GLN A 1 100 ? -6.681  -6.817  -5.528  1.00 29.64 ? 101 GLN A O   1 
ATOM   669  C CB  . GLN A 1 100 ? -4.977  -6.381  -8.034  1.00 31.27 ? 101 GLN A CB  1 
ATOM   670  C CG  . GLN A 1 100 ? -4.964  -6.810  -9.486  1.00 33.44 ? 101 GLN A CG  1 
ATOM   671  C CD  . GLN A 1 100 ? -3.599  -7.203  -9.986  1.00 35.63 ? 101 GLN A CD  1 
ATOM   672  O OE1 . GLN A 1 100 ? -2.756  -6.350  -10.256 1.00 37.88 ? 101 GLN A OE1 1 
ATOM   673  N NE2 . GLN A 1 100 ? -3.361  -8.505  -10.096 1.00 38.52 ? 101 GLN A NE2 1 
ATOM   674  N N   . PHE A 1 101 ? -6.469  -4.582  -5.516  1.00 28.67 ? 102 PHE A N   1 
ATOM   675  C CA  . PHE A 1 101 ? -6.682  -4.440  -4.085  1.00 27.23 ? 102 PHE A CA  1 
ATOM   676  C C   . PHE A 1 101 ? -6.877  -2.958  -3.803  1.00 26.54 ? 102 PHE A C   1 
ATOM   677  O O   . PHE A 1 101 ? -6.485  -2.107  -4.605  1.00 25.90 ? 102 PHE A O   1 
ATOM   678  C CB  . PHE A 1 101 ? -5.503  -4.987  -3.270  1.00 26.21 ? 102 PHE A CB  1 
ATOM   679  C CG  . PHE A 1 101 ? -4.212  -4.256  -3.490  1.00 27.81 ? 102 PHE A CG  1 
ATOM   680  C CD1 . PHE A 1 101 ? -3.417  -4.539  -4.593  1.00 28.98 ? 102 PHE A CD1 1 
ATOM   681  C CD2 . PHE A 1 101 ? -3.788  -3.290  -2.586  1.00 28.61 ? 102 PHE A CD2 1 
ATOM   682  C CE1 . PHE A 1 101 ? -2.213  -3.870  -4.799  1.00 28.49 ? 102 PHE A CE1 1 
ATOM   683  C CE2 . PHE A 1 101 ? -2.587  -2.613  -2.783  1.00 28.45 ? 102 PHE A CE2 1 
ATOM   684  C CZ  . PHE A 1 101 ? -1.801  -2.905  -3.890  1.00 30.36 ? 102 PHE A CZ  1 
ATOM   685  N N   . VAL A 1 102 ? -7.495  -2.654  -2.668  1.00 24.76 ? 103 VAL A N   1 
ATOM   686  C CA  . VAL A 1 102 ? -7.766  -1.276  -2.292  1.00 24.24 ? 103 VAL A CA  1 
ATOM   687  C C   . VAL A 1 102 ? -7.139  -0.930  -0.949  1.00 24.16 ? 103 VAL A C   1 
ATOM   688  O O   . VAL A 1 102 ? -7.090  -1.757  -0.038  1.00 24.45 ? 103 VAL A O   1 
ATOM   689  C CB  . VAL A 1 102 ? -9.283  -1.017  -2.210  1.00 24.47 ? 103 VAL A CB  1 
ATOM   690  C CG1 . VAL A 1 102 ? -9.545  0.436   -1.868  1.00 23.05 ? 103 VAL A CG1 1 
ATOM   691  C CG2 . VAL A 1 102 ? -9.940  -1.387  -3.528  1.00 24.87 ? 103 VAL A CG2 1 
ATOM   692  N N   . VAL A 1 103 ? -6.671  0.309   -0.848  1.00 24.26 ? 104 VAL A N   1 
ATOM   693  C CA  . VAL A 1 103 ? -6.028  0.851   0.346   1.00 23.33 ? 104 VAL A CA  1 
ATOM   694  C C   . VAL A 1 103 ? -6.682  2.181   0.707   1.00 24.23 ? 104 VAL A C   1 
ATOM   695  O O   . VAL A 1 103 ? -7.058  2.936   -0.188  1.00 26.75 ? 104 VAL A O   1 
ATOM   696  C CB  . VAL A 1 103 ? -4.535  1.125   0.088   1.00 22.54 ? 104 VAL A CB  1 
ATOM   697  C CG1 . VAL A 1 103 ? -3.896  1.676   1.343   1.00 21.11 ? 104 VAL A CG1 1 
ATOM   698  C CG2 . VAL A 1 103 ? -3.829  -0.150  -0.369  1.00 21.90 ? 104 VAL A CG2 1 
ATOM   699  N N   . THR A 1 104 ? -6.819  2.464   2.004   1.00 22.06 ? 105 THR A N   1 
ATOM   700  C CA  . THR A 1 104 ? -7.406  3.726   2.485   1.00 20.14 ? 105 THR A CA  1 
ATOM   701  C C   . THR A 1 104 ? -6.532  4.326   3.594   1.00 20.68 ? 105 THR A C   1 
ATOM   702  O O   . THR A 1 104 ? -5.783  3.599   4.263   1.00 20.97 ? 105 THR A O   1 
ATOM   703  C CB  . THR A 1 104 ? -8.823  3.529   3.093   1.00 19.32 ? 105 THR A CB  1 
ATOM   704  O OG1 . THR A 1 104 ? -8.747  2.605   4.188   1.00 18.91 ? 105 THR A OG1 1 
ATOM   705  C CG2 . THR A 1 104 ? -9.803  3.012   2.046   1.00 19.03 ? 105 THR A CG2 1 
ATOM   706  N N   . PRO A 1 105 ? -6.600  5.660   3.785   1.00 20.18 ? 106 PRO A N   1 
ATOM   707  C CA  . PRO A 1 105 ? -5.821  6.348   4.825   1.00 19.31 ? 106 PRO A CA  1 
ATOM   708  C C   . PRO A 1 105 ? -6.411  6.140   6.231   1.00 20.25 ? 106 PRO A C   1 
ATOM   709  O O   . PRO A 1 105 ? -5.710  6.250   7.239   1.00 19.85 ? 106 PRO A O   1 
ATOM   710  C CB  . PRO A 1 105 ? -5.885  7.809   4.393   1.00 18.94 ? 106 PRO A CB  1 
ATOM   711  C CG  . PRO A 1 105 ? -7.204  7.902   3.696   1.00 19.75 ? 106 PRO A CG  1 
ATOM   712  C CD  . PRO A 1 105 ? -7.210  6.639   2.863   1.00 20.07 ? 106 PRO A CD  1 
ATOM   713  N N   . GLY A 1 106 ? -7.712  5.860   6.271   1.00 20.28 ? 107 GLY A N   1 
ATOM   714  C CA  . GLY A 1 106 ? -8.424  5.647   7.516   1.00 21.90 ? 107 GLY A CA  1 
ATOM   715  C C   . GLY A 1 106 ? -9.659  4.813   7.244   1.00 23.47 ? 107 GLY A C   1 
ATOM   716  O O   . GLY A 1 106 ? -9.855  4.349   6.119   1.00 22.11 ? 107 GLY A O   1 
ATOM   717  N N   . ILE A 1 107 ? -10.503 4.626   8.254   1.00 24.97 ? 108 ILE A N   1 
ATOM   718  C CA  . ILE A 1 107 ? -11.708 3.812   8.083   1.00 26.94 ? 108 ILE A CA  1 
ATOM   719  C C   . ILE A 1 107 ? -13.024 4.499   8.465   1.00 28.07 ? 108 ILE A C   1 
ATOM   720  O O   . ILE A 1 107 ? -13.049 5.461   9.220   1.00 27.33 ? 108 ILE A O   1 
ATOM   721  C CB  . ILE A 1 107 ? -11.640 2.534   8.946   1.00 26.51 ? 108 ILE A CB  1 
ATOM   722  C CG1 . ILE A 1 107 ? -11.619 2.944   10.429  1.00 26.23 ? 108 ILE A CG1 1 
ATOM   723  C CG2 . ILE A 1 107 ? -10.412 1.707   8.582   1.00 25.81 ? 108 ILE A CG2 1 
ATOM   724  C CD1 . ILE A 1 107 ? -11.931 1.815   11.398  1.00 24.54 ? 108 ILE A CD1 1 
ATOM   725  N N   . THR A 1 108 ? -14.117 3.984   7.911   1.00 30.24 ? 109 THR A N   1 
ATOM   726  C CA  . THR A 1 108 ? -15.466 4.441   8.232   1.00 32.61 ? 109 THR A CA  1 
ATOM   727  C C   . THR A 1 108 ? -16.303 3.179   8.182   1.00 34.40 ? 109 THR A C   1 
ATOM   728  O O   . THR A 1 108 ? -15.868 2.161   7.645   1.00 34.43 ? 109 THR A O   1 
ATOM   729  C CB  . THR A 1 108 ? -16.057 5.463   7.226   1.00 30.44 ? 109 THR A CB  1 
ATOM   730  O OG1 . THR A 1 108 ? -16.100 4.875   5.929   1.00 32.75 ? 109 THR A OG1 1 
ATOM   731  C CG2 . THR A 1 108 ? -15.252 6.736   7.206   1.00 30.79 ? 109 THR A CG2 1 
ATOM   732  N N   . GLU A 1 109 ? -17.500 3.251   8.743   1.00 36.59 ? 110 GLU A N   1 
ATOM   733  C CA  . GLU A 1 109 ? -18.395 2.110   8.749   1.00 38.22 ? 110 GLU A CA  1 
ATOM   734  C C   . GLU A 1 109 ? -18.695 1.672   7.305   1.00 38.41 ? 110 GLU A C   1 
ATOM   735  O O   . GLU A 1 109 ? -18.607 0.491   6.984   1.00 37.58 ? 110 GLU A O   1 
ATOM   736  C CB  . GLU A 1 109 ? -19.675 2.491   9.501   1.00 40.72 ? 110 GLU A CB  1 
ATOM   737  C CG  . GLU A 1 109 ? -20.591 1.331   9.867   1.00 43.55 ? 110 GLU A CG  1 
ATOM   738  C CD  . GLU A 1 109 ? -19.829 0.138   10.425  1.00 45.16 ? 110 GLU A CD  1 
ATOM   739  O OE1 . GLU A 1 109 ? -18.955 0.288   11.283  1.00 45.52 ? 110 GLU A OE1 1 
ATOM   740  O OE2 . GLU A 1 109 ? -20.174 -1.059  9.955   1.00 45.64 ? 110 GLU A OE2 1 
ATOM   741  N N   . ASP A 1 110 ? -19.016 2.630   6.438   1.00 38.07 ? 111 ASP A N   1 
ATOM   742  C CA  . ASP A 1 110 ? -19.307 2.330   5.043   1.00 38.80 ? 111 ASP A CA  1 
ATOM   743  C C   . ASP A 1 110 ? -18.168 1.583   4.381   1.00 39.05 ? 111 ASP A C   1 
ATOM   744  O O   . ASP A 1 110 ? -18.308 0.421   3.999   1.00 41.82 ? 111 ASP A O   1 
ATOM   745  C CB  . ASP A 1 110 ? -19.569 3.610   4.252   1.00 42.52 ? 111 ASP A CB  1 
ATOM   746  C CG  . ASP A 1 110 ? -20.951 4.170   4.493   1.00 46.76 ? 111 ASP A CG  1 
ATOM   747  O OD1 . ASP A 1 110 ? -21.259 5.251   3.934   1.00 50.35 ? 111 ASP A OD1 1 
ATOM   748  O OD2 . ASP A 1 110 ? -21.729 3.531   5.241   1.00 47.73 ? 111 ASP A OD2 1 
ATOM   749  N N   . ILE A 1 111 ? -17.038 2.252   4.230   1.00 37.05 ? 112 ILE A N   1 
ATOM   750  C CA  . ILE A 1 111 ? -15.886 1.627   3.609   1.00 35.35 ? 112 ILE A CA  1 
ATOM   751  C C   . ILE A 1 111 ? -15.628 0.202   4.084   1.00 34.34 ? 112 ILE A C   1 
ATOM   752  O O   . ILE A 1 111 ? -15.384 -0.677  3.269   1.00 34.45 ? 112 ILE A O   1 
ATOM   753  C CB  . ILE A 1 111 ? -14.638 2.465   3.854   1.00 36.01 ? 112 ILE A CB  1 
ATOM   754  C CG1 . ILE A 1 111 ? -14.640 3.642   2.889   1.00 36.23 ? 112 ILE A CG1 1 
ATOM   755  C CG2 . ILE A 1 111 ? -13.393 1.610   3.714   1.00 33.75 ? 112 ILE A CG2 1 
ATOM   756  C CD1 . ILE A 1 111 ? -13.509 4.593   3.108   1.00 39.54 ? 112 ILE A CD1 1 
ATOM   757  N N   . LEU A 1 112 ? -15.685 -0.019  5.395   1.00 33.27 ? 113 LEU A N   1 
ATOM   758  C CA  . LEU A 1 112 ? -15.440 -1.345  5.937   1.00 33.37 ? 113 LEU A CA  1 
ATOM   759  C C   . LEU A 1 112 ? -16.444 -2.376  5.431   1.00 35.13 ? 113 LEU A C   1 
ATOM   760  O O   . LEU A 1 112 ? -16.091 -3.528  5.191   1.00 34.72 ? 113 LEU A O   1 
ATOM   761  C CB  . LEU A 1 112 ? -15.444 -1.321  7.469   1.00 32.44 ? 113 LEU A CB  1 
ATOM   762  C CG  . LEU A 1 112 ? -14.263 -0.633  8.153   1.00 30.60 ? 113 LEU A CG  1 
ATOM   763  C CD1 . LEU A 1 112 ? -14.373 -0.813  9.659   1.00 30.48 ? 113 LEU A CD1 1 
ATOM   764  C CD2 . LEU A 1 112 ? -12.952 -1.221  7.643   1.00 30.94 ? 113 LEU A CD2 1 
ATOM   765  N N   . GLU A 1 113 ? -17.697 -1.970  5.277   1.00 35.64 ? 114 GLU A N   1 
ATOM   766  C CA  . GLU A 1 113 ? -18.696 -2.883  4.769   1.00 36.96 ? 114 GLU A CA  1 
ATOM   767  C C   . GLU A 1 113 ? -18.490 -3.039  3.254   1.00 35.35 ? 114 GLU A C   1 
ATOM   768  O O   . GLU A 1 113 ? -18.706 -4.118  2.698   1.00 34.92 ? 114 GLU A O   1 
ATOM   769  C CB  . GLU A 1 113 ? -20.111 -2.372  5.110   1.00 40.13 ? 114 GLU A CB  1 
ATOM   770  C CG  . GLU A 1 113 ? -20.360 -2.257  6.626   1.00 47.51 ? 114 GLU A CG  1 
ATOM   771  C CD  . GLU A 1 113 ? -21.763 -1.772  6.998   1.00 52.57 ? 114 GLU A CD  1 
ATOM   772  O OE1 . GLU A 1 113 ? -22.234 -0.763  6.417   1.00 54.20 ? 114 GLU A OE1 1 
ATOM   773  O OE2 . GLU A 1 113 ? -22.391 -2.392  7.895   1.00 55.37 ? 114 GLU A OE2 1 
ATOM   774  N N   . ALA A 1 114 ? -18.040 -1.975  2.595   1.00 33.52 ? 115 ALA A N   1 
ATOM   775  C CA  . ALA A 1 114 ? -17.796 -2.024  1.150   1.00 32.08 ? 115 ALA A CA  1 
ATOM   776  C C   . ALA A 1 114 ? -16.737 -3.079  0.828   1.00 33.00 ? 115 ALA A C   1 
ATOM   777  O O   . ALA A 1 114 ? -16.814 -3.751  -0.200  1.00 32.91 ? 115 ALA A O   1 
ATOM   778  C CB  . ALA A 1 114 ? -17.340 -0.652  0.643   1.00 29.32 ? 115 ALA A CB  1 
ATOM   779  N N   . GLY A 1 115 ? -15.759 -3.228  1.720   1.00 33.33 ? 116 GLY A N   1 
ATOM   780  C CA  . GLY A 1 115 ? -14.706 -4.202  1.509   1.00 33.53 ? 116 GLY A CA  1 
ATOM   781  C C   . GLY A 1 115 ? -15.165 -5.620  1.789   1.00 34.80 ? 116 GLY A C   1 
ATOM   782  O O   . GLY A 1 115 ? -14.518 -6.574  1.360   1.00 35.05 ? 116 GLY A O   1 
ATOM   783  N N   . VAL A 1 116 ? -16.273 -5.759  2.515   1.00 35.89 ? 117 VAL A N   1 
ATOM   784  C CA  . VAL A 1 116 ? -16.818 -7.070  2.832   1.00 37.29 ? 117 VAL A CA  1 
ATOM   785  C C   . VAL A 1 116 ? -17.600 -7.596  1.631   1.00 39.01 ? 117 VAL A C   1 
ATOM   786  O O   . VAL A 1 116 ? -17.626 -8.795  1.383   1.00 38.44 ? 117 VAL A O   1 
ATOM   787  C CB  . VAL A 1 116 ? -17.750 -7.005  4.066   1.00 37.93 ? 117 VAL A CB  1 
ATOM   788  C CG1 . VAL A 1 116 ? -18.244 -8.399  4.420   1.00 38.90 ? 117 VAL A CG1 1 
ATOM   789  C CG2 . VAL A 1 116 ? -17.017 -6.393  5.252   1.00 37.09 ? 117 VAL A CG2 1 
ATOM   790  N N   . ASP A 1 117 ? -18.214 -6.686  0.878   1.00 41.43 ? 118 ASP A N   1 
ATOM   791  C CA  . ASP A 1 117 ? -18.992 -7.061  -0.296  1.00 44.02 ? 118 ASP A CA  1 
ATOM   792  C C   . ASP A 1 117 ? -18.156 -7.102  -1.573  1.00 45.04 ? 118 ASP A C   1 
ATOM   793  O O   . ASP A 1 117 ? -18.545 -7.734  -2.554  1.00 45.51 ? 118 ASP A O   1 
ATOM   794  C CB  . ASP A 1 117 ? -20.154 -6.082  -0.532  1.00 46.39 ? 118 ASP A CB  1 
ATOM   795  C CG  . ASP A 1 117 ? -21.007 -5.860  0.699   1.00 48.74 ? 118 ASP A CG  1 
ATOM   796  O OD1 . ASP A 1 117 ? -21.188 -6.819  1.490   1.00 49.92 ? 118 ASP A OD1 1 
ATOM   797  O OD2 . ASP A 1 117 ? -21.516 -4.722  0.864   1.00 49.57 ? 118 ASP A OD2 1 
ATOM   798  N N   . SER A 1 118 ? -17.021 -6.410  -1.577  1.00 45.53 ? 119 SER A N   1 
ATOM   799  C CA  . SER A 1 118 ? -16.167 -6.364  -2.766  1.00 46.55 ? 119 SER A CA  1 
ATOM   800  C C   . SER A 1 118 ? -15.524 -7.707  -3.086  1.00 46.51 ? 119 SER A C   1 
ATOM   801  O O   . SER A 1 118 ? -15.469 -8.606  -2.249  1.00 45.60 ? 119 SER A O   1 
ATOM   802  C CB  . SER A 1 118 ? -15.061 -5.325  -2.591  1.00 47.48 ? 119 SER A CB  1 
ATOM   803  O OG  . SER A 1 118 ? -14.091 -5.784  -1.664  1.00 50.36 ? 119 SER A OG  1 
ATOM   804  N N   . GLU A 1 119 ? -15.024 -7.823  -4.310  1.00 46.67 ? 120 GLU A N   1 
ATOM   805  C CA  . GLU A 1 119 ? -14.382 -9.046  -4.758  1.00 47.04 ? 120 GLU A CA  1 
ATOM   806  C C   . GLU A 1 119 ? -12.884 -8.963  -4.473  1.00 44.88 ? 120 GLU A C   1 
ATOM   807  O O   . GLU A 1 119 ? -12.245 -9.960  -4.153  1.00 44.55 ? 120 GLU A O   1 
ATOM   808  C CB  . GLU A 1 119 ? -14.614 -9.236  -6.258  1.00 50.53 ? 120 GLU A CB  1 
ATOM   809  C CG  . GLU A 1 119 ? -14.967 -10.666 -6.644  1.00 55.40 ? 120 GLU A CG  1 
ATOM   810  C CD  . GLU A 1 119 ? -16.352 -11.072 -6.163  1.00 58.23 ? 120 GLU A CD  1 
ATOM   811  O OE1 . GLU A 1 119 ? -17.349 -10.534 -6.705  1.00 59.60 ? 120 GLU A OE1 1 
ATOM   812  O OE2 . GLU A 1 119 ? -16.442 -11.925 -5.244  1.00 58.78 ? 120 GLU A OE2 1 
ATOM   813  N N   . ILE A 1 120 ? -12.330 -7.762  -4.601  1.00 42.29 ? 121 ILE A N   1 
ATOM   814  C CA  . ILE A 1 120 ? -10.913 -7.546  -4.352  1.00 38.53 ? 121 ILE A CA  1 
ATOM   815  C C   . ILE A 1 120 ? -10.715 -7.165  -2.889  1.00 37.78 ? 121 ILE A C   1 
ATOM   816  O O   . ILE A 1 120 ? -11.544 -6.470  -2.297  1.00 37.47 ? 121 ILE A O   1 
ATOM   817  C CB  . ILE A 1 120 ? -10.348 -6.432  -5.236  1.00 36.36 ? 121 ILE A CB  1 
ATOM   818  C CG1 . ILE A 1 120 ? -11.025 -5.112  -4.897  1.00 32.80 ? 121 ILE A CG1 1 
ATOM   819  C CG2 . ILE A 1 120 ? -10.578 -6.771  -6.709  1.00 34.98 ? 121 ILE A CG2 1 
ATOM   820  C CD1 . ILE A 1 120 ? -10.501 -3.951  -5.671  1.00 31.67 ? 121 ILE A CD1 1 
ATOM   821  N N   . PRO A 1 121 ? -9.602  -7.610  -2.286  1.00 36.61 ? 122 PRO A N   1 
ATOM   822  C CA  . PRO A 1 121 ? -9.306  -7.317  -0.882  1.00 35.21 ? 122 PRO A CA  1 
ATOM   823  C C   . PRO A 1 121 ? -9.041  -5.841  -0.574  1.00 34.51 ? 122 PRO A C   1 
ATOM   824  O O   . PRO A 1 121 ? -8.636  -5.076  -1.445  1.00 35.56 ? 122 PRO A O   1 
ATOM   825  C CB  . PRO A 1 121 ? -8.097  -8.204  -0.602  1.00 35.92 ? 122 PRO A CB  1 
ATOM   826  C CG  . PRO A 1 121 ? -7.385  -8.220  -1.918  1.00 36.04 ? 122 PRO A CG  1 
ATOM   827  C CD  . PRO A 1 121 ? -8.506  -8.375  -2.910  1.00 36.00 ? 122 PRO A CD  1 
ATOM   828  N N   . LEU A 1 122 ? -9.304  -5.448  0.667   1.00 33.46 ? 123 LEU A N   1 
ATOM   829  C CA  . LEU A 1 122 ? -9.093  -4.078  1.115   1.00 30.54 ? 123 LEU A CA  1 
ATOM   830  C C   . LEU A 1 122 ? -8.139  -4.055  2.309   1.00 29.38 ? 123 LEU A C   1 
ATOM   831  O O   . LEU A 1 122 ? -8.287  -4.834  3.251   1.00 27.68 ? 123 LEU A O   1 
ATOM   832  C CB  . LEU A 1 122 ? -10.427 -3.439  1.535   1.00 29.57 ? 123 LEU A CB  1 
ATOM   833  C CG  . LEU A 1 122 ? -10.333 -2.155  2.383   1.00 29.75 ? 123 LEU A CG  1 
ATOM   834  C CD1 . LEU A 1 122 ? -9.840  -1.011  1.511   1.00 29.94 ? 123 LEU A CD1 1 
ATOM   835  C CD2 . LEU A 1 122 ? -11.689 -1.814  3.006   1.00 27.65 ? 123 LEU A CD2 1 
ATOM   836  N N   . LEU A 1 123 ? -7.151  -3.169  2.254   1.00 26.95 ? 124 LEU A N   1 
ATOM   837  C CA  . LEU A 1 123 ? -6.209  -3.004  3.352   1.00 24.38 ? 124 LEU A CA  1 
ATOM   838  C C   . LEU A 1 123 ? -6.592  -1.647  3.937   1.00 22.86 ? 124 LEU A C   1 
ATOM   839  O O   . LEU A 1 123 ? -6.213  -0.606  3.410   1.00 22.48 ? 124 LEU A O   1 
ATOM   840  C CB  . LEU A 1 123 ? -4.769  -2.967  2.841   1.00 24.93 ? 124 LEU A CB  1 
ATOM   841  C CG  . LEU A 1 123 ? -3.660  -2.881  3.901   1.00 23.59 ? 124 LEU A CG  1 
ATOM   842  C CD1 . LEU A 1 123 ? -3.619  -4.174  4.711   1.00 23.49 ? 124 LEU A CD1 1 
ATOM   843  C CD2 . LEU A 1 123 ? -2.327  -2.636  3.220   1.00 22.56 ? 124 LEU A CD2 1 
ATOM   844  N N   . PRO A 1 124 ? -7.383  -1.635  5.020   1.00 22.78 ? 125 PRO A N   1 
ATOM   845  C CA  . PRO A 1 124 ? -7.794  -0.368  5.630   1.00 22.29 ? 125 PRO A CA  1 
ATOM   846  C C   . PRO A 1 124 ? -6.724  0.281   6.508   1.00 22.07 ? 125 PRO A C   1 
ATOM   847  O O   . PRO A 1 124 ? -5.942  -0.402  7.175   1.00 22.56 ? 125 PRO A O   1 
ATOM   848  C CB  . PRO A 1 124 ? -9.047  -0.761  6.407   1.00 20.51 ? 125 PRO A CB  1 
ATOM   849  C CG  . PRO A 1 124 ? -8.708  -2.130  6.884   1.00 22.06 ? 125 PRO A CG  1 
ATOM   850  C CD  . PRO A 1 124 ? -8.032  -2.775  5.691   1.00 22.80 ? 125 PRO A CD  1 
ATOM   851  N N   . GLY A 1 125 ? -6.684  1.610   6.490   1.00 21.93 ? 126 GLY A N   1 
ATOM   852  C CA  . GLY A 1 125 ? -5.700  2.322   7.286   1.00 20.31 ? 126 GLY A CA  1 
ATOM   853  C C   . GLY A 1 125 ? -6.203  2.693   8.672   1.00 20.05 ? 126 GLY A C   1 
ATOM   854  O O   . GLY A 1 125 ? -7.274  3.286   8.821   1.00 19.44 ? 126 GLY A O   1 
ATOM   855  N N   . ILE A 1 126 ? -5.436  2.348   9.699   1.00 18.51 ? 127 ILE A N   1 
ATOM   856  C CA  . ILE A 1 126 ? -5.831  2.678   11.058  1.00 18.13 ? 127 ILE A CA  1 
ATOM   857  C C   . ILE A 1 126 ? -4.717  3.370   11.847  1.00 19.19 ? 127 ILE A C   1 
ATOM   858  O O   . ILE A 1 126 ? -3.549  3.344   11.461  1.00 19.18 ? 127 ILE A O   1 
ATOM   859  C CB  . ILE A 1 126 ? -6.300  1.435   11.836  1.00 16.62 ? 127 ILE A CB  1 
ATOM   860  C CG1 . ILE A 1 126 ? -5.148  0.442   11.995  1.00 13.38 ? 127 ILE A CG1 1 
ATOM   861  C CG2 . ILE A 1 126 ? -7.532  0.847   11.156  1.00 17.17 ? 127 ILE A CG2 1 
ATOM   862  C CD1 . ILE A 1 126 ? -4.213  0.766   13.174  1.00 12.21 ? 127 ILE A CD1 1 
ATOM   863  N N   . SER A 1 127 ? -5.088  3.951   12.983  1.00 18.40 ? 128 SER A N   1 
ATOM   864  C CA  . SER A 1 127 ? -4.158  4.698   13.821  1.00 18.27 ? 128 SER A CA  1 
ATOM   865  C C   . SER A 1 127 ? -4.238  4.304   15.297  1.00 18.72 ? 128 SER A C   1 
ATOM   866  O O   . SER A 1 127 ? -3.237  4.344   16.009  1.00 19.54 ? 128 SER A O   1 
ATOM   867  C CB  . SER A 1 127 ? -4.473  6.188   13.650  1.00 16.58 ? 128 SER A CB  1 
ATOM   868  O OG  . SER A 1 127 ? -3.582  6.991   14.360  1.00 25.13 ? 128 SER A OG  1 
ATOM   869  N N   . THR A 1 128 ? -5.426  3.903   15.744  1.00 18.87 ? 129 THR A N   1 
ATOM   870  C CA  . THR A 1 128 ? -5.657  3.550   17.146  1.00 18.25 ? 129 THR A CA  1 
ATOM   871  C C   . THR A 1 128 ? -6.307  2.184   17.372  1.00 18.41 ? 129 THR A C   1 
ATOM   872  O O   . THR A 1 128 ? -6.892  1.593   16.458  1.00 20.34 ? 129 THR A O   1 
ATOM   873  C CB  . THR A 1 128 ? -6.573  4.586   17.807  1.00 17.03 ? 129 THR A CB  1 
ATOM   874  O OG1 . THR A 1 128 ? -7.915  4.376   17.353  1.00 17.58 ? 129 THR A OG1 1 
ATOM   875  C CG2 . THR A 1 128 ? -6.139  5.995   17.422  1.00 14.67 ? 129 THR A CG2 1 
ATOM   876  N N   . PRO A 1 129 ? -6.230  1.678   18.616  1.00 17.49 ? 130 PRO A N   1 
ATOM   877  C CA  . PRO A 1 129 ? -6.816  0.385   18.981  1.00 18.89 ? 130 PRO A CA  1 
ATOM   878  C C   . PRO A 1 129 ? -8.328  0.316   18.699  1.00 18.87 ? 130 PRO A C   1 
ATOM   879  O O   . PRO A 1 129 ? -8.842  -0.718  18.257  1.00 16.66 ? 130 PRO A O   1 
ATOM   880  C CB  . PRO A 1 129 ? -6.506  0.280   20.472  1.00 17.67 ? 130 PRO A CB  1 
ATOM   881  C CG  . PRO A 1 129 ? -5.208  0.990   20.587  1.00 17.21 ? 130 PRO A CG  1 
ATOM   882  C CD  . PRO A 1 129 ? -5.420  2.208   19.728  1.00 16.30 ? 130 PRO A CD  1 
ATOM   883  N N   . SER A 1 130 ? -9.045  1.407   18.964  1.00 19.73 ? 131 SER A N   1 
ATOM   884  C CA  . SER A 1 130 ? -10.489 1.431   18.720  1.00 20.05 ? 131 SER A CA  1 
ATOM   885  C C   . SER A 1 130 ? -10.791 1.229   17.235  1.00 20.90 ? 131 SER A C   1 
ATOM   886  O O   . SER A 1 130 ? -11.704 0.487   16.873  1.00 22.01 ? 131 SER A O   1 
ATOM   887  C CB  . SER A 1 130 ? -11.091 2.759   19.195  1.00 17.77 ? 131 SER A CB  1 
ATOM   888  O OG  . SER A 1 130 ? -11.231 2.777   20.598  1.00 21.78 ? 131 SER A OG  1 
ATOM   889  N N   . GLU A 1 131 ? -10.007 1.885   16.386  1.00 21.26 ? 132 GLU A N   1 
ATOM   890  C CA  . GLU A 1 131 ? -10.180 1.777   14.957  1.00 21.79 ? 132 GLU A CA  1 
ATOM   891  C C   . GLU A 1 131 ? -9.871  0.355   14.502  1.00 23.31 ? 132 GLU A C   1 
ATOM   892  O O   . GLU A 1 131 ? -10.528 -0.181  13.603  1.00 25.31 ? 132 GLU A O   1 
ATOM   893  C CB  . GLU A 1 131 ? -9.284  2.801   14.273  1.00 22.44 ? 132 GLU A CB  1 
ATOM   894  C CG  . GLU A 1 131 ? -9.744  4.225   14.592  1.00 22.97 ? 132 GLU A CG  1 
ATOM   895  C CD  . GLU A 1 131 ? -8.816  5.318   14.102  1.00 22.34 ? 132 GLU A CD  1 
ATOM   896  O OE1 . GLU A 1 131 ? -9.182  6.509   14.257  1.00 22.39 ? 132 GLU A OE1 1 
ATOM   897  O OE2 . GLU A 1 131 ? -7.736  4.988   13.568  1.00 19.23 ? 132 GLU A OE2 1 
ATOM   898  N N   . ILE A 1 132 ? -8.876  -0.265  15.127  1.00 22.81 ? 133 ILE A N   1 
ATOM   899  C CA  . ILE A 1 132 ? -8.517  -1.637  14.785  1.00 21.27 ? 133 ILE A CA  1 
ATOM   900  C C   . ILE A 1 132 ? -9.700  -2.540  15.109  1.00 23.36 ? 133 ILE A C   1 
ATOM   901  O O   . ILE A 1 132 ? -10.107 -3.377  14.296  1.00 24.03 ? 133 ILE A O   1 
ATOM   902  C CB  . ILE A 1 132 ? -7.292  -2.102  15.594  1.00 20.12 ? 133 ILE A CB  1 
ATOM   903  C CG1 . ILE A 1 132 ? -6.043  -1.403  15.057  1.00 19.01 ? 133 ILE A CG1 1 
ATOM   904  C CG2 . ILE A 1 132 ? -7.164  -3.624  15.540  1.00 19.68 ? 133 ILE A CG2 1 
ATOM   905  C CD1 . ILE A 1 132 ? -4.800  -1.660  15.849  1.00 15.15 ? 133 ILE A CD1 1 
ATOM   906  N N   . MET A 1 133 ? -10.260 -2.364  16.300  1.00 23.24 ? 134 MET A N   1 
ATOM   907  C CA  . MET A 1 133 ? -11.400 -3.170  16.708  1.00 23.42 ? 134 MET A CA  1 
ATOM   908  C C   . MET A 1 133 ? -12.594 -3.001  15.777  1.00 23.64 ? 134 MET A C   1 
ATOM   909  O O   . MET A 1 133 ? -13.274 -3.971  15.452  1.00 24.09 ? 134 MET A O   1 
ATOM   910  C CB  . MET A 1 133 ? -11.803 -2.831  18.142  1.00 22.00 ? 134 MET A CB  1 
ATOM   911  C CG  . MET A 1 133 ? -10.829 -3.373  19.159  1.00 22.56 ? 134 MET A CG  1 
ATOM   912  S SD  . MET A 1 133 ? -11.229 -2.857  20.807  1.00 25.99 ? 134 MET A SD  1 
ATOM   913  C CE  . MET A 1 133 ? -12.538 -4.017  21.194  1.00 21.42 ? 134 MET A CE  1 
ATOM   914  N N   . MET A 1 134 ? -12.850 -1.777  15.341  1.00 23.58 ? 135 MET A N   1 
ATOM   915  C CA  . MET A 1 134 ? -13.973 -1.536  14.448  1.00 24.57 ? 135 MET A CA  1 
ATOM   916  C C   . MET A 1 134 ? -13.882 -2.400  13.190  1.00 24.87 ? 135 MET A C   1 
ATOM   917  O O   . MET A 1 134 ? -14.896 -2.878  12.688  1.00 25.71 ? 135 MET A O   1 
ATOM   918  C CB  . MET A 1 134 ? -14.040 -0.059  14.084  1.00 25.75 ? 135 MET A CB  1 
ATOM   919  C CG  . MET A 1 134 ? -14.429 0.817   15.270  1.00 30.71 ? 135 MET A CG  1 
ATOM   920  S SD  . MET A 1 134 ? -14.454 2.573   14.881  1.00 34.34 ? 135 MET A SD  1 
ATOM   921  C CE  . MET A 1 134 ? -15.305 2.523   13.276  1.00 31.27 ? 135 MET A CE  1 
ATOM   922  N N   . GLY A 1 135 ? -12.669 -2.619  12.695  1.00 24.93 ? 136 GLY A N   1 
ATOM   923  C CA  . GLY A 1 135 ? -12.499 -3.443  11.513  1.00 23.28 ? 136 GLY A CA  1 
ATOM   924  C C   . GLY A 1 135 ? -12.327 -4.899  11.887  1.00 24.73 ? 136 GLY A C   1 
ATOM   925  O O   . GLY A 1 135 ? -12.596 -5.797  11.090  1.00 26.62 ? 136 GLY A O   1 
ATOM   926  N N   . TYR A 1 136 ? -11.862 -5.138  13.105  1.00 25.99 ? 137 TYR A N   1 
ATOM   927  C CA  . TYR A 1 136 ? -11.669 -6.503  13.582  1.00 28.55 ? 137 TYR A CA  1 
ATOM   928  C C   . TYR A 1 136 ? -13.033 -7.197  13.620  1.00 29.90 ? 137 TYR A C   1 
ATOM   929  O O   . TYR A 1 136 ? -13.176 -8.352  13.198  1.00 31.00 ? 137 TYR A O   1 
ATOM   930  C CB  . TYR A 1 136 ? -11.074 -6.499  14.987  1.00 29.97 ? 137 TYR A CB  1 
ATOM   931  C CG  . TYR A 1 136 ? -10.776 -7.874  15.529  1.00 33.28 ? 137 TYR A CG  1 
ATOM   932  C CD1 . TYR A 1 136 ? -9.544  -8.495  15.285  1.00 33.72 ? 137 TYR A CD1 1 
ATOM   933  C CD2 . TYR A 1 136 ? -11.719 -8.553  16.309  1.00 34.65 ? 137 TYR A CD2 1 
ATOM   934  C CE1 . TYR A 1 136 ? -9.257  -9.754  15.810  1.00 35.37 ? 137 TYR A CE1 1 
ATOM   935  C CE2 . TYR A 1 136 ? -11.443 -9.810  16.836  1.00 35.89 ? 137 TYR A CE2 1 
ATOM   936  C CZ  . TYR A 1 136 ? -10.209 -10.405 16.585  1.00 37.44 ? 137 TYR A CZ  1 
ATOM   937  O OH  . TYR A 1 136 ? -9.929  -11.645 17.119  1.00 40.22 ? 137 TYR A OH  1 
ATOM   938  N N   . ALA A 1 137 ? -14.032 -6.475  14.123  1.00 28.49 ? 138 ALA A N   1 
ATOM   939  C CA  . ALA A 1 137 ? -15.388 -7.002  14.231  1.00 27.57 ? 138 ALA A CA  1 
ATOM   940  C C   . ALA A 1 137 ? -15.952 -7.467  12.891  1.00 28.06 ? 138 ALA A C   1 
ATOM   941  O O   . ALA A 1 137 ? -16.692 -8.442  12.836  1.00 30.50 ? 138 ALA A O   1 
ATOM   942  C CB  . ALA A 1 137 ? -16.299 -5.955  14.843  1.00 25.77 ? 138 ALA A CB  1 
ATOM   943  N N   . LEU A 1 138 ? -15.611 -6.770  11.814  1.00 27.39 ? 139 LEU A N   1 
ATOM   944  C CA  . LEU A 1 138 ? -16.113 -7.163  10.511  1.00 27.18 ? 139 LEU A CA  1 
ATOM   945  C C   . LEU A 1 138 ? -15.244 -8.227  9.843   1.00 28.08 ? 139 LEU A C   1 
ATOM   946  O O   . LEU A 1 138 ? -15.490 -8.607  8.701   1.00 28.23 ? 139 LEU A O   1 
ATOM   947  C CB  . LEU A 1 138 ? -16.268 -5.944  9.604   1.00 26.40 ? 139 LEU A CB  1 
ATOM   948  C CG  . LEU A 1 138 ? -17.438 -5.043  10.010  1.00 26.55 ? 139 LEU A CG  1 
ATOM   949  C CD1 . LEU A 1 138 ? -17.542 -3.869  9.059   1.00 25.95 ? 139 LEU A CD1 1 
ATOM   950  C CD2 . LEU A 1 138 ? -18.733 -5.844  10.011  1.00 26.68 ? 139 LEU A CD2 1 
ATOM   951  N N   . GLY A 1 139 ? -14.231 -8.717  10.554  1.00 28.74 ? 140 GLY A N   1 
ATOM   952  C CA  . GLY A 1 139 ? -13.390 -9.763  9.995   1.00 28.65 ? 140 GLY A CA  1 
ATOM   953  C C   . GLY A 1 139 ? -12.054 -9.353  9.396   1.00 29.37 ? 140 GLY A C   1 
ATOM   954  O O   . GLY A 1 139 ? -11.423 -10.155 8.712   1.00 30.59 ? 140 GLY A O   1 
ATOM   955  N N   . TYR A 1 140 ? -11.613 -8.123  9.643   1.00 28.66 ? 141 TYR A N   1 
ATOM   956  C CA  . TYR A 1 140 ? -10.339 -7.671  9.123   1.00 26.20 ? 141 TYR A CA  1 
ATOM   957  C C   . TYR A 1 140 ? -9.216  -8.086  10.040  1.00 25.53 ? 141 TYR A C   1 
ATOM   958  O O   . TYR A 1 140 ? -9.335  -7.939  11.249  1.00 27.45 ? 141 TYR A O   1 
ATOM   959  C CB  . TYR A 1 140 ? -10.345 -6.160  8.965   1.00 24.84 ? 141 TYR A CB  1 
ATOM   960  C CG  . TYR A 1 140 ? -11.250 -5.697  7.865   1.00 24.16 ? 141 TYR A CG  1 
ATOM   961  C CD1 . TYR A 1 140 ? -12.627 -5.534  8.084   1.00 23.87 ? 141 TYR A CD1 1 
ATOM   962  C CD2 . TYR A 1 140 ? -10.736 -5.432  6.593   1.00 23.93 ? 141 TYR A CD2 1 
ATOM   963  C CE1 . TYR A 1 140 ? -13.465 -5.116  7.057   1.00 23.41 ? 141 TYR A CE1 1 
ATOM   964  C CE2 . TYR A 1 140 ? -11.561 -5.021  5.568   1.00 24.14 ? 141 TYR A CE2 1 
ATOM   965  C CZ  . TYR A 1 140 ? -12.916 -4.862  5.800   1.00 24.34 ? 141 TYR A CZ  1 
ATOM   966  O OH  . TYR A 1 140 ? -13.708 -4.440  4.765   1.00 25.90 ? 141 TYR A OH  1 
ATOM   967  N N   . ARG A 1 141 ? -8.131  -8.594  9.466   1.00 25.78 ? 142 ARG A N   1 
ATOM   968  C CA  . ARG A 1 141 ? -6.980  -9.037  10.256  1.00 26.08 ? 142 ARG A CA  1 
ATOM   969  C C   . ARG A 1 141 ? -5.674  -8.461  9.732   1.00 25.51 ? 142 ARG A C   1 
ATOM   970  O O   . ARG A 1 141 ? -4.610  -8.744  10.274  1.00 25.36 ? 142 ARG A O   1 
ATOM   971  C CB  . ARG A 1 141 ? -6.878  -10.563 10.239  1.00 27.04 ? 142 ARG A CB  1 
ATOM   972  C CG  . ARG A 1 141 ? -8.091  -11.292 10.774  1.00 28.05 ? 142 ARG A CG  1 
ATOM   973  C CD  . ARG A 1 141 ? -8.291  -11.022 12.246  1.00 31.26 ? 142 ARG A CD  1 
ATOM   974  N NE  . ARG A 1 141 ? -9.670  -10.603 12.512  1.00 35.67 ? 142 ARG A NE  1 
ATOM   975  C CZ  . ARG A 1 141 ? -10.625 -11.400 12.969  1.00 36.22 ? 142 ARG A CZ  1 
ATOM   976  N NH1 . ARG A 1 141 ? -11.838 -10.914 13.168  1.00 37.03 ? 142 ARG A NH1 1 
ATOM   977  N NH2 . ARG A 1 141 ? -10.360 -12.675 13.237  1.00 38.09 ? 142 ARG A NH2 1 
ATOM   978  N N   . ARG A 1 142 ? -5.765  -7.670  8.667   1.00 26.72 ? 143 ARG A N   1 
ATOM   979  C CA  . ARG A 1 142 ? -4.596  -7.056  8.049   1.00 26.77 ? 143 ARG A CA  1 
ATOM   980  C C   . ARG A 1 142 ? -4.830  -5.565  7.932   1.00 27.01 ? 143 ARG A C   1 
ATOM   981  O O   . ARG A 1 142 ? -5.747  -5.123  7.232   1.00 27.85 ? 143 ARG A O   1 
ATOM   982  C CB  . ARG A 1 142 ? -4.342  -7.657  6.666   1.00 27.75 ? 143 ARG A CB  1 
ATOM   983  C CG  . ARG A 1 142 ? -3.295  -8.755  6.652   1.00 31.60 ? 143 ARG A CG  1 
ATOM   984  C CD  . ARG A 1 142 ? -3.708  -9.896  7.541   1.00 34.47 ? 143 ARG A CD  1 
ATOM   985  N NE  . ARG A 1 142 ? -2.653  -10.876 7.744   1.00 35.93 ? 143 ARG A NE  1 
ATOM   986  C CZ  . ARG A 1 142 ? -2.702  -11.831 8.665   1.00 37.02 ? 143 ARG A CZ  1 
ATOM   987  N NH1 . ARG A 1 142 ? -3.756  -11.925 9.461   1.00 36.87 ? 143 ARG A NH1 1 
ATOM   988  N NH2 . ARG A 1 142 ? -1.699  -12.692 8.796   1.00 39.12 ? 143 ARG A NH2 1 
ATOM   989  N N   . PHE A 1 143 ? -4.005  -4.782  8.621   1.00 25.45 ? 144 PHE A N   1 
ATOM   990  C CA  . PHE A 1 143 ? -4.174  -3.338  8.593   1.00 24.31 ? 144 PHE A CA  1 
ATOM   991  C C   . PHE A 1 143 ? -2.951  -2.535  8.189   1.00 24.59 ? 144 PHE A C   1 
ATOM   992  O O   . PHE A 1 143 ? -1.801  -2.976  8.284   1.00 24.25 ? 144 PHE A O   1 
ATOM   993  C CB  . PHE A 1 143 ? -4.609  -2.819  9.965   1.00 24.01 ? 144 PHE A CB  1 
ATOM   994  C CG  . PHE A 1 143 ? -5.892  -3.405  10.473  1.00 24.82 ? 144 PHE A CG  1 
ATOM   995  C CD1 . PHE A 1 143 ? -5.882  -4.556  11.253  1.00 23.44 ? 144 PHE A CD1 1 
ATOM   996  C CD2 . PHE A 1 143 ? -7.110  -2.791  10.195  1.00 26.33 ? 144 PHE A CD2 1 
ATOM   997  C CE1 . PHE A 1 143 ? -7.063  -5.089  11.755  1.00 22.84 ? 144 PHE A CE1 1 
ATOM   998  C CE2 . PHE A 1 143 ? -8.299  -3.315  10.692  1.00 26.23 ? 144 PHE A CE2 1 
ATOM   999  C CZ  . PHE A 1 143 ? -8.274  -4.467  11.475  1.00 24.62 ? 144 PHE A CZ  1 
ATOM   1000 N N   . LYS A 1 144 ? -3.238  -1.319  7.760   1.00 24.37 ? 145 LYS A N   1 
ATOM   1001 C CA  . LYS A 1 144 ? -2.217  -0.370  7.399   1.00 24.79 ? 145 LYS A CA  1 
ATOM   1002 C C   . LYS A 1 144 ? -2.158  0.673   8.518   1.00 23.44 ? 145 LYS A C   1 
ATOM   1003 O O   . LYS A 1 144 ? -3.183  1.251   8.880   1.00 23.00 ? 145 LYS A O   1 
ATOM   1004 C CB  . LYS A 1 144 ? -2.577  0.314   6.084   1.00 25.86 ? 145 LYS A CB  1 
ATOM   1005 C CG  . LYS A 1 144 ? -1.797  1.581   5.849   1.00 28.59 ? 145 LYS A CG  1 
ATOM   1006 C CD  . LYS A 1 144 ? -2.191  2.241   4.546   1.00 31.30 ? 145 LYS A CD  1 
ATOM   1007 C CE  . LYS A 1 144 ? -1.491  3.577   4.416   1.00 32.21 ? 145 LYS A CE  1 
ATOM   1008 N NZ  . LYS A 1 144 ? -1.583  4.142   3.045   1.00 32.99 ? 145 LYS A NZ  1 
ATOM   1009 N N   . LEU A 1 145 ? -0.963  0.906   9.056   1.00 21.88 ? 146 LEU A N   1 
ATOM   1010 C CA  . LEU A 1 145 ? -0.768  1.892   10.120  1.00 19.25 ? 146 LEU A CA  1 
ATOM   1011 C C   . LEU A 1 145 ? -0.424  3.225   9.463   1.00 18.58 ? 146 LEU A C   1 
ATOM   1012 O O   . LEU A 1 145 ? 0.587   3.333   8.767   1.00 19.32 ? 146 LEU A O   1 
ATOM   1013 C CB  . LEU A 1 145 ? 0.378   1.465   11.038  1.00 18.69 ? 146 LEU A CB  1 
ATOM   1014 C CG  . LEU A 1 145 ? 0.692   2.366   12.230  1.00 19.16 ? 146 LEU A CG  1 
ATOM   1015 C CD1 . LEU A 1 145 ? -0.517  2.408   13.143  1.00 20.90 ? 146 LEU A CD1 1 
ATOM   1016 C CD2 . LEU A 1 145 ? 1.905   1.840   12.982  1.00 18.44 ? 146 LEU A CD2 1 
ATOM   1017 N N   . PHE A 1 146 ? -1.261  4.239   9.671   1.00 17.94 ? 147 PHE A N   1 
ATOM   1018 C CA  . PHE A 1 146 ? -1.005  5.549   9.070   1.00 18.63 ? 147 PHE A CA  1 
ATOM   1019 C C   . PHE A 1 146 ? -1.533  6.692   9.940   1.00 20.46 ? 147 PHE A C   1 
ATOM   1020 O O   . PHE A 1 146 ? -2.686  6.646   10.375  1.00 22.24 ? 147 PHE A O   1 
ATOM   1021 C CB  . PHE A 1 146 ? -1.653  5.617   7.686   1.00 15.31 ? 147 PHE A CB  1 
ATOM   1022 C CG  . PHE A 1 146 ? -1.521  6.961   7.029   1.00 14.56 ? 147 PHE A CG  1 
ATOM   1023 C CD1 . PHE A 1 146 ? -0.286  7.407   6.568   1.00 14.37 ? 147 PHE A CD1 1 
ATOM   1024 C CD2 . PHE A 1 146 ? -2.619  7.819   6.943   1.00 12.94 ? 147 PHE A CD2 1 
ATOM   1025 C CE1 . PHE A 1 146 ? -0.146  8.696   6.037   1.00 12.77 ? 147 PHE A CE1 1 
ATOM   1026 C CE2 . PHE A 1 146 ? -2.489  9.101   6.418   1.00 12.20 ? 147 PHE A CE2 1 
ATOM   1027 C CZ  . PHE A 1 146 ? -1.254  9.543   5.964   1.00 12.18 ? 147 PHE A CZ  1 
ATOM   1028 N N   . PRO A 1 147 ? -0.688  7.708   10.237  1.00 21.99 ? 148 PRO A N   1 
ATOM   1029 C CA  . PRO A 1 147 ? 0.707   7.798   9.790   1.00 22.08 ? 148 PRO A CA  1 
ATOM   1030 C C   . PRO A 1 147 ? 1.569   6.989   10.744  1.00 22.01 ? 148 PRO A C   1 
ATOM   1031 O O   . PRO A 1 147 ? 1.449   7.131   11.956  1.00 21.73 ? 148 PRO A O   1 
ATOM   1032 C CB  . PRO A 1 147 ? 1.028   9.286   9.901   1.00 22.09 ? 148 PRO A CB  1 
ATOM   1033 C CG  . PRO A 1 147 ? -0.313  9.956   9.981   1.00 22.59 ? 148 PRO A CG  1 
ATOM   1034 C CD  . PRO A 1 147 ? -1.123  9.000   10.793  1.00 22.51 ? 148 PRO A CD  1 
ATOM   1035 N N   . ALA A 1 148 ? 2.448   6.160   10.196  1.00 22.56 ? 149 ALA A N   1 
ATOM   1036 C CA  . ALA A 1 148 ? 3.313   5.321   11.011  1.00 24.05 ? 149 ALA A CA  1 
ATOM   1037 C C   . ALA A 1 148 ? 4.062   6.064   12.121  1.00 25.10 ? 149 ALA A C   1 
ATOM   1038 O O   . ALA A 1 148 ? 3.797   5.846   13.297  1.00 25.20 ? 149 ALA A O   1 
ATOM   1039 C CB  . ALA A 1 148 ? 4.308   4.580   10.117  1.00 22.72 ? 149 ALA A CB  1 
ATOM   1040 N N   . GLU A 1 149 ? 4.991   6.944   11.752  1.00 26.83 ? 150 GLU A N   1 
ATOM   1041 C CA  . GLU A 1 149 ? 5.791   7.681   12.742  1.00 29.73 ? 150 GLU A CA  1 
ATOM   1042 C C   . GLU A 1 149 ? 5.015   8.430   13.823  1.00 29.40 ? 150 GLU A C   1 
ATOM   1043 O O   . GLU A 1 149 ? 5.256   8.256   15.019  1.00 30.84 ? 150 GLU A O   1 
ATOM   1044 C CB  . GLU A 1 149 ? 6.736   8.654   12.038  1.00 32.95 ? 150 GLU A CB  1 
ATOM   1045 C CG  . GLU A 1 149 ? 7.981   7.977   11.485  1.00 41.58 ? 150 GLU A CG  1 
ATOM   1046 C CD  . GLU A 1 149 ? 8.838   7.354   12.577  1.00 45.40 ? 150 GLU A CD  1 
ATOM   1047 O OE1 . GLU A 1 149 ? 9.293   8.112   13.465  1.00 48.74 ? 150 GLU A OE1 1 
ATOM   1048 O OE2 . GLU A 1 149 ? 9.049   6.114   12.549  1.00 44.31 ? 150 GLU A OE2 1 
ATOM   1049 N N   . ILE A 1 150 ? 4.097   9.283   13.394  1.00 27.90 ? 151 ILE A N   1 
ATOM   1050 C CA  . ILE A 1 150 ? 3.273   10.057  14.305  1.00 26.68 ? 151 ILE A CA  1 
ATOM   1051 C C   . ILE A 1 150 ? 2.396   9.181   15.220  1.00 25.43 ? 151 ILE A C   1 
ATOM   1052 O O   . ILE A 1 150 ? 2.111   9.558   16.354  1.00 25.20 ? 151 ILE A O   1 
ATOM   1053 C CB  . ILE A 1 150 ? 2.378   11.042  13.495  1.00 27.66 ? 151 ILE A CB  1 
ATOM   1054 C CG1 . ILE A 1 150 ? 3.211   12.218  13.025  1.00 25.87 ? 151 ILE A CG1 1 
ATOM   1055 C CG2 . ILE A 1 150 ? 1.183   11.501  14.327  1.00 26.10 ? 151 ILE A CG2 1 
ATOM   1056 C CD1 . ILE A 1 150 ? 2.533   13.049  11.958  1.00 29.09 ? 151 ILE A CD1 1 
ATOM   1057 N N   . SER A 1 151 ? 1.963   8.024   14.725  1.00 24.66 ? 152 SER A N   1 
ATOM   1058 C CA  . SER A 1 151 ? 1.124   7.130   15.520  1.00 24.05 ? 152 SER A CA  1 
ATOM   1059 C C   . SER A 1 151 ? 1.895   6.372   16.593  1.00 24.00 ? 152 SER A C   1 
ATOM   1060 O O   . SER A 1 151 ? 1.290   5.719   17.439  1.00 25.53 ? 152 SER A O   1 
ATOM   1061 C CB  . SER A 1 151 ? 0.399   6.112   14.630  1.00 22.95 ? 152 SER A CB  1 
ATOM   1062 O OG  . SER A 1 151 ? -0.429  6.753   13.688  1.00 26.20 ? 152 SER A OG  1 
ATOM   1063 N N   . GLY A 1 152 ? 3.222   6.438   16.550  1.00 23.56 ? 153 GLY A N   1 
ATOM   1064 C CA  . GLY A 1 152 ? 4.022   5.745   17.542  1.00 21.60 ? 153 GLY A CA  1 
ATOM   1065 C C   . GLY A 1 152 ? 5.059   4.818   16.942  1.00 20.92 ? 153 GLY A C   1 
ATOM   1066 O O   . GLY A 1 152 ? 5.808   4.168   17.669  1.00 21.13 ? 153 GLY A O   1 
ATOM   1067 N N   . GLY A 1 153 ? 5.100   4.750   15.615  1.00 21.44 ? 154 GLY A N   1 
ATOM   1068 C CA  . GLY A 1 153 ? 6.060   3.899   14.934  1.00 21.15 ? 154 GLY A CA  1 
ATOM   1069 C C   . GLY A 1 153 ? 6.234   2.501   15.511  1.00 22.27 ? 154 GLY A C   1 
ATOM   1070 O O   . GLY A 1 153 ? 5.268   1.858   15.923  1.00 21.62 ? 154 GLY A O   1 
ATOM   1071 N N   . VAL A 1 154 ? 7.479   2.034   15.552  1.00 23.04 ? 155 VAL A N   1 
ATOM   1072 C CA  . VAL A 1 154 ? 7.784   0.701   16.050  1.00 22.08 ? 155 VAL A CA  1 
ATOM   1073 C C   . VAL A 1 154 ? 7.186   0.381   17.408  1.00 21.94 ? 155 VAL A C   1 
ATOM   1074 O O   . VAL A 1 154 ? 6.739   -0.748  17.648  1.00 22.17 ? 155 VAL A O   1 
ATOM   1075 C CB  . VAL A 1 154 ? 9.308   0.462   16.121  1.00 22.79 ? 155 VAL A CB  1 
ATOM   1076 C CG1 . VAL A 1 154 ? 9.586   -0.964  16.570  1.00 23.03 ? 155 VAL A CG1 1 
ATOM   1077 C CG2 . VAL A 1 154 ? 9.927   0.709   14.753  1.00 21.32 ? 155 VAL A CG2 1 
ATOM   1078 N N   . ALA A 1 155 ? 7.194   1.365   18.306  1.00 21.56 ? 156 ALA A N   1 
ATOM   1079 C CA  . ALA A 1 155 ? 6.652   1.186   19.663  1.00 20.73 ? 156 ALA A CA  1 
ATOM   1080 C C   . ALA A 1 155 ? 5.146   0.899   19.620  1.00 21.23 ? 156 ALA A C   1 
ATOM   1081 O O   . ALA A 1 155 ? 4.643   0.094   20.406  1.00 22.44 ? 156 ALA A O   1 
ATOM   1082 C CB  . ALA A 1 155 ? 6.925   2.438   20.503  1.00 19.09 ? 156 ALA A CB  1 
ATOM   1083 N N   . ALA A 1 156 ? 4.441   1.577   18.713  1.00 19.95 ? 157 ALA A N   1 
ATOM   1084 C CA  . ALA A 1 156 ? 3.013   1.389   18.549  1.00 19.56 ? 157 ALA A CA  1 
ATOM   1085 C C   . ALA A 1 156 ? 2.745   -0.021  18.053  1.00 20.56 ? 157 ALA A C   1 
ATOM   1086 O O   . ALA A 1 156 ? 1.903   -0.729  18.599  1.00 21.65 ? 157 ALA A O   1 
ATOM   1087 C CB  . ALA A 1 156 ? 2.459   2.404   17.567  1.00 19.26 ? 157 ALA A CB  1 
ATOM   1088 N N   . ILE A 1 157 ? 3.460   -0.427  17.010  1.00 21.69 ? 158 ILE A N   1 
ATOM   1089 C CA  . ILE A 1 157 ? 3.278   -1.765  16.458  1.00 23.15 ? 158 ILE A CA  1 
ATOM   1090 C C   . ILE A 1 157 ? 3.428   -2.803  17.570  1.00 24.28 ? 158 ILE A C   1 
ATOM   1091 O O   . ILE A 1 157 ? 2.649   -3.744  17.641  1.00 24.89 ? 158 ILE A O   1 
ATOM   1092 C CB  . ILE A 1 157 ? 4.326   -2.101  15.378  1.00 23.78 ? 158 ILE A CB  1 
ATOM   1093 C CG1 . ILE A 1 157 ? 4.233   -1.117  14.214  1.00 23.30 ? 158 ILE A CG1 1 
ATOM   1094 C CG2 . ILE A 1 157 ? 4.108   -3.529  14.876  1.00 21.80 ? 158 ILE A CG2 1 
ATOM   1095 C CD1 . ILE A 1 157 ? 3.089   -1.397  13.281  1.00 26.42 ? 158 ILE A CD1 1 
ATOM   1096 N N   . LYS A 1 158 ? 4.440   -2.642  18.420  1.00 23.99 ? 159 LYS A N   1 
ATOM   1097 C CA  . LYS A 1 158 ? 4.650   -3.578  19.511  1.00 25.42 ? 159 LYS A CA  1 
ATOM   1098 C C   . LYS A 1 158 ? 3.503   -3.531  20.507  1.00 25.90 ? 159 LYS A C   1 
ATOM   1099 O O   . LYS A 1 158 ? 3.042   -4.563  20.979  1.00 28.54 ? 159 LYS A O   1 
ATOM   1100 C CB  . LYS A 1 158 ? 5.960   -3.286  20.242  1.00 28.51 ? 159 LYS A CB  1 
ATOM   1101 C CG  . LYS A 1 158 ? 7.216   -3.565  19.443  1.00 31.63 ? 159 LYS A CG  1 
ATOM   1102 C CD  . LYS A 1 158 ? 8.447   -3.376  20.307  1.00 35.00 ? 159 LYS A CD  1 
ATOM   1103 C CE  . LYS A 1 158 ? 9.730   -3.566  19.506  1.00 39.16 ? 159 LYS A CE  1 
ATOM   1104 N NZ  . LYS A 1 158 ? 10.964  -3.180  20.272  1.00 41.25 ? 159 LYS A NZ  1 
ATOM   1105 N N   . ALA A 1 159 ? 3.045   -2.331  20.840  1.00 25.05 ? 160 ALA A N   1 
ATOM   1106 C CA  . ALA A 1 159 ? 1.945   -2.195  21.786  1.00 22.85 ? 160 ALA A CA  1 
ATOM   1107 C C   . ALA A 1 159 ? 0.700   -2.918  21.278  1.00 23.78 ? 160 ALA A C   1 
ATOM   1108 O O   . ALA A 1 159 ? 0.092   -3.699  22.012  1.00 24.96 ? 160 ALA A O   1 
ATOM   1109 C CB  . ALA A 1 159 ? 1.634   -0.730  22.030  1.00 20.24 ? 160 ALA A CB  1 
ATOM   1110 N N   . PHE A 1 160 ? 0.333   -2.682  20.018  1.00 23.11 ? 161 PHE A N   1 
ATOM   1111 C CA  . PHE A 1 160 ? -0.853  -3.329  19.448  1.00 22.91 ? 161 PHE A CA  1 
ATOM   1112 C C   . PHE A 1 160 ? -0.722  -4.839  19.377  1.00 23.37 ? 161 PHE A C   1 
ATOM   1113 O O   . PHE A 1 160 ? -1.723  -5.554  19.367  1.00 24.31 ? 161 PHE A O   1 
ATOM   1114 C CB  . PHE A 1 160 ? -1.147  -2.790  18.047  1.00 20.65 ? 161 PHE A CB  1 
ATOM   1115 C CG  . PHE A 1 160 ? -1.369  -1.313  18.003  1.00 21.68 ? 161 PHE A CG  1 
ATOM   1116 C CD1 . PHE A 1 160 ? -1.943  -0.644  19.080  1.00 20.91 ? 161 PHE A CD1 1 
ATOM   1117 C CD2 . PHE A 1 160 ? -1.017  -0.583  16.872  1.00 20.82 ? 161 PHE A CD2 1 
ATOM   1118 C CE1 . PHE A 1 160 ? -2.161  0.732   19.023  1.00 21.53 ? 161 PHE A CE1 1 
ATOM   1119 C CE2 . PHE A 1 160 ? -1.234  0.790   16.809  1.00 21.71 ? 161 PHE A CE2 1 
ATOM   1120 C CZ  . PHE A 1 160 ? -1.805  1.455   17.886  1.00 21.33 ? 161 PHE A CZ  1 
ATOM   1121 N N   . GLY A 1 161 ? 0.513   -5.323  19.320  1.00 23.25 ? 162 GLY A N   1 
ATOM   1122 C CA  . GLY A 1 161 ? 0.731   -6.752  19.247  1.00 22.87 ? 162 GLY A CA  1 
ATOM   1123 C C   . GLY A 1 161 ? 0.231   -7.490  20.477  1.00 23.31 ? 162 GLY A C   1 
ATOM   1124 O O   . GLY A 1 161 ? -0.112  -8.671  20.403  1.00 23.87 ? 162 GLY A O   1 
ATOM   1125 N N   . GLY A 1 162 ? 0.197   -6.796  21.610  1.00 22.38 ? 163 GLY A N   1 
ATOM   1126 C CA  . GLY A 1 162 ? -0.258  -7.406  22.844  1.00 22.73 ? 163 GLY A CA  1 
ATOM   1127 C C   . GLY A 1 162 ? -1.712  -7.845  22.791  1.00 24.12 ? 163 GLY A C   1 
ATOM   1128 O O   . GLY A 1 162 ? -1.999  -9.050  22.821  1.00 23.72 ? 163 GLY A O   1 
ATOM   1129 N N   . PRO A 1 163 ? -2.658  -6.895  22.727  1.00 24.16 ? 164 PRO A N   1 
ATOM   1130 C CA  . PRO A 1 163 ? -4.076  -7.256  22.672  1.00 25.65 ? 164 PRO A CA  1 
ATOM   1131 C C   . PRO A 1 163 ? -4.514  -7.876  21.343  1.00 26.90 ? 164 PRO A C   1 
ATOM   1132 O O   . PRO A 1 163 ? -5.383  -8.748  21.322  1.00 27.72 ? 164 PRO A O   1 
ATOM   1133 C CB  . PRO A 1 163 ? -4.775  -5.935  22.979  1.00 24.68 ? 164 PRO A CB  1 
ATOM   1134 C CG  . PRO A 1 163 ? -3.816  -4.916  22.465  1.00 23.94 ? 164 PRO A CG  1 
ATOM   1135 C CD  . PRO A 1 163 ? -2.496  -5.449  22.957  1.00 23.10 ? 164 PRO A CD  1 
ATOM   1136 N N   . PHE A 1 164 ? -3.910  -7.428  20.244  1.00 27.28 ? 165 PHE A N   1 
ATOM   1137 C CA  . PHE A 1 164 ? -4.236  -7.944  18.918  1.00 29.41 ? 165 PHE A CA  1 
ATOM   1138 C C   . PHE A 1 164 ? -3.021  -8.709  18.384  1.00 30.95 ? 165 PHE A C   1 
ATOM   1139 O O   . PHE A 1 164 ? -2.368  -8.265  17.442  1.00 32.07 ? 165 PHE A O   1 
ATOM   1140 C CB  . PHE A 1 164 ? -4.580  -6.788  17.959  1.00 30.01 ? 165 PHE A CB  1 
ATOM   1141 C CG  . PHE A 1 164 ? -5.407  -5.688  18.581  1.00 30.01 ? 165 PHE A CG  1 
ATOM   1142 C CD1 . PHE A 1 164 ? -4.813  -4.483  18.959  1.00 29.97 ? 165 PHE A CD1 1 
ATOM   1143 C CD2 . PHE A 1 164 ? -6.772  -5.864  18.805  1.00 29.33 ? 165 PHE A CD2 1 
ATOM   1144 C CE1 . PHE A 1 164 ? -5.565  -3.469  19.558  1.00 30.57 ? 165 PHE A CE1 1 
ATOM   1145 C CE2 . PHE A 1 164 ? -7.536  -4.857  19.405  1.00 29.87 ? 165 PHE A CE2 1 
ATOM   1146 C CZ  . PHE A 1 164 ? -6.929  -3.658  19.783  1.00 29.98 ? 165 PHE A CZ  1 
ATOM   1147 N N   . GLY A 1 165 ? -2.717  -9.852  18.994  1.00 31.87 ? 166 GLY A N   1 
ATOM   1148 C CA  . GLY A 1 165 ? -1.561  -10.627 18.577  1.00 33.07 ? 166 GLY A CA  1 
ATOM   1149 C C   . GLY A 1 165 ? -1.693  -11.378 17.260  1.00 34.89 ? 166 GLY A C   1 
ATOM   1150 O O   . GLY A 1 165 ? -0.708  -11.908 16.732  1.00 36.01 ? 166 GLY A O   1 
ATOM   1151 N N   . ASP A 1 166 ? -2.904  -11.421 16.715  1.00 34.89 ? 167 ASP A N   1 
ATOM   1152 C CA  . ASP A 1 166 ? -3.141  -12.140 15.466  1.00 35.81 ? 167 ASP A CA  1 
ATOM   1153 C C   . ASP A 1 166 ? -3.353  -11.268 14.220  1.00 35.04 ? 167 ASP A C   1 
ATOM   1154 O O   . ASP A 1 166 ? -3.948  -11.719 13.238  1.00 35.63 ? 167 ASP A O   1 
ATOM   1155 C CB  . ASP A 1 166 ? -4.331  -13.096 15.629  1.00 38.44 ? 167 ASP A CB  1 
ATOM   1156 C CG  . ASP A 1 166 ? -5.652  -12.369 15.838  1.00 42.21 ? 167 ASP A CG  1 
ATOM   1157 O OD1 . ASP A 1 166 ? -5.692  -11.416 16.657  1.00 43.29 ? 167 ASP A OD1 1 
ATOM   1158 O OD2 . ASP A 1 166 ? -6.663  -12.770 15.201  1.00 43.63 ? 167 ASP A OD2 1 
ATOM   1159 N N   . ILE A 1 167 ? -2.874  -10.026 14.252  1.00 33.22 ? 168 ILE A N   1 
ATOM   1160 C CA  . ILE A 1 167 ? -3.005  -9.139  13.097  1.00 32.24 ? 168 ILE A CA  1 
ATOM   1161 C C   . ILE A 1 167 ? -1.642  -8.628  12.638  1.00 30.79 ? 168 ILE A C   1 
ATOM   1162 O O   . ILE A 1 167 ? -0.735  -8.457  13.443  1.00 30.26 ? 168 ILE A O   1 
ATOM   1163 C CB  . ILE A 1 167 ? -3.933  -7.928  13.392  1.00 31.55 ? 168 ILE A CB  1 
ATOM   1164 C CG1 . ILE A 1 167 ? -3.339  -7.067  14.493  1.00 32.49 ? 168 ILE A CG1 1 
ATOM   1165 C CG2 . ILE A 1 167 ? -5.321  -8.407  13.818  1.00 31.12 ? 168 ILE A CG2 1 
ATOM   1166 C CD1 . ILE A 1 167 ? -4.125  -5.814  14.777  1.00 33.82 ? 168 ILE A CD1 1 
ATOM   1167 N N   . ARG A 1 168 ? -1.513  -8.400  11.336  1.00 30.90 ? 169 ARG A N   1 
ATOM   1168 C CA  . ARG A 1 168 ? -0.278  -7.897  10.757  1.00 30.99 ? 169 ARG A CA  1 
ATOM   1169 C C   . ARG A 1 168 ? -0.505  -6.482  10.251  1.00 29.85 ? 169 ARG A C   1 
ATOM   1170 O O   . ARG A 1 168 ? -1.621  -6.124  9.867   1.00 29.43 ? 169 ARG A O   1 
ATOM   1171 C CB  . ARG A 1 168 ? 0.168   -8.763  9.582   1.00 34.71 ? 169 ARG A CB  1 
ATOM   1172 C CG  . ARG A 1 168 ? 0.307   -10.220 9.892   1.00 38.54 ? 169 ARG A CG  1 
ATOM   1173 C CD  . ARG A 1 168 ? 1.440   -10.471 10.854  1.00 44.97 ? 169 ARG A CD  1 
ATOM   1174 N NE  . ARG A 1 168 ? 1.713   -11.899 10.977  1.00 50.19 ? 169 ARG A NE  1 
ATOM   1175 C CZ  . ARG A 1 168 ? 2.130   -12.664 9.972   1.00 53.83 ? 169 ARG A CZ  1 
ATOM   1176 N NH1 . ARG A 1 168 ? 2.324   -12.134 8.765   1.00 53.98 ? 169 ARG A NH1 1 
ATOM   1177 N NH2 . ARG A 1 168 ? 2.341   -13.962 10.171  1.00 54.81 ? 169 ARG A NH2 1 
ATOM   1178 N N   . PHE A 1 169 ? 0.570   -5.697  10.217  1.00 27.58 ? 170 PHE A N   1 
ATOM   1179 C CA  . PHE A 1 169 ? 0.508   -4.313  9.783   1.00 25.15 ? 170 PHE A CA  1 
ATOM   1180 C C   . PHE A 1 169 ? 1.385   -3.961  8.592   1.00 24.23 ? 170 PHE A C   1 
ATOM   1181 O O   . PHE A 1 169 ? 2.339   -4.666  8.279   1.00 24.40 ? 170 PHE A O   1 
ATOM   1182 C CB  . PHE A 1 169 ? 0.934   -3.386  10.920  1.00 24.42 ? 170 PHE A CB  1 
ATOM   1183 C CG  . PHE A 1 169 ? 0.090   -3.490  12.142  1.00 24.37 ? 170 PHE A CG  1 
ATOM   1184 C CD1 . PHE A 1 169 ? 0.493   -4.260  13.224  1.00 24.75 ? 170 PHE A CD1 1 
ATOM   1185 C CD2 . PHE A 1 169 ? -1.098  -2.785  12.228  1.00 25.04 ? 170 PHE A CD2 1 
ATOM   1186 C CE1 . PHE A 1 169 ? -0.285  -4.325  14.374  1.00 22.68 ? 170 PHE A CE1 1 
ATOM   1187 C CE2 . PHE A 1 169 ? -1.878  -2.846  13.369  1.00 24.20 ? 170 PHE A CE2 1 
ATOM   1188 C CZ  . PHE A 1 169 ? -1.467  -3.614  14.442  1.00 23.91 ? 170 PHE A CZ  1 
ATOM   1189 N N   . CYS A 1 170 ? 1.039   -2.850  7.941   1.00 23.47 ? 171 CYS A N   1 
ATOM   1190 C CA  . CYS A 1 170 ? 1.809   -2.286  6.831   1.00 22.12 ? 171 CYS A CA  1 
ATOM   1191 C C   . CYS A 1 170 ? 1.998   -0.807  7.164   1.00 21.27 ? 171 CYS A C   1 
ATOM   1192 O O   . CYS A 1 170 ? 1.188   0.041   6.772   1.00 20.82 ? 171 CYS A O   1 
ATOM   1193 C CB  . CYS A 1 170 ? 1.080   -2.394  5.492   1.00 23.32 ? 171 CYS A CB  1 
ATOM   1194 S SG  . CYS A 1 170 ? 1.828   -1.356  4.185   1.00 26.81 ? 171 CYS A SG  1 
ATOM   1195 N N   . PRO A 1 171 ? 3.063   -0.480  7.908   1.00 21.29 ? 172 PRO A N   1 
ATOM   1196 C CA  . PRO A 1 171 ? 3.294   0.922   8.260   1.00 21.67 ? 172 PRO A CA  1 
ATOM   1197 C C   . PRO A 1 171 ? 3.640   1.769   7.033   1.00 23.02 ? 172 PRO A C   1 
ATOM   1198 O O   . PRO A 1 171 ? 4.378   1.332   6.150   1.00 21.00 ? 172 PRO A O   1 
ATOM   1199 C CB  . PRO A 1 171 ? 4.435   0.833   9.266   1.00 19.14 ? 172 PRO A CB  1 
ATOM   1200 C CG  . PRO A 1 171 ? 5.196   -0.344  8.780   1.00 19.83 ? 172 PRO A CG  1 
ATOM   1201 C CD  . PRO A 1 171 ? 4.113   -1.342  8.477   1.00 20.34 ? 172 PRO A CD  1 
ATOM   1202 N N   . THR A 1 172 ? 3.064   2.969   7.000   1.00 23.41 ? 173 THR A N   1 
ATOM   1203 C CA  . THR A 1 172 ? 3.246   3.961   5.945   1.00 24.17 ? 173 THR A CA  1 
ATOM   1204 C C   . THR A 1 172 ? 3.230   5.346   6.597   1.00 24.29 ? 173 THR A C   1 
ATOM   1205 O O   . THR A 1 172 ? 2.416   5.606   7.488   1.00 23.07 ? 173 THR A O   1 
ATOM   1206 C CB  . THR A 1 172 ? 2.090   3.916   4.918   1.00 25.03 ? 173 THR A CB  1 
ATOM   1207 O OG1 . THR A 1 172 ? 2.228   2.762   4.082   1.00 28.91 ? 173 THR A OG1 1 
ATOM   1208 C CG2 . THR A 1 172 ? 2.082   5.172   4.052   1.00 27.29 ? 173 THR A CG2 1 
ATOM   1209 N N   . GLY A 1 173 ? 4.124   6.228   6.153   1.00 24.56 ? 174 GLY A N   1 
ATOM   1210 C CA  . GLY A 1 173 ? 4.185   7.568   6.712   1.00 23.02 ? 174 GLY A CA  1 
ATOM   1211 C C   . GLY A 1 173 ? 5.330   7.718   7.691   1.00 22.71 ? 174 GLY A C   1 
ATOM   1212 O O   . GLY A 1 173 ? 5.199   7.383   8.864   1.00 23.14 ? 174 GLY A O   1 
ATOM   1213 N N   . GLY A 1 174 ? 6.460   8.220   7.208   1.00 21.17 ? 175 GLY A N   1 
ATOM   1214 C CA  . GLY A 1 174 ? 7.608   8.394   8.073   1.00 21.19 ? 175 GLY A CA  1 
ATOM   1215 C C   . GLY A 1 174 ? 8.625   7.282   7.918   1.00 22.45 ? 175 GLY A C   1 
ATOM   1216 O O   . GLY A 1 174 ? 9.676   7.293   8.572   1.00 24.31 ? 175 GLY A O   1 
ATOM   1217 N N   . VAL A 1 175 ? 8.311   6.314   7.060   1.00 21.90 ? 176 VAL A N   1 
ATOM   1218 C CA  . VAL A 1 175 ? 9.204   5.186   6.798   1.00 22.71 ? 176 VAL A CA  1 
ATOM   1219 C C   . VAL A 1 175 ? 10.240  5.583   5.742   1.00 24.73 ? 176 VAL A C   1 
ATOM   1220 O O   . VAL A 1 175 ? 9.890   6.047   4.660   1.00 24.95 ? 176 VAL A O   1 
ATOM   1221 C CB  . VAL A 1 175 ? 8.411   3.956   6.300   1.00 22.51 ? 176 VAL A CB  1 
ATOM   1222 C CG1 . VAL A 1 175 ? 9.345   2.769   6.141   1.00 21.06 ? 176 VAL A CG1 1 
ATOM   1223 C CG2 . VAL A 1 175 ? 7.301   3.616   7.281   1.00 22.25 ? 176 VAL A CG2 1 
ATOM   1224 N N   . ASN A 1 176 ? 11.516  5.416   6.075   1.00 26.34 ? 177 ASN A N   1 
ATOM   1225 C CA  . ASN A 1 176 ? 12.604  5.767   5.165   1.00 27.41 ? 177 ASN A CA  1 
ATOM   1226 C C   . ASN A 1 176 ? 13.791  4.833   5.436   1.00 27.48 ? 177 ASN A C   1 
ATOM   1227 O O   . ASN A 1 176 ? 13.747  4.032   6.380   1.00 27.93 ? 177 ASN A O   1 
ATOM   1228 C CB  . ASN A 1 176 ? 13.012  7.225   5.380   1.00 28.55 ? 177 ASN A CB  1 
ATOM   1229 C CG  . ASN A 1 176 ? 13.432  7.499   6.805   1.00 31.44 ? 177 ASN A CG  1 
ATOM   1230 O OD1 . ASN A 1 176 ? 14.383  6.899   7.307   1.00 33.80 ? 177 ASN A OD1 1 
ATOM   1231 N ND2 . ASN A 1 176 ? 12.722  8.404   7.471   1.00 32.50 ? 177 ASN A ND2 1 
ATOM   1232 N N   . PRO A 1 177 ? 14.866  4.930   4.623   1.00 26.85 ? 178 PRO A N   1 
ATOM   1233 C CA  . PRO A 1 177 ? 16.070  4.097   4.756   1.00 25.68 ? 178 PRO A CA  1 
ATOM   1234 C C   . PRO A 1 177 ? 16.666  4.025   6.157   1.00 24.78 ? 178 PRO A C   1 
ATOM   1235 O O   . PRO A 1 177 ? 17.286  3.026   6.521   1.00 25.33 ? 178 PRO A O   1 
ATOM   1236 C CB  . PRO A 1 177 ? 17.029  4.728   3.755   1.00 24.70 ? 178 PRO A CB  1 
ATOM   1237 C CG  . PRO A 1 177 ? 16.111  5.238   2.703   1.00 25.07 ? 178 PRO A CG  1 
ATOM   1238 C CD  . PRO A 1 177 ? 15.038  5.893   3.519   1.00 25.56 ? 178 PRO A CD  1 
ATOM   1239 N N   . ALA A 1 178 ? 16.477  5.081   6.939   1.00 24.92 ? 179 ALA A N   1 
ATOM   1240 C CA  . ALA A 1 178 ? 17.013  5.120   8.290   1.00 25.45 ? 179 ALA A CA  1 
ATOM   1241 C C   . ALA A 1 178 ? 16.244  4.229   9.273   1.00 25.48 ? 179 ALA A C   1 
ATOM   1242 O O   . ALA A 1 178 ? 16.824  3.729   10.234  1.00 28.25 ? 179 ALA A O   1 
ATOM   1243 C CB  . ALA A 1 178 ? 17.046  6.559   8.787   1.00 24.50 ? 179 ALA A CB  1 
ATOM   1244 N N   . ASN A 1 179 ? 14.953  4.013   9.038   1.00 24.33 ? 180 ASN A N   1 
ATOM   1245 C CA  . ASN A 1 179 ? 14.163  3.181   9.948   1.00 24.59 ? 180 ASN A CA  1 
ATOM   1246 C C   . ASN A 1 179 ? 13.462  1.989   9.305   1.00 24.89 ? 180 ASN A C   1 
ATOM   1247 O O   . ASN A 1 179 ? 12.769  1.232   9.987   1.00 24.04 ? 180 ASN A O   1 
ATOM   1248 C CB  . ASN A 1 179 ? 13.109  4.029   10.653  1.00 24.63 ? 180 ASN A CB  1 
ATOM   1249 C CG  . ASN A 1 179 ? 12.186  4.750   9.675   1.00 25.85 ? 180 ASN A CG  1 
ATOM   1250 O OD1 . ASN A 1 179 ? 11.745  4.177   8.673   1.00 26.58 ? 180 ASN A OD1 1 
ATOM   1251 N ND2 . ASN A 1 179 ? 11.875  6.006   9.973   1.00 25.64 ? 180 ASN A ND2 1 
ATOM   1252 N N   . VAL A 1 180 ? 13.641  1.814   8.004   1.00 25.61 ? 181 VAL A N   1 
ATOM   1253 C CA  . VAL A 1 180 ? 12.975  0.726   7.312   1.00 27.91 ? 181 VAL A CA  1 
ATOM   1254 C C   . VAL A 1 180 ? 13.249  -0.690  7.820   1.00 29.49 ? 181 VAL A C   1 
ATOM   1255 O O   . VAL A 1 180 ? 12.355  -1.537  7.797   1.00 29.46 ? 181 VAL A O   1 
ATOM   1256 C CB  . VAL A 1 180 ? 13.265  0.782   5.807   1.00 27.81 ? 181 VAL A CB  1 
ATOM   1257 C CG1 . VAL A 1 180 ? 14.743  0.568   5.554   1.00 30.00 ? 181 VAL A CG1 1 
ATOM   1258 C CG2 . VAL A 1 180 ? 12.429  -0.251  5.094   1.00 28.15 ? 181 VAL A CG2 1 
ATOM   1259 N N   . ARG A 1 181 ? 14.458  -0.962  8.295   1.00 31.61 ? 182 ARG A N   1 
ATOM   1260 C CA  . ARG A 1 181 ? 14.761  -2.307  8.786   1.00 32.30 ? 182 ARG A CA  1 
ATOM   1261 C C   . ARG A 1 181 ? 14.165  -2.540  10.163  1.00 32.56 ? 182 ARG A C   1 
ATOM   1262 O O   . ARG A 1 181 ? 13.769  -3.658  10.486  1.00 33.79 ? 182 ARG A O   1 
ATOM   1263 C CB  . ARG A 1 181 ? 16.274  -2.532  8.835   1.00 34.48 ? 182 ARG A CB  1 
ATOM   1264 C CG  . ARG A 1 181 ? 16.983  -2.050  7.577   1.00 37.50 ? 182 ARG A CG  1 
ATOM   1265 C CD  . ARG A 1 181 ? 18.462  -2.400  7.572   1.00 37.47 ? 182 ARG A CD  1 
ATOM   1266 N NE  . ARG A 1 181 ? 18.697  -3.787  7.176   1.00 38.53 ? 182 ARG A NE  1 
ATOM   1267 C CZ  . ARG A 1 181 ? 18.884  -4.795  8.023   1.00 38.88 ? 182 ARG A CZ  1 
ATOM   1268 N NH1 . ARG A 1 181 ? 19.086  -6.018  7.551   1.00 36.58 ? 182 ARG A NH1 1 
ATOM   1269 N NH2 . ARG A 1 181 ? 18.888  -4.579  9.336   1.00 40.91 ? 182 ARG A NH2 1 
ATOM   1270 N N   . ASN A 1 182 ? 14.103  -1.490  10.978  1.00 32.61 ? 183 ASN A N   1 
ATOM   1271 C CA  . ASN A 1 182 ? 13.538  -1.636  12.311  1.00 32.85 ? 183 ASN A CA  1 
ATOM   1272 C C   . ASN A 1 182 ? 12.126  -2.182  12.192  1.00 32.20 ? 183 ASN A C   1 
ATOM   1273 O O   . ASN A 1 182 ? 11.733  -3.094  12.926  1.00 32.44 ? 183 ASN A O   1 
ATOM   1274 C CB  . ASN A 1 182 ? 13.503  -0.300  13.044  1.00 34.74 ? 183 ASN A CB  1 
ATOM   1275 C CG  . ASN A 1 182 ? 14.881  0.281   13.253  1.00 36.87 ? 183 ASN A CG  1 
ATOM   1276 O OD1 . ASN A 1 182 ? 15.803  -0.421  13.665  1.00 39.12 ? 183 ASN A OD1 1 
ATOM   1277 N ND2 . ASN A 1 182 ? 15.029  1.571   12.972  1.00 38.42 ? 183 ASN A ND2 1 
ATOM   1278 N N   . TYR A 1 183 ? 11.362  -1.614  11.265  1.00 29.60 ? 184 TYR A N   1 
ATOM   1279 C CA  . TYR A 1 183 ? 9.993   -2.045  11.047  1.00 27.87 ? 184 TYR A CA  1 
ATOM   1280 C C   . TYR A 1 183 ? 9.931   -3.470  10.525  1.00 28.05 ? 184 TYR A C   1 
ATOM   1281 O O   . TYR A 1 183 ? 9.192   -4.298  11.047  1.00 29.25 ? 184 TYR A O   1 
ATOM   1282 C CB  . TYR A 1 183 ? 9.290   -1.129  10.043  1.00 26.58 ? 184 TYR A CB  1 
ATOM   1283 C CG  . TYR A 1 183 ? 8.760   0.162   10.614  1.00 27.18 ? 184 TYR A CG  1 
ATOM   1284 C CD1 . TYR A 1 183 ? 9.390   1.376   10.345  1.00 26.08 ? 184 TYR A CD1 1 
ATOM   1285 C CD2 . TYR A 1 183 ? 7.599   0.176   11.393  1.00 27.63 ? 184 TYR A CD2 1 
ATOM   1286 C CE1 . TYR A 1 183 ? 8.873   2.572   10.827  1.00 24.91 ? 184 TYR A CE1 1 
ATOM   1287 C CE2 . TYR A 1 183 ? 7.079   1.370   11.880  1.00 26.57 ? 184 TYR A CE2 1 
ATOM   1288 C CZ  . TYR A 1 183 ? 7.721   2.563   11.591  1.00 25.99 ? 184 TYR A CZ  1 
ATOM   1289 O OH  . TYR A 1 183 ? 7.206   3.753   12.053  1.00 26.80 ? 184 TYR A OH  1 
ATOM   1290 N N   . MET A 1 184 ? 10.703  -3.750  9.484   1.00 28.11 ? 185 MET A N   1 
ATOM   1291 C CA  . MET A 1 184 ? 10.692  -5.079  8.893   1.00 30.42 ? 185 MET A CA  1 
ATOM   1292 C C   . MET A 1 184 ? 11.155  -6.177  9.843   1.00 30.63 ? 185 MET A C   1 
ATOM   1293 O O   . MET A 1 184 ? 10.919  -7.362  9.589   1.00 32.33 ? 185 MET A O   1 
ATOM   1294 C CB  . MET A 1 184 ? 11.531  -5.091  7.618   1.00 30.70 ? 185 MET A CB  1 
ATOM   1295 C CG  . MET A 1 184 ? 10.864  -4.339  6.474   1.00 32.89 ? 185 MET A CG  1 
ATOM   1296 S SD  . MET A 1 184 ? 9.240   -5.036  6.073   1.00 35.55 ? 185 MET A SD  1 
ATOM   1297 C CE  . MET A 1 184 ? 9.713   -6.312  4.922   1.00 36.30 ? 185 MET A CE  1 
ATOM   1298 N N   . ALA A 1 185 ? 11.795  -5.790  10.942  1.00 28.98 ? 186 ALA A N   1 
ATOM   1299 C CA  . ALA A 1 185 ? 12.275  -6.757  11.918  1.00 28.38 ? 186 ALA A CA  1 
ATOM   1300 C C   . ALA A 1 185 ? 11.127  -7.338  12.734  1.00 29.44 ? 186 ALA A C   1 
ATOM   1301 O O   . ALA A 1 185 ? 11.179  -8.495  13.149  1.00 30.49 ? 186 ALA A O   1 
ATOM   1302 C CB  . ALA A 1 185 ? 13.294  -6.101  12.836  1.00 27.81 ? 186 ALA A CB  1 
ATOM   1303 N N   . LEU A 1 186 ? 10.087  -6.539  12.955  1.00 29.44 ? 187 LEU A N   1 
ATOM   1304 C CA  . LEU A 1 186 ? 8.932   -6.979  13.733  1.00 28.42 ? 187 LEU A CA  1 
ATOM   1305 C C   . LEU A 1 186 ? 8.205   -8.114  13.023  1.00 29.42 ? 187 LEU A C   1 
ATOM   1306 O O   . LEU A 1 186 ? 7.937   -8.047  11.821  1.00 31.04 ? 187 LEU A O   1 
ATOM   1307 C CB  . LEU A 1 186 ? 7.981   -5.802  13.964  1.00 28.71 ? 187 LEU A CB  1 
ATOM   1308 C CG  . LEU A 1 186 ? 8.642   -4.587  14.625  1.00 28.06 ? 187 LEU A CG  1 
ATOM   1309 C CD1 . LEU A 1 186 ? 7.648   -3.445  14.752  1.00 26.63 ? 187 LEU A CD1 1 
ATOM   1310 C CD2 . LEU A 1 186 ? 9.174   -4.995  15.979  1.00 25.49 ? 187 LEU A CD2 1 
ATOM   1311 N N   . PRO A 1 187 ? 7.890   -9.191  13.761  1.00 30.07 ? 188 PRO A N   1 
ATOM   1312 C CA  . PRO A 1 187 ? 7.191   -10.336 13.173  1.00 29.82 ? 188 PRO A CA  1 
ATOM   1313 C C   . PRO A 1 187 ? 5.766   -10.047 12.680  1.00 29.06 ? 188 PRO A C   1 
ATOM   1314 O O   . PRO A 1 187 ? 5.223   -10.785 11.854  1.00 28.92 ? 188 PRO A O   1 
ATOM   1315 C CB  . PRO A 1 187 ? 7.205   -11.368 14.306  1.00 30.52 ? 188 PRO A CB  1 
ATOM   1316 C CG  . PRO A 1 187 ? 7.165   -10.516 15.534  1.00 29.68 ? 188 PRO A CG  1 
ATOM   1317 C CD  . PRO A 1 187 ? 8.168   -9.431  15.190  1.00 30.36 ? 188 PRO A CD  1 
ATOM   1318 N N   . ASN A 1 188 ? 5.156   -8.981  13.184  1.00 29.12 ? 189 ASN A N   1 
ATOM   1319 C CA  . ASN A 1 188 ? 3.797   -8.656  12.778  1.00 28.55 ? 189 ASN A CA  1 
ATOM   1320 C C   . ASN A 1 188 ? 3.698   -7.519  11.760  1.00 28.34 ? 189 ASN A C   1 
ATOM   1321 O O   . ASN A 1 188 ? 2.679   -6.838  11.686  1.00 30.33 ? 189 ASN A O   1 
ATOM   1322 C CB  . ASN A 1 188 ? 2.940   -8.361  14.017  1.00 28.67 ? 189 ASN A CB  1 
ATOM   1323 C CG  . ASN A 1 188 ? 3.460   -7.194  14.826  1.00 29.64 ? 189 ASN A CG  1 
ATOM   1324 O OD1 . ASN A 1 188 ? 4.664   -6.944  14.876  1.00 30.12 ? 189 ASN A OD1 1 
ATOM   1325 N ND2 . ASN A 1 188 ? 2.553   -6.481  15.485  1.00 28.79 ? 189 ASN A ND2 1 
ATOM   1326 N N   . VAL A 1 189 ? 4.759   -7.327  10.977  1.00 28.26 ? 190 VAL A N   1 
ATOM   1327 C CA  . VAL A 1 189 ? 4.792   -6.312  9.925   1.00 27.07 ? 190 VAL A CA  1 
ATOM   1328 C C   . VAL A 1 189 ? 4.947   -7.058  8.599   1.00 28.31 ? 190 VAL A C   1 
ATOM   1329 O O   . VAL A 1 189 ? 5.910   -7.801  8.409   1.00 29.00 ? 190 VAL A O   1 
ATOM   1330 C CB  . VAL A 1 189 ? 5.973   -5.318  10.121  1.00 26.66 ? 190 VAL A CB  1 
ATOM   1331 C CG1 . VAL A 1 189 ? 6.171   -4.474  8.863   1.00 23.88 ? 190 VAL A CG1 1 
ATOM   1332 C CG2 . VAL A 1 189 ? 5.699   -4.397  11.314  1.00 23.81 ? 190 VAL A CG2 1 
ATOM   1333 N N   . MET A 1 190 ? 3.977   -6.879  7.703   1.00 28.81 ? 191 MET A N   1 
ATOM   1334 C CA  . MET A 1 190 ? 3.970   -7.544  6.390   1.00 27.68 ? 191 MET A CA  1 
ATOM   1335 C C   . MET A 1 190 ? 4.928   -6.886  5.414   1.00 27.35 ? 191 MET A C   1 
ATOM   1336 O O   . MET A 1 190 ? 5.657   -7.556  4.686   1.00 27.69 ? 191 MET A O   1 
ATOM   1337 C CB  . MET A 1 190 ? 2.591   -7.467  5.741   1.00 27.92 ? 191 MET A CB  1 
ATOM   1338 C CG  . MET A 1 190 ? 1.411   -7.984  6.526   1.00 26.65 ? 191 MET A CG  1 
ATOM   1339 S SD  . MET A 1 190 ? -0.077  -7.866  5.499   1.00 31.14 ? 191 MET A SD  1 
ATOM   1340 C CE  . MET A 1 190 ? -0.664  -6.236  5.876   1.00 28.65 ? 191 MET A CE  1 
ATOM   1341 N N   . CYS A 1 191 ? 4.876   -5.560  5.393   1.00 27.24 ? 192 CYS A N   1 
ATOM   1342 C CA  . CYS A 1 191 ? 5.684   -4.744  4.500   1.00 27.94 ? 192 CYS A CA  1 
ATOM   1343 C C   . CYS A 1 191 ? 5.518   -3.302  4.940   1.00 28.03 ? 192 CYS A C   1 
ATOM   1344 O O   . CYS A 1 191 ? 4.784   -3.011  5.885   1.00 28.88 ? 192 CYS A O   1 
ATOM   1345 C CB  . CYS A 1 191 ? 5.191   -4.881  3.055   1.00 26.83 ? 192 CYS A CB  1 
ATOM   1346 S SG  . CYS A 1 191 ? 3.416   -4.535  2.859   1.00 31.22 ? 192 CYS A SG  1 
ATOM   1347 N N   . VAL A 1 192 ? 6.209   -2.402  4.248   1.00 26.21 ? 193 VAL A N   1 
ATOM   1348 C CA  . VAL A 1 192 ? 6.130   -0.982  4.545   1.00 26.09 ? 193 VAL A CA  1 
ATOM   1349 C C   . VAL A 1 192 ? 5.777   -0.232  3.276   1.00 26.29 ? 193 VAL A C   1 
ATOM   1350 O O   . VAL A 1 192 ? 5.948   -0.750  2.177   1.00 26.09 ? 193 VAL A O   1 
ATOM   1351 C CB  . VAL A 1 192 ? 7.469   -0.426  5.107   1.00 24.64 ? 193 VAL A CB  1 
ATOM   1352 C CG1 . VAL A 1 192 ? 7.746   -1.012  6.492   1.00 22.34 ? 193 VAL A CG1 1 
ATOM   1353 C CG2 . VAL A 1 192 ? 8.601   -0.739  4.153   1.00 24.03 ? 193 VAL A CG2 1 
ATOM   1354 N N   . GLY A 1 193 ? 5.274   0.988   3.439   1.00 26.49 ? 194 GLY A N   1 
ATOM   1355 C CA  . GLY A 1 193 ? 4.903   1.807   2.300   1.00 26.04 ? 194 GLY A CA  1 
ATOM   1356 C C   . GLY A 1 193 ? 5.591   3.149   2.402   1.00 25.88 ? 194 GLY A C   1 
ATOM   1357 O O   . GLY A 1 193 ? 6.021   3.533   3.490   1.00 27.25 ? 194 GLY A O   1 
ATOM   1358 N N   . THR A 1 194 ? 5.714   3.857   1.284   1.00 25.65 ? 195 THR A N   1 
ATOM   1359 C CA  . THR A 1 194 ? 6.365   5.151   1.311   1.00 26.28 ? 195 THR A CA  1 
ATOM   1360 C C   . THR A 1 194 ? 6.520   5.779   -0.062  1.00 27.68 ? 195 THR A C   1 
ATOM   1361 O O   . THR A 1 194 ? 6.082   5.230   -1.075  1.00 26.95 ? 195 THR A O   1 
ATOM   1362 N N   . THR A 1 195 ? 7.170   6.934   -0.098  1.00 27.50 ? 196 THR A N   1 
ATOM   1363 C CA  . THR A 1 195 ? 7.365   7.650   -1.341  1.00 28.04 ? 196 THR A CA  1 
ATOM   1364 C C   . THR A 1 195 ? 8.775   8.208   -1.433  1.00 29.28 ? 196 THR A C   1 
ATOM   1365 O O   . THR A 1 195 ? 9.035   9.116   -2.225  1.00 29.35 ? 196 THR A O   1 
ATOM   1366 C CB  . THR A 1 195 ? 6.370   8.816   -1.434  1.00 28.06 ? 196 THR A CB  1 
ATOM   1367 O OG1 . THR A 1 195 ? 6.615   9.736   -0.363  1.00 27.33 ? 196 THR A OG1 1 
ATOM   1368 C CG2 . THR A 1 195 ? 4.936   8.309   -1.320  1.00 25.02 ? 196 THR A CG2 1 
ATOM   1369 N N   . TRP A 1 196 ? 9.689   7.659   -0.641  1.00 31.02 ? 197 TRP A N   1 
ATOM   1370 C CA  . TRP A 1 196 ? 11.056  8.166   -0.640  1.00 33.82 ? 197 TRP A CA  1 
ATOM   1371 C C   . TRP A 1 196 ? 11.854  7.847   -1.896  1.00 35.05 ? 197 TRP A C   1 
ATOM   1372 O O   . TRP A 1 196 ? 12.905  8.433   -2.131  1.00 36.74 ? 197 TRP A O   1 
ATOM   1373 C CB  . TRP A 1 196 ? 11.800  7.678   0.609   1.00 34.02 ? 197 TRP A CB  1 
ATOM   1374 C CG  . TRP A 1 196 ? 12.305  6.274   0.547   1.00 36.03 ? 197 TRP A CG  1 
ATOM   1375 C CD1 . TRP A 1 196 ? 13.501  5.844   0.026   1.00 35.28 ? 197 TRP A CD1 1 
ATOM   1376 C CD2 . TRP A 1 196 ? 11.663  5.112   1.092   1.00 36.14 ? 197 TRP A CD2 1 
ATOM   1377 N NE1 . TRP A 1 196 ? 13.641  4.493   0.227   1.00 34.86 ? 197 TRP A NE1 1 
ATOM   1378 C CE2 . TRP A 1 196 ? 12.540  4.023   0.878   1.00 35.46 ? 197 TRP A CE2 1 
ATOM   1379 C CE3 . TRP A 1 196 ? 10.445  4.896   1.747   1.00 35.26 ? 197 TRP A CE3 1 
ATOM   1380 C CZ2 . TRP A 1 196 ? 12.217  2.723   1.299   1.00 34.94 ? 197 TRP A CZ2 1 
ATOM   1381 C CZ3 . TRP A 1 196 ? 10.132  3.605   2.161   1.00 33.80 ? 197 TRP A CZ3 1 
ATOM   1382 C CH2 . TRP A 1 196 ? 11.019  2.537   1.940   1.00 34.19 ? 197 TRP A CH2 1 
ATOM   1383 N N   . MET A 1 197 ? 11.354  6.933   -2.709  1.00 36.77 ? 198 MET A N   1 
ATOM   1384 C CA  . MET A 1 197 ? 12.042  6.583   -3.939  1.00 38.36 ? 198 MET A CA  1 
ATOM   1385 C C   . MET A 1 197 ? 11.319  7.220   -5.116  1.00 40.64 ? 198 MET A C   1 
ATOM   1386 O O   . MET A 1 197 ? 11.704  7.041   -6.269  1.00 41.95 ? 198 MET A O   1 
ATOM   1387 C CB  . MET A 1 197 ? 12.076  5.063   -4.118  1.00 37.53 ? 198 MET A CB  1 
ATOM   1388 C CG  . MET A 1 197 ? 11.182  4.260   -3.158  1.00 37.29 ? 198 MET A CG  1 
ATOM   1389 S SD  . MET A 1 197 ? 9.383   4.500   -3.289  1.00 33.57 ? 198 MET A SD  1 
ATOM   1390 C CE  . MET A 1 197 ? 8.856   3.663   -1.781  1.00 34.49 ? 198 MET A CE  1 
ATOM   1391 N N   . LEU A 1 198 ? 10.260  7.960   -4.816  1.00 43.15 ? 199 LEU A N   1 
ATOM   1392 C CA  . LEU A 1 198 ? 9.468   8.605   -5.852  1.00 45.31 ? 199 LEU A CA  1 
ATOM   1393 C C   . LEU A 1 198 ? 9.590   10.110  -5.733  1.00 48.31 ? 199 LEU A C   1 
ATOM   1394 O O   . LEU A 1 198 ? 8.587   10.818  -5.693  1.00 49.68 ? 199 LEU A O   1 
ATOM   1395 C CB  . LEU A 1 198 ? 7.998   8.218   -5.712  1.00 44.79 ? 199 LEU A CB  1 
ATOM   1396 C CG  . LEU A 1 198 ? 7.627   6.744   -5.766  1.00 44.93 ? 199 LEU A CG  1 
ATOM   1397 C CD1 . LEU A 1 198 ? 6.292   6.564   -5.086  1.00 45.83 ? 199 LEU A CD1 1 
ATOM   1398 C CD2 . LEU A 1 198 ? 7.592   6.261   -7.200  1.00 44.96 ? 199 LEU A CD2 1 
ATOM   1399 N N   . ASP A 1 199 ? 10.819  10.600  -5.664  1.00 50.96 ? 200 ASP A N   1 
ATOM   1400 C CA  . ASP A 1 199 ? 11.050  12.033  -5.569  1.00 54.16 ? 200 ASP A CA  1 
ATOM   1401 C C   . ASP A 1 199 ? 10.299  12.768  -6.697  1.00 55.69 ? 200 ASP A C   1 
ATOM   1402 O O   . ASP A 1 199 ? 10.332  12.346  -7.853  1.00 55.89 ? 200 ASP A O   1 
ATOM   1403 C CB  . ASP A 1 199 ? 12.552  12.298  -5.651  1.00 56.37 ? 200 ASP A CB  1 
ATOM   1404 C CG  . ASP A 1 199 ? 12.904  13.730  -5.360  1.00 58.66 ? 200 ASP A CG  1 
ATOM   1405 O OD1 . ASP A 1 199 ? 12.393  14.622  -6.072  1.00 60.32 ? 200 ASP A OD1 1 
ATOM   1406 O OD2 . ASP A 1 199 ? 13.693  13.963  -4.419  1.00 59.61 ? 200 ASP A OD2 1 
ATOM   1407 N N   . SER A 1 200 ? 9.624   13.865  -6.355  1.00 57.39 ? 201 SER A N   1 
ATOM   1408 C CA  . SER A 1 200 ? 8.847   14.651  -7.323  1.00 58.81 ? 201 SER A CA  1 
ATOM   1409 C C   . SER A 1 200 ? 9.673   15.179  -8.494  1.00 59.18 ? 201 SER A C   1 
ATOM   1410 O O   . SER A 1 200 ? 9.295   15.027  -9.658  1.00 59.46 ? 201 SER A O   1 
ATOM   1411 C CB  . SER A 1 200 ? 8.191   15.841  -6.622  1.00 59.79 ? 201 SER A CB  1 
ATOM   1412 O OG  . SER A 1 200 ? 7.446   15.423  -5.487  1.00 62.74 ? 201 SER A OG  1 
ATOM   1413 N N   . SER A 1 201 ? 10.791  15.821  -8.161  1.00 59.18 ? 202 SER A N   1 
ATOM   1414 C CA  . SER A 1 201 ? 11.706  16.401  -9.141  1.00 58.48 ? 202 SER A CA  1 
ATOM   1415 C C   . SER A 1 201 ? 12.184  15.353  -10.133 1.00 57.72 ? 202 SER A C   1 
ATOM   1416 O O   . SER A 1 201 ? 12.350  15.634  -11.320 1.00 58.27 ? 202 SER A O   1 
ATOM   1417 C CB  . SER A 1 201 ? 12.920  16.989  -8.424  1.00 58.74 ? 202 SER A CB  1 
ATOM   1418 O OG  . SER A 1 201 ? 12.517  17.774  -7.311  1.00 60.56 ? 202 SER A OG  1 
ATOM   1419 N N   . TRP A 1 202 ? 12.420  14.147  -9.629  1.00 56.41 ? 203 TRP A N   1 
ATOM   1420 C CA  . TRP A 1 202 ? 12.886  13.051  -10.464 1.00 54.97 ? 203 TRP A CA  1 
ATOM   1421 C C   . TRP A 1 202 ? 11.856  12.714  -11.525 1.00 54.33 ? 203 TRP A C   1 
ATOM   1422 O O   . TRP A 1 202 ? 12.199  12.492  -12.687 1.00 54.18 ? 203 TRP A O   1 
ATOM   1423 C CB  . TRP A 1 202 ? 13.165  11.824  -9.602  1.00 54.78 ? 203 TRP A CB  1 
ATOM   1424 C CG  . TRP A 1 202 ? 14.363  11.991  -8.706  1.00 56.28 ? 203 TRP A CG  1 
ATOM   1425 C CD1 . TRP A 1 202 ? 15.245  13.039  -8.694  1.00 55.11 ? 203 TRP A CD1 1 
ATOM   1426 C CD2 . TRP A 1 202 ? 14.840  11.051  -7.727  1.00 56.32 ? 203 TRP A CD2 1 
ATOM   1427 N NE1 . TRP A 1 202 ? 16.241  12.804  -7.774  1.00 55.45 ? 203 TRP A NE1 1 
ATOM   1428 C CE2 . TRP A 1 202 ? 16.019  11.601  -7.172  1.00 55.97 ? 203 TRP A CE2 1 
ATOM   1429 C CE3 . TRP A 1 202 ? 14.384  9.806   -7.274  1.00 56.49 ? 203 TRP A CE3 1 
ATOM   1430 C CZ2 . TRP A 1 202 ? 16.752  10.933  -6.179  1.00 55.97 ? 203 TRP A CZ2 1 
ATOM   1431 C CZ3 . TRP A 1 202 ? 15.118  9.145   -6.284  1.00 56.61 ? 203 TRP A CZ3 1 
ATOM   1432 C CH2 . TRP A 1 202 ? 16.290  9.714   -5.751  1.00 56.58 ? 203 TRP A CH2 1 
ATOM   1433 N N   . ILE A 1 203 ? 10.591  12.678  -11.118 1.00 53.72 ? 204 ILE A N   1 
ATOM   1434 C CA  . ILE A 1 203 ? 9.504   12.361  -12.029 1.00 54.61 ? 204 ILE A CA  1 
ATOM   1435 C C   . ILE A 1 203 ? 9.343   13.431  -13.113 1.00 55.14 ? 204 ILE A C   1 
ATOM   1436 O O   . ILE A 1 203 ? 9.241   13.111  -14.299 1.00 55.32 ? 204 ILE A O   1 
ATOM   1437 C CB  . ILE A 1 203 ? 8.170   12.186  -11.258 1.00 54.90 ? 204 ILE A CB  1 
ATOM   1438 C CG1 . ILE A 1 203 ? 8.311   11.057  -10.239 1.00 54.42 ? 204 ILE A CG1 1 
ATOM   1439 C CG2 . ILE A 1 203 ? 7.038   11.849  -12.228 1.00 54.20 ? 204 ILE A CG2 1 
ATOM   1440 C CD1 . ILE A 1 203 ? 7.073   10.809  -9.407  1.00 54.69 ? 204 ILE A CD1 1 
ATOM   1441 N N   . LYS A 1 204 ? 9.337   14.698  -12.715 1.00 55.56 ? 205 LYS A N   1 
ATOM   1442 C CA  . LYS A 1 204 ? 9.185   15.791  -13.669 1.00 56.13 ? 205 LYS A CA  1 
ATOM   1443 C C   . LYS A 1 204 ? 10.290  15.786  -14.720 1.00 55.60 ? 205 LYS A C   1 
ATOM   1444 O O   . LYS A 1 204 ? 10.024  15.656  -15.914 1.00 56.12 ? 205 LYS A O   1 
ATOM   1445 C CB  . LYS A 1 204 ? 9.187   17.123  -12.926 1.00 57.59 ? 205 LYS A CB  1 
ATOM   1446 C CG  . LYS A 1 204 ? 8.181   17.161  -11.806 1.00 60.73 ? 205 LYS A CG  1 
ATOM   1447 C CD  . LYS A 1 204 ? 8.331   18.403  -10.953 1.00 64.04 ? 205 LYS A CD  1 
ATOM   1448 C CE  . LYS A 1 204 ? 7.412   18.321  -9.742  1.00 64.95 ? 205 LYS A CE  1 
ATOM   1449 N NZ  . LYS A 1 204 ? 7.648   19.432  -8.787  1.00 65.12 ? 205 LYS A NZ  1 
ATOM   1450 N N   . ASN A 1 205 ? 11.531  15.920  -14.268 1.00 54.54 ? 206 ASN A N   1 
ATOM   1451 C CA  . ASN A 1 205 ? 12.673  15.943  -15.173 1.00 53.43 ? 206 ASN A CA  1 
ATOM   1452 C C   . ASN A 1 205 ? 12.905  14.606  -15.858 1.00 52.36 ? 206 ASN A C   1 
ATOM   1453 O O   . ASN A 1 205 ? 13.851  14.453  -16.627 1.00 53.39 ? 206 ASN A O   1 
ATOM   1454 C CB  . ASN A 1 205 ? 13.919  16.359  -14.406 1.00 53.08 ? 206 ASN A CB  1 
ATOM   1455 C CG  . ASN A 1 205 ? 13.702  17.643  -13.636 1.00 54.98 ? 206 ASN A CG  1 
ATOM   1456 O OD1 . ASN A 1 205 ? 13.198  18.624  -14.187 1.00 54.86 ? 206 ASN A OD1 1 
ATOM   1457 N ND2 . ASN A 1 205 ? 14.071  17.645  -12.360 1.00 56.10 ? 206 ASN A ND2 1 
ATOM   1458 N N   . GLY A 1 206 ? 12.038  13.638  -15.575 1.00 51.13 ? 207 GLY A N   1 
ATOM   1459 C CA  . GLY A 1 206 ? 12.166  12.325  -16.182 1.00 48.75 ? 207 GLY A CA  1 
ATOM   1460 C C   . GLY A 1 206 ? 13.441  11.599  -15.798 1.00 47.35 ? 207 GLY A C   1 
ATOM   1461 O O   . GLY A 1 206 ? 13.940  10.787  -16.572 1.00 47.87 ? 207 GLY A O   1 
ATOM   1462 N N   . ASP A 1 207 ? 13.970  11.880  -14.609 1.00 45.29 ? 208 ASP A N   1 
ATOM   1463 C CA  . ASP A 1 207 ? 15.192  11.229  -14.144 1.00 44.16 ? 208 ASP A CA  1 
ATOM   1464 C C   . ASP A 1 207 ? 14.896  9.801   -13.692 1.00 41.69 ? 208 ASP A C   1 
ATOM   1465 O O   . ASP A 1 207 ? 15.088  9.462   -12.525 1.00 40.62 ? 208 ASP A O   1 
ATOM   1466 C CB  . ASP A 1 207 ? 15.810  12.012  -12.979 1.00 46.61 ? 208 ASP A CB  1 
ATOM   1467 C CG  . ASP A 1 207 ? 16.177  13.428  -13.360 1.00 48.42 ? 208 ASP A CG  1 
ATOM   1468 O OD1 . ASP A 1 207 ? 16.787  13.616  -14.436 1.00 50.19 ? 208 ASP A OD1 1 
ATOM   1469 O OD2 . ASP A 1 207 ? 15.869  14.355  -12.579 1.00 50.15 ? 208 ASP A OD2 1 
ATOM   1470 N N   . TRP A 1 208 ? 14.447  8.968   -14.625 1.00 39.43 ? 209 TRP A N   1 
ATOM   1471 C CA  . TRP A 1 208 ? 14.104  7.590   -14.320 1.00 37.81 ? 209 TRP A CA  1 
ATOM   1472 C C   . TRP A 1 208 ? 15.260  6.692   -13.902 1.00 35.89 ? 209 TRP A C   1 
ATOM   1473 O O   . TRP A 1 208 ? 15.034  5.636   -13.319 1.00 34.98 ? 209 TRP A O   1 
ATOM   1474 C CB  . TRP A 1 208 ? 13.341  6.989   -15.499 1.00 39.92 ? 209 TRP A CB  1 
ATOM   1475 C CG  . TRP A 1 208 ? 12.089  7.764   -15.786 1.00 43.26 ? 209 TRP A CG  1 
ATOM   1476 C CD1 . TRP A 1 208 ? 11.037  7.994   -14.925 1.00 43.05 ? 209 TRP A CD1 1 
ATOM   1477 C CD2 . TRP A 1 208 ? 11.779  8.472   -16.987 1.00 43.42 ? 209 TRP A CD2 1 
ATOM   1478 N NE1 . TRP A 1 208 ? 10.104  8.810   -15.518 1.00 44.28 ? 209 TRP A NE1 1 
ATOM   1479 C CE2 . TRP A 1 208 ? 10.534  9.120   -16.779 1.00 45.48 ? 209 TRP A CE2 1 
ATOM   1480 C CE3 . TRP A 1 208 ? 12.436  8.637   -18.210 1.00 45.22 ? 209 TRP A CE3 1 
ATOM   1481 C CZ2 . TRP A 1 208 ? 9.931   9.910   -17.772 1.00 48.11 ? 209 TRP A CZ2 1 
ATOM   1482 C CZ3 . TRP A 1 208 ? 11.838  9.423   -19.194 1.00 49.33 ? 209 TRP A CZ3 1 
ATOM   1483 C CH2 . TRP A 1 208 ? 10.601  10.055  -18.967 1.00 50.23 ? 209 TRP A CH2 1 
ATOM   1484 N N   . ALA A 1 209 ? 16.493  7.103   -14.183 1.00 34.21 ? 210 ALA A N   1 
ATOM   1485 C CA  . ALA A 1 209 ? 17.642  6.302   -13.776 1.00 33.41 ? 210 ALA A CA  1 
ATOM   1486 C C   . ALA A 1 209 ? 17.797  6.458   -12.262 1.00 34.09 ? 210 ALA A C   1 
ATOM   1487 O O   . ALA A 1 209 ? 18.149  5.508   -11.562 1.00 33.66 ? 210 ALA A O   1 
ATOM   1488 C CB  . ALA A 1 209 ? 18.901  6.773   -14.483 1.00 32.30 ? 210 ALA A CB  1 
ATOM   1489 N N   . ARG A 1 210 ? 17.518  7.664   -11.767 1.00 34.44 ? 211 ARG A N   1 
ATOM   1490 C CA  . ARG A 1 210 ? 17.604  7.962   -10.344 1.00 35.00 ? 211 ARG A CA  1 
ATOM   1491 C C   . ARG A 1 210 ? 16.553  7.171   -9.567  1.00 34.32 ? 211 ARG A C   1 
ATOM   1492 O O   . ARG A 1 210 ? 16.810  6.690   -8.460  1.00 34.81 ? 211 ARG A O   1 
ATOM   1493 C CB  . ARG A 1 210 ? 17.396  9.464   -10.100 1.00 38.65 ? 211 ARG A CB  1 
ATOM   1494 C CG  . ARG A 1 210 ? 18.668  10.281  -9.878  1.00 43.54 ? 211 ARG A CG  1 
ATOM   1495 C CD  . ARG A 1 210 ? 19.648  10.149  -11.046 1.00 51.32 ? 211 ARG A CD  1 
ATOM   1496 N NE  . ARG A 1 210 ? 18.984  10.345  -12.338 1.00 57.98 ? 211 ARG A NE  1 
ATOM   1497 C CZ  . ARG A 1 210 ? 19.617  10.562  -13.493 1.00 60.02 ? 211 ARG A CZ  1 
ATOM   1498 N NH1 . ARG A 1 210 ? 18.914  10.720  -14.613 1.00 58.75 ? 211 ARG A NH1 1 
ATOM   1499 N NH2 . ARG A 1 210 ? 20.951  10.632  -13.530 1.00 58.39 ? 211 ARG A NH2 1 
ATOM   1500 N N   . ILE A 1 211 ? 15.366  7.039   -10.147 1.00 33.20 ? 212 ILE A N   1 
ATOM   1501 C CA  . ILE A 1 211 ? 14.280  6.308   -9.500  1.00 32.28 ? 212 ILE A CA  1 
ATOM   1502 C C   . ILE A 1 211 ? 14.567  4.809   -9.469  1.00 31.35 ? 212 ILE A C   1 
ATOM   1503 O O   . ILE A 1 211 ? 14.331  4.144   -8.461  1.00 29.80 ? 212 ILE A O   1 
ATOM   1504 C CB  . ILE A 1 211 ? 12.952  6.549   -10.238 1.00 32.94 ? 212 ILE A CB  1 
ATOM   1505 C CG1 . ILE A 1 211 ? 12.548  8.015   -10.098 1.00 32.35 ? 212 ILE A CG1 1 
ATOM   1506 C CG2 . ILE A 1 211 ? 11.870  5.634   -9.688  1.00 33.36 ? 212 ILE A CG2 1 
ATOM   1507 C CD1 . ILE A 1 211 ? 11.350  8.391   -10.916 1.00 33.02 ? 212 ILE A CD1 1 
ATOM   1508 N N   . GLU A 1 212 ? 15.070  4.297   -10.588 1.00 30.62 ? 213 GLU A N   1 
ATOM   1509 C CA  . GLU A 1 212 ? 15.402  2.888   -10.740 1.00 30.49 ? 213 GLU A CA  1 
ATOM   1510 C C   . GLU A 1 212 ? 16.473  2.532   -9.710  1.00 29.70 ? 213 GLU A C   1 
ATOM   1511 O O   . GLU A 1 212 ? 16.361  1.535   -8.990  1.00 28.24 ? 213 GLU A O   1 
ATOM   1512 C CB  . GLU A 1 212 ? 15.909  2.651   -12.169 1.00 31.79 ? 213 GLU A CB  1 
ATOM   1513 C CG  . GLU A 1 212 ? 15.924  1.207   -12.654 1.00 34.60 ? 213 GLU A CG  1 
ATOM   1514 C CD  . GLU A 1 212 ? 17.057  0.413   -12.054 1.00 37.65 ? 213 GLU A CD  1 
ATOM   1515 O OE1 . GLU A 1 212 ? 18.193  0.943   -12.007 1.00 39.11 ? 213 GLU A OE1 1 
ATOM   1516 O OE2 . GLU A 1 212 ? 16.825  -0.755  -11.667 1.00 40.02 ? 213 GLU A OE2 1 
ATOM   1517 N N   . ALA A 1 213 ? 17.504  3.369   -9.626  1.00 29.42 ? 214 ALA A N   1 
ATOM   1518 C CA  . ALA A 1 213 ? 18.597  3.150   -8.676  1.00 28.75 ? 214 ALA A CA  1 
ATOM   1519 C C   . ALA A 1 213 ? 18.077  3.178   -7.240  1.00 28.81 ? 214 ALA A C   1 
ATOM   1520 O O   . ALA A 1 213 ? 18.485  2.362   -6.409  1.00 27.76 ? 214 ALA A O   1 
ATOM   1521 C CB  . ALA A 1 213 ? 19.673  4.218   -8.854  1.00 27.74 ? 214 ALA A CB  1 
ATOM   1522 N N   . CYS A 1 214 ? 17.170  4.113   -6.955  1.00 28.28 ? 215 CYS A N   1 
ATOM   1523 C CA  . CYS A 1 214 ? 16.614  4.240   -5.615  1.00 29.36 ? 215 CYS A CA  1 
ATOM   1524 C C   . CYS A 1 214 ? 15.739  3.053   -5.213  1.00 29.37 ? 215 CYS A C   1 
ATOM   1525 O O   . CYS A 1 214 ? 15.721  2.662   -4.048  1.00 29.91 ? 215 CYS A O   1 
ATOM   1526 C CB  . CYS A 1 214 ? 15.814  5.537   -5.483  1.00 30.44 ? 215 CYS A CB  1 
ATOM   1527 S SG  . CYS A 1 214 ? 15.504  5.993   -3.744  1.00 35.71 ? 215 CYS A SG  1 
ATOM   1528 N N   . SER A 1 215 ? 15.009  2.486   -6.168  1.00 29.49 ? 216 SER A N   1 
ATOM   1529 C CA  . SER A 1 215 ? 14.159  1.342   -5.876  1.00 30.34 ? 216 SER A CA  1 
ATOM   1530 C C   . SER A 1 215 ? 15.035  0.150   -5.560  1.00 31.18 ? 216 SER A C   1 
ATOM   1531 O O   . SER A 1 215 ? 14.764  -0.602  -4.621  1.00 31.75 ? 216 SER A O   1 
ATOM   1532 C CB  . SER A 1 215 ? 13.281  0.993   -7.070  1.00 31.53 ? 216 SER A CB  1 
ATOM   1533 O OG  . SER A 1 215 ? 12.340  2.019   -7.328  1.00 35.51 ? 216 SER A OG  1 
ATOM   1534 N N   . ALA A 1 216 ? 16.080  -0.033  -6.362  1.00 31.11 ? 217 ALA A N   1 
ATOM   1535 C CA  . ALA A 1 216 ? 17.007  -1.139  -6.159  1.00 30.81 ? 217 ALA A CA  1 
ATOM   1536 C C   . ALA A 1 216 ? 17.600  -1.052  -4.756  1.00 30.93 ? 217 ALA A C   1 
ATOM   1537 O O   . ALA A 1 216 ? 17.696  -2.057  -4.057  1.00 32.06 ? 217 ALA A O   1 
ATOM   1538 C CB  . ALA A 1 216 ? 18.112  -1.090  -7.205  1.00 30.16 ? 217 ALA A CB  1 
ATOM   1539 N N   . GLU A 1 217 ? 17.984  0.155   -4.347  1.00 30.58 ? 218 GLU A N   1 
ATOM   1540 C CA  . GLU A 1 217 ? 18.553  0.355   -3.021  1.00 30.06 ? 218 GLU A CA  1 
ATOM   1541 C C   . GLU A 1 217 ? 17.567  -0.002  -1.911  1.00 29.59 ? 218 GLU A C   1 
ATOM   1542 O O   . GLU A 1 217 ? 17.948  -0.594  -0.905  1.00 30.16 ? 218 GLU A O   1 
ATOM   1543 C CB  . GLU A 1 217 ? 19.016  1.805   -2.858  1.00 31.83 ? 218 GLU A CB  1 
ATOM   1544 C CG  . GLU A 1 217 ? 20.330  2.114   -3.559  1.00 34.77 ? 218 GLU A CG  1 
ATOM   1545 C CD  . GLU A 1 217 ? 20.733  3.570   -3.447  1.00 35.96 ? 218 GLU A CD  1 
ATOM   1546 O OE1 . GLU A 1 217 ? 20.739  4.109   -2.324  1.00 39.41 ? 218 GLU A OE1 1 
ATOM   1547 O OE2 . GLU A 1 217 ? 21.047  4.186   -4.487  1.00 38.60 ? 218 GLU A OE2 1 
ATOM   1548 N N   . ALA A 1 218 ? 16.298  0.346   -2.101  1.00 28.78 ? 219 ALA A N   1 
ATOM   1549 C CA  . ALA A 1 218 ? 15.271  0.063   -1.103  1.00 29.22 ? 219 ALA A CA  1 
ATOM   1550 C C   . ALA A 1 218 ? 15.072  -1.438  -0.925  1.00 29.55 ? 219 ALA A C   1 
ATOM   1551 O O   . ALA A 1 218 ? 14.908  -1.922  0.195   1.00 29.06 ? 219 ALA A O   1 
ATOM   1552 C CB  . ALA A 1 218 ? 13.954  0.726   -1.502  1.00 27.09 ? 219 ALA A CB  1 
ATOM   1553 N N   . ILE A 1 219 ? 15.086  -2.175  -2.031  1.00 30.32 ? 220 ILE A N   1 
ATOM   1554 C CA  . ILE A 1 219 ? 14.911  -3.622  -1.983  1.00 30.74 ? 220 ILE A CA  1 
ATOM   1555 C C   . ILE A 1 219 ? 16.150  -4.302  -1.389  1.00 32.44 ? 220 ILE A C   1 
ATOM   1556 O O   . ILE A 1 219 ? 16.043  -5.278  -0.644  1.00 31.48 ? 220 ILE A O   1 
ATOM   1557 C CB  . ILE A 1 219 ? 14.667  -4.197  -3.396  1.00 30.84 ? 220 ILE A CB  1 
ATOM   1558 C CG1 . ILE A 1 219 ? 13.296  -3.742  -3.932  1.00 29.74 ? 220 ILE A CG1 1 
ATOM   1559 C CG2 . ILE A 1 219 ? 14.829  -5.716  -3.371  1.00 29.89 ? 220 ILE A CG2 1 
ATOM   1560 C CD1 . ILE A 1 219 ? 12.085  -4.219  -3.140  1.00 26.21 ? 220 ILE A CD1 1 
ATOM   1561 N N   . ALA A 1 220 ? 17.326  -3.786  -1.740  1.00 34.48 ? 221 ALA A N   1 
ATOM   1562 C CA  . ALA A 1 220 ? 18.585  -4.340  -1.253  1.00 36.38 ? 221 ALA A CA  1 
ATOM   1563 C C   . ALA A 1 220 ? 18.772  -4.075  0.236   1.00 38.85 ? 221 ALA A C   1 
ATOM   1564 O O   . ALA A 1 220 ? 19.545  -4.756  0.904   1.00 39.85 ? 221 ALA A O   1 
ATOM   1565 C CB  . ALA A 1 220 ? 19.747  -3.747  -2.030  1.00 34.71 ? 221 ALA A CB  1 
ATOM   1566 N N   . LEU A 1 221 ? 18.055  -3.084  0.748   1.00 40.83 ? 222 LEU A N   1 
ATOM   1567 C CA  . LEU A 1 221 ? 18.159  -2.718  2.146   1.00 43.16 ? 222 LEU A CA  1 
ATOM   1568 C C   . LEU A 1 221 ? 17.499  -3.755  3.045   1.00 46.25 ? 222 LEU A C   1 
ATOM   1569 O O   . LEU A 1 221 ? 17.825  -3.868  4.225   1.00 46.22 ? 222 LEU A O   1 
ATOM   1570 C CB  . LEU A 1 221 ? 17.524  -1.343  2.341   1.00 41.83 ? 222 LEU A CB  1 
ATOM   1571 C CG  . LEU A 1 221 ? 17.759  -0.609  3.658   1.00 41.31 ? 222 LEU A CG  1 
ATOM   1572 C CD1 . LEU A 1 221 ? 19.222  -0.703  4.089   1.00 41.08 ? 222 LEU A CD1 1 
ATOM   1573 C CD2 . LEU A 1 221 ? 17.340  0.842   3.469   1.00 39.99 ? 222 LEU A CD2 1 
ATOM   1574 N N   . LEU A 1 222 ? 16.579  -4.523  2.469   1.00 50.90 ? 223 LEU A N   1 
ATOM   1575 C CA  . LEU A 1 222 ? 15.849  -5.556  3.197   1.00 55.84 ? 223 LEU A CA  1 
ATOM   1576 C C   . LEU A 1 222 ? 16.424  -6.937  2.919   1.00 60.57 ? 223 LEU A C   1 
ATOM   1577 O O   . LEU A 1 222 ? 15.989  -7.613  1.988   1.00 62.18 ? 223 LEU A O   1 
ATOM   1578 C CB  . LEU A 1 222 ? 14.384  -5.562  2.766   1.00 55.37 ? 223 LEU A CB  1 
ATOM   1579 C CG  . LEU A 1 222 ? 13.676  -4.214  2.665   1.00 56.93 ? 223 LEU A CG  1 
ATOM   1580 C CD1 . LEU A 1 222 ? 12.349  -4.396  1.957   1.00 57.03 ? 223 LEU A CD1 1 
ATOM   1581 C CD2 . LEU A 1 222 ? 13.478  -3.629  4.051   1.00 58.19 ? 223 LEU A CD2 1 
ATOM   1582 N N   . ASP A 1 223 ? 17.392  -7.367  3.720   1.00 66.06 ? 224 ASP A N   1 
ATOM   1583 C CA  . ASP A 1 223 ? 17.992  -8.685  3.532   1.00 70.87 ? 224 ASP A CA  1 
ATOM   1584 C C   . ASP A 1 223 ? 18.915  -9.077  4.681   1.00 73.41 ? 224 ASP A C   1 
ATOM   1585 O O   . ASP A 1 223 ? 20.134  -8.942  4.587   1.00 73.47 ? 224 ASP A O   1 
ATOM   1586 C CB  . ASP A 1 223 ? 18.747  -8.738  2.195   1.00 72.00 ? 224 ASP A CB  1 
ATOM   1587 C CG  . ASP A 1 223 ? 19.754  -7.621  2.052   1.00 73.69 ? 224 ASP A CG  1 
ATOM   1588 O OD1 . ASP A 1 223 ? 19.909  -6.830  3.015   1.00 75.26 ? 224 ASP A OD1 1 
ATOM   1589 O OD2 . ASP A 1 223 ? 20.403  -7.538  0.984   1.00 74.40 ? 224 ASP A OD2 1 
ATOM   1590 N N   . ALA A 1 224 ? 18.312  -9.567  5.763   1.00 76.47 ? 225 ALA A N   1 
ATOM   1591 C CA  . ALA A 1 224 ? 19.043  -9.993  6.956   1.00 79.66 ? 225 ALA A CA  1 
ATOM   1592 C C   . ALA A 1 224 ? 18.044  -10.342 8.049   1.00 82.37 ? 225 ALA A C   1 
ATOM   1593 O O   . ALA A 1 224 ? 17.966  -11.489 8.500   1.00 83.13 ? 225 ALA A O   1 
ATOM   1594 C CB  . ALA A 1 224 ? 19.956  -8.880  7.439   1.00 79.07 ? 225 ALA A CB  1 
ATOM   1595 N N   . ASN A 1 225 ? 17.284  -9.334  8.474   1.00 84.98 ? 226 ASN A N   1 
ATOM   1596 C CA  . ASN A 1 225 ? 16.266  -9.493  9.515   1.00 87.01 ? 226 ASN A CA  1 
ATOM   1597 C C   . ASN A 1 225 ? 15.039  -8.604  9.262   1.00 87.31 ? 226 ASN A C   1 
ATOM   1598 O O   . ASN A 1 225 ? 14.726  -7.720  10.092  1.00 34.91 ? 226 ASN A O   1 
ATOM   1599 C CB  . ASN A 1 225 ? 16.870  -9.174  10.897  1.00 89.24 ? 226 ASN A CB  1 
ATOM   1600 C CG  . ASN A 1 225 ? 17.535  -7.792  10.956  1.00 90.92 ? 226 ASN A CG  1 
ATOM   1601 O OD1 . ASN A 1 225 ? 18.505  -7.520  10.242  1.00 92.00 ? 226 ASN A OD1 1 
ATOM   1602 N ND2 . ASN A 1 225 ? 17.019  -6.923  11.823  1.00 90.87 ? 226 ASN A ND2 1 
ATOM   1603 O OXT . ASN A 1 225 ? 14.396  -8.808  8.211   1.00 34.91 ? 226 ASN A OXT 1 
HETATM 1604 S S   . SO4 B 2 .   ? 5.648   9.329   3.235   1.00 44.32 ? 299 SO4 A S   1 
HETATM 1605 O O1  . SO4 B 2 .   ? 5.721   10.314  2.136   1.00 45.87 ? 299 SO4 A O1  1 
HETATM 1606 O O2  . SO4 B 2 .   ? 6.491   9.789   4.358   1.00 44.43 ? 299 SO4 A O2  1 
HETATM 1607 O O3  . SO4 B 2 .   ? 6.135   8.024   2.764   1.00 44.52 ? 299 SO4 A O3  1 
HETATM 1608 O O4  . SO4 B 2 .   ? 4.244   9.210   3.678   1.00 45.46 ? 299 SO4 A O4  1 
HETATM 1609 S S   . SO4 C 2 .   ? -3.660  6.006   1.075   1.00 31.17 ? 300 SO4 A S   1 
HETATM 1610 O O1  . SO4 C 2 .   ? -3.593  6.261   2.529   1.00 29.12 ? 300 SO4 A O1  1 
HETATM 1611 O O2  . SO4 C 2 .   ? -2.494  5.203   0.653   1.00 32.12 ? 300 SO4 A O2  1 
HETATM 1612 O O3  . SO4 C 2 .   ? -3.652  7.294   0.355   1.00 28.11 ? 300 SO4 A O3  1 
HETATM 1613 O O4  . SO4 C 2 .   ? -4.896  5.266   0.781   1.00 28.73 ? 300 SO4 A O4  1 
HETATM 1614 O O   . HOH D 3 .   ? 1.296   9.844   2.081   1.00 39.22 ? 301 HOH A O   1 
HETATM 1615 O O   . HOH D 3 .   ? -1.025  -4.962  -13.717 1.00 25.31 ? 302 HOH A O   1 
HETATM 1616 O O   . HOH D 3 .   ? -19.685 6.799   1.834   1.00 24.23 ? 303 HOH A O   1 
HETATM 1617 O O   . HOH D 3 .   ? -5.364  5.929   9.680   1.00 13.32 ? 304 HOH A O   1 
HETATM 1618 O O   . HOH D 3 .   ? 6.607   6.177   4.932   1.00 17.58 ? 305 HOH A O   1 
HETATM 1619 O O   . HOH D 3 .   ? -7.268  -6.268  5.477   1.00 26.07 ? 306 HOH A O   1 
HETATM 1620 O O   . HOH D 3 .   ? 9.512   4.008   14.791  1.00 40.15 ? 307 HOH A O   1 
HETATM 1621 O O   . HOH D 3 .   ? 2.839   -0.718  -23.458 1.00 29.57 ? 308 HOH A O   1 
HETATM 1622 O O   . HOH D 3 .   ? -9.951  -14.819 14.886  1.00 40.65 ? 309 HOH A O   1 
HETATM 1623 O O   . HOH D 3 .   ? -7.822  -8.523  6.555   1.00 24.92 ? 310 HOH A O   1 
HETATM 1624 O O   . HOH D 3 .   ? 15.818  3.632   -0.925  1.00 29.39 ? 311 HOH A O   1 
HETATM 1625 O O   . HOH D 3 .   ? 10.352  9.888   10.126  1.00 43.35 ? 312 HOH A O   1 
HETATM 1626 O O   . HOH D 3 .   ? -4.916  11.190  -19.096 1.00 78.09 ? 313 HOH A O   1 
HETATM 1627 O O   . HOH D 3 .   ? 2.303   -8.718  -4.768  1.00 37.12 ? 314 HOH A O   1 
HETATM 1628 O O   . HOH D 3 .   ? 19.174  12.984  -10.949 1.00 41.10 ? 315 HOH A O   1 
HETATM 1629 O O   . HOH D 3 .   ? 18.002  -4.677  -5.466  1.00 29.31 ? 316 HOH A O   1 
HETATM 1630 O O   . HOH D 3 .   ? 1.136   -4.327  24.670  1.00 31.29 ? 317 HOH A O   1 
HETATM 1631 O O   . HOH D 3 .   ? 0.405   -11.733 13.786  1.00 46.52 ? 318 HOH A O   1 
HETATM 1632 O O   . HOH D 3 .   ? 20.799  -0.964  -0.538  1.00 46.17 ? 319 HOH A O   1 
HETATM 1633 O O   . HOH D 3 .   ? 6.596   -3.653  -4.392  1.00 27.99 ? 320 HOH A O   1 
HETATM 1634 O O   . HOH D 3 .   ? -7.038  6.703   11.705  1.00 28.35 ? 321 HOH A O   1 
HETATM 1635 O O   . HOH D 3 .   ? -7.583  -2.025  -21.192 1.00 59.47 ? 322 HOH A O   1 
HETATM 1636 O O   . HOH D 3 .   ? 9.177   3.269   -20.294 1.00 39.63 ? 323 HOH A O   1 
HETATM 1637 O O   . HOH D 3 .   ? -11.624 -6.662  1.816   1.00 40.34 ? 324 HOH A O   1 
HETATM 1638 O O   . HOH D 3 .   ? -6.107  -9.386  -5.996  1.00 54.51 ? 325 HOH A O   1 
HETATM 1639 O O   . HOH D 3 .   ? 9.803   -11.295 -12.017 1.00 50.73 ? 326 HOH A O   1 
HETATM 1640 O O   . HOH D 3 .   ? -17.565 6.635   3.961   1.00 41.10 ? 327 HOH A O   1 
HETATM 1641 O O   . HOH D 3 .   ? 16.926  0.946   8.296   1.00 31.44 ? 328 HOH A O   1 
HETATM 1642 O O   . HOH D 3 .   ? -16.031 -10.853 1.968   1.00 47.49 ? 329 HOH A O   1 
HETATM 1643 O O   . HOH D 3 .   ? -7.025  -16.645 6.352   1.00 35.55 ? 330 HOH A O   1 
HETATM 1644 O O   . HOH D 3 .   ? -0.035  2.576   1.712   1.00 44.48 ? 332 HOH A O   1 
HETATM 1645 O O   . HOH D 3 .   ? 20.823  0.942   -11.801 0.33 38.90 ? 333 HOH A O   1 
HETATM 1646 O O   . HOH D 3 .   ? -0.106  -7.517  15.922  1.00 38.27 ? 334 HOH A O   1 
HETATM 1647 O O   . HOH D 3 .   ? -2.442  9.549   -8.921  1.00 34.96 ? 335 HOH A O   1 
HETATM 1648 O O   . HOH D 3 .   ? 4.569   9.883   10.332  1.00 40.20 ? 336 HOH A O   1 
HETATM 1649 O O   . HOH D 3 .   ? -22.816 3.778   1.063   1.00 50.86 ? 337 HOH A O   1 
HETATM 1650 O O   . HOH D 3 .   ? -14.397 -15.683 6.996   1.00 35.59 ? 338 HOH A O   1 
HETATM 1651 O O   . HOH D 3 .   ? -1.337  5.550   17.777  1.00 33.23 ? 339 HOH A O   1 
HETATM 1652 O O   . HOH D 3 .   ? 15.955  -5.213  -7.151  1.00 26.55 ? 340 HOH A O   1 
HETATM 1653 O O   . HOH D 3 .   ? -17.346 4.877   11.456  1.00 45.54 ? 341 HOH A O   1 
HETATM 1654 O O   . HOH D 3 .   ? 8.976   3.442   18.172  1.00 39.50 ? 342 HOH A O   1 
HETATM 1655 O O   . HOH D 3 .   ? -10.121 -10.056 6.148   1.00 38.80 ? 343 HOH A O   1 
HETATM 1656 O O   . HOH D 3 .   ? 12.551  3.392   14.234  1.00 42.73 ? 344 HOH A O   1 
HETATM 1657 O O   . HOH D 3 .   ? -0.544  7.132   2.906   1.00 54.15 ? 345 HOH A O   1 
HETATM 1658 O O   . HOH D 3 .   ? -10.009 -3.001  -16.249 1.00 50.92 ? 346 HOH A O   1 
HETATM 1659 O O   . HOH D 3 .   ? 12.718  -3.042  15.414  1.00 43.96 ? 347 HOH A O   1 
HETATM 1660 O O   . HOH D 3 .   ? -17.594 -11.583 -2.312  1.00 43.71 ? 348 HOH A O   1 
HETATM 1661 O O   . HOH D 3 .   ? -2.613  9.914   13.481  1.00 40.62 ? 349 HOH A O   1 
HETATM 1662 O O   . HOH D 3 .   ? 21.613  -3.778  2.791   1.00 34.37 ? 350 HOH A O   1 
HETATM 1663 O O   . HOH D 3 .   ? 11.438  15.881  -18.738 1.00 47.73 ? 351 HOH A O   1 
HETATM 1664 O O   . HOH D 3 .   ? 16.505  -8.733  -0.880  1.00 41.52 ? 352 HOH A O   1 
HETATM 1665 O O   . HOH D 3 .   ? 16.220  -4.087  12.425  1.00 54.51 ? 353 HOH A O   1 
HETATM 1666 O O   . HOH D 3 .   ? 3.240   11.640  -11.786 1.00 41.47 ? 354 HOH A O   1 
HETATM 1667 O O   . HOH D 3 .   ? 3.007   11.814  0.060   1.00 43.15 ? 355 HOH A O   1 
HETATM 1668 O O   . HOH D 3 .   ? 0.169   13.205  -2.345  1.00 53.44 ? 356 HOH A O   1 
HETATM 1669 O O   . HOH D 3 .   ? 12.573  17.650  -4.355  1.00 49.55 ? 357 HOH A O   1 
# 
loop_
_pdbx_poly_seq_scheme.asym_id 
_pdbx_poly_seq_scheme.entity_id 
_pdbx_poly_seq_scheme.seq_id 
_pdbx_poly_seq_scheme.mon_id 
_pdbx_poly_seq_scheme.ndb_seq_num 
_pdbx_poly_seq_scheme.pdb_seq_num 
_pdbx_poly_seq_scheme.auth_seq_num 
_pdbx_poly_seq_scheme.pdb_mon_id 
_pdbx_poly_seq_scheme.auth_mon_id 
_pdbx_poly_seq_scheme.pdb_strand_id 
_pdbx_poly_seq_scheme.pdb_ins_code 
_pdbx_poly_seq_scheme.hetero 
A 1 1   THR 1   2   ?   ?   ?   A . n 
A 1 2   THR 2   3   ?   ?   ?   A . n 
A 1 3   LEU 3   4   ?   ?   ?   A . n 
A 1 4   GLU 4   5   ?   ?   ?   A . n 
A 1 5   ARG 5   6   ?   ?   ?   A . n 
A 1 6   PRO 6   7   ?   ?   ?   A . n 
A 1 7   GLN 7   8   ?   ?   ?   A . n 
A 1 8   PRO 8   9   ?   ?   ?   A . n 
A 1 9   LYS 9   10  ?   ?   ?   A . n 
A 1 10  LEU 10  11  11  LEU LEU A . n 
A 1 11  SER 11  12  12  SER SER A . n 
A 1 12  MET 12  13  13  MET MET A . n 
A 1 13  ALA 13  14  14  ALA ALA A . n 
A 1 14  ASP 14  15  15  ASP ASP A . n 
A 1 15  LYS 15  16  16  LYS LYS A . n 
A 1 16  ALA 16  17  17  ALA ALA A . n 
A 1 17  ALA 17  18  18  ALA ALA A . n 
A 1 18  ARG 18  19  19  ARG ARG A . n 
A 1 19  ILE 19  20  20  ILE ILE A . n 
A 1 20  ASP 20  21  21  ASP ASP A . n 
A 1 21  ALA 21  22  22  ALA ALA A . n 
A 1 22  ILE 22  23  23  ILE ILE A . n 
A 1 23  CYS 23  24  24  CYS CYS A . n 
A 1 24  GLU 24  25  25  GLU GLU A . n 
A 1 25  LYS 25  26  26  LYS LYS A . n 
A 1 26  ALA 26  27  27  ALA ALA A . n 
A 1 27  ARG 27  28  28  ARG ARG A . n 
A 1 28  ILE 28  29  29  ILE ILE A . n 
A 1 29  LEU 29  30  30  LEU LEU A . n 
A 1 30  PRO 30  31  31  PRO PRO A . n 
A 1 31  VAL 31  32  32  VAL VAL A . n 
A 1 32  ILE 32  33  33  ILE ILE A . n 
A 1 33  THR 33  34  34  THR THR A . n 
A 1 34  ILE 34  35  35  ILE ILE A . n 
A 1 35  ALA 35  36  36  ALA ALA A . n 
A 1 36  ARG 36  37  37  ARG ARG A . n 
A 1 37  GLU 37  38  38  GLU GLU A . n 
A 1 38  GLU 38  39  39  GLU GLU A . n 
A 1 39  ASP 39  40  40  ASP ASP A . n 
A 1 40  ILE 40  41  41  ILE ILE A . n 
A 1 41  LEU 41  42  42  LEU LEU A . n 
A 1 42  PRO 42  43  43  PRO PRO A . n 
A 1 43  LEU 43  44  44  LEU LEU A . n 
A 1 44  ALA 44  45  45  ALA ALA A . n 
A 1 45  ASP 45  46  46  ASP ASP A . n 
A 1 46  ALA 46  47  47  ALA ALA A . n 
A 1 47  LEU 47  48  48  LEU LEU A . n 
A 1 48  ALA 48  49  49  ALA ALA A . n 
A 1 49  ALA 49  50  50  ALA ALA A . n 
A 1 50  GLY 50  51  51  GLY GLY A . n 
A 1 51  GLY 51  52  52  GLY GLY A . n 
A 1 52  ILE 52  53  53  ILE ILE A . n 
A 1 53  ARG 53  54  54  ARG ARG A . n 
A 1 54  THR 54  55  55  THR THR A . n 
A 1 55  LEU 55  56  56  LEU LEU A . n 
A 1 56  GLU 56  57  57  GLU GLU A . n 
A 1 57  VAL 57  58  58  VAL VAL A . n 
A 1 58  THR 58  59  59  THR THR A . n 
A 1 59  LEU 59  60  60  LEU LEU A . n 
A 1 60  ARG 60  61  61  ARG ARG A . n 
A 1 61  SER 61  62  62  SER SER A . n 
A 1 62  GLN 62  63  63  GLN GLN A . n 
A 1 63  HIS 63  64  64  HIS HIS A . n 
A 1 64  GLY 64  65  65  GLY GLY A . n 
A 1 65  LEU 65  66  66  LEU LEU A . n 
A 1 66  LYS 66  67  67  LYS LYS A . n 
A 1 67  ALA 67  68  68  ALA ALA A . n 
A 1 68  ILE 68  69  69  ILE ILE A . n 
A 1 69  GLN 69  70  70  GLN GLN A . n 
A 1 70  VAL 70  71  71  VAL VAL A . n 
A 1 71  LEU 71  72  72  LEU LEU A . n 
A 1 72  ARG 72  73  73  ARG ARG A . n 
A 1 73  GLU 73  74  74  GLU GLU A . n 
A 1 74  GLN 74  75  75  GLN GLN A . n 
A 1 75  ARG 75  76  76  ARG ARG A . n 
A 1 76  PRO 76  77  77  PRO PRO A . n 
A 1 77  GLU 77  78  78  GLU GLU A . n 
A 1 78  LEU 78  79  79  LEU LEU A . n 
A 1 79  CYS 79  80  80  CYS CYS A . n 
A 1 80  VAL 80  81  81  VAL VAL A . n 
A 1 81  GLY 81  82  82  GLY GLY A . n 
A 1 82  ALA 82  83  83  ALA ALA A . n 
A 1 83  GLY 83  84  84  GLY GLY A . n 
A 1 84  THR 84  85  85  THR THR A . n 
A 1 85  VAL 85  86  86  VAL VAL A . n 
A 1 86  LEU 86  87  87  LEU LEU A . n 
A 1 87  ASP 87  88  88  ASP ASP A . n 
A 1 88  ARG 88  89  89  ARG ARG A . n 
A 1 89  SER 89  90  90  SER SER A . n 
A 1 90  MET 90  91  91  MET MET A . n 
A 1 91  PHE 91  92  92  PHE PHE A . n 
A 1 92  ALA 92  93  93  ALA ALA A . n 
A 1 93  ALA 93  94  94  ALA ALA A . n 
A 1 94  VAL 94  95  95  VAL VAL A . n 
A 1 95  GLU 95  96  96  GLU GLU A . n 
A 1 96  ALA 96  97  97  ALA ALA A . n 
A 1 97  ALA 97  98  98  ALA ALA A . n 
A 1 98  GLY 98  99  99  GLY GLY A . n 
A 1 99  ALA 99  100 100 ALA ALA A . n 
A 1 100 GLN 100 101 101 GLN GLN A . n 
A 1 101 PHE 101 102 102 PHE PHE A . n 
A 1 102 VAL 102 103 103 VAL VAL A . n 
A 1 103 VAL 103 104 104 VAL VAL A . n 
A 1 104 THR 104 105 105 THR THR A . n 
A 1 105 PRO 105 106 106 PRO PRO A . n 
A 1 106 GLY 106 107 107 GLY GLY A . n 
A 1 107 ILE 107 108 108 ILE ILE A . n 
A 1 108 THR 108 109 109 THR THR A . n 
A 1 109 GLU 109 110 110 GLU GLN A . n 
A 1 110 ASP 110 111 111 ASP ASP A . n 
A 1 111 ILE 111 112 112 ILE ILE A . n 
A 1 112 LEU 112 113 113 LEU LEU A . n 
A 1 113 GLU 113 114 114 GLU GLU A . n 
A 1 114 ALA 114 115 115 ALA ALA A . n 
A 1 115 GLY 115 116 116 GLY GLY A . n 
A 1 116 VAL 116 117 117 VAL VAL A . n 
A 1 117 ASP 117 118 118 ASP ASP A . n 
A 1 118 SER 118 119 119 SER SER A . n 
A 1 119 GLU 119 120 120 GLU GLU A . n 
A 1 120 ILE 120 121 121 ILE ILE A . n 
A 1 121 PRO 121 122 122 PRO PRO A . n 
A 1 122 LEU 122 123 123 LEU LEU A . n 
A 1 123 LEU 123 124 124 LEU LEU A . n 
A 1 124 PRO 124 125 125 PRO PRO A . n 
A 1 125 GLY 125 126 126 GLY GLY A . n 
A 1 126 ILE 126 127 127 ILE ILE A . n 
A 1 127 SER 127 128 128 SER SER A . n 
A 1 128 THR 128 129 129 THR THR A . n 
A 1 129 PRO 129 130 130 PRO PRO A . n 
A 1 130 SER 130 131 131 SER SER A . n 
A 1 131 GLU 131 132 132 GLU GLU A . n 
A 1 132 ILE 132 133 133 ILE ILE A . n 
A 1 133 MET 133 134 134 MET MET A . n 
A 1 134 MET 134 135 135 MET MET A . n 
A 1 135 GLY 135 136 136 GLY GLY A . n 
A 1 136 TYR 136 137 137 TYR TYR A . n 
A 1 137 ALA 137 138 138 ALA ALA A . n 
A 1 138 LEU 138 139 139 LEU LEU A . n 
A 1 139 GLY 139 140 140 GLY GLY A . n 
A 1 140 TYR 140 141 141 TYR TYR A . n 
A 1 141 ARG 141 142 142 ARG ARG A . n 
A 1 142 ARG 142 143 143 ARG ARG A . n 
A 1 143 PHE 143 144 144 PHE PHE A . n 
A 1 144 LYS 144 145 145 LYS LYS A . n 
A 1 145 LEU 145 146 146 LEU LEU A . n 
A 1 146 PHE 146 147 147 PHE PHE A . n 
A 1 147 PRO 147 148 148 PRO PRO A . n 
A 1 148 ALA 148 149 149 ALA ALA A . n 
A 1 149 GLU 149 150 150 GLU GLU A . n 
A 1 150 ILE 150 151 151 ILE ILE A . n 
A 1 151 SER 151 152 152 SER SER A . n 
A 1 152 GLY 152 153 153 GLY GLY A . n 
A 1 153 GLY 153 154 154 GLY GLY A . n 
A 1 154 VAL 154 155 155 VAL VAL A . n 
A 1 155 ALA 155 156 156 ALA ALA A . n 
A 1 156 ALA 156 157 157 ALA ALA A . n 
A 1 157 ILE 157 158 158 ILE ILE A . n 
A 1 158 LYS 158 159 159 LYS LYS A . n 
A 1 159 ALA 159 160 160 ALA ALA A . n 
A 1 160 PHE 160 161 161 PHE PHE A . n 
A 1 161 GLY 161 162 162 GLY GLY A . n 
A 1 162 GLY 162 163 163 GLY GLY A . n 
A 1 163 PRO 163 164 164 PRO PRO A . n 
A 1 164 PHE 164 165 165 PHE PHE A . n 
A 1 165 GLY 165 166 166 GLY GLY A . n 
A 1 166 ASP 166 167 167 ASP ASP A . n 
A 1 167 ILE 167 168 168 ILE ILE A . n 
A 1 168 ARG 168 169 169 ARG ARG A . n 
A 1 169 PHE 169 170 170 PHE PHE A . n 
A 1 170 CYS 170 171 171 CYS CYS A . n 
A 1 171 PRO 171 172 172 PRO PRO A . n 
A 1 172 THR 172 173 173 THR THR A . n 
A 1 173 GLY 173 174 174 GLY GLY A . n 
A 1 174 GLY 174 175 175 GLY GLY A . n 
A 1 175 VAL 175 176 176 VAL VAL A . n 
A 1 176 ASN 176 177 177 ASN ASN A . n 
A 1 177 PRO 177 178 178 PRO PRO A . n 
A 1 178 ALA 178 179 179 ALA ALA A . n 
A 1 179 ASN 179 180 180 ASN ASN A . n 
A 1 180 VAL 180 181 181 VAL VAL A . n 
A 1 181 ARG 181 182 182 ARG ARG A . n 
A 1 182 ASN 182 183 183 ASN ASN A . n 
A 1 183 TYR 183 184 184 TYR TYR A . n 
A 1 184 MET 184 185 185 MET MET A . n 
A 1 185 ALA 185 186 186 ALA ALA A . n 
A 1 186 LEU 186 187 187 LEU LEU A . n 
A 1 187 PRO 187 188 188 PRO PRO A . n 
A 1 188 ASN 188 189 189 ASN ASN A . n 
A 1 189 VAL 189 190 190 VAL VAL A . n 
A 1 190 MET 190 191 191 MET MET A . n 
A 1 191 CYS 191 192 192 CYS CYS A . n 
A 1 192 VAL 192 193 193 VAL VAL A . n 
A 1 193 GLY 193 194 194 GLY GLY A . n 
A 1 194 THR 194 195 195 THR GLY A . n 
A 1 195 THR 195 196 196 THR THR A . n 
A 1 196 TRP 196 197 197 TRP TRP A . n 
A 1 197 MET 197 198 198 MET MET A . n 
A 1 198 LEU 198 199 199 LEU LEU A . n 
A 1 199 ASP 199 200 200 ASP ASP A . n 
A 1 200 SER 200 201 201 SER SER A . n 
A 1 201 SER 201 202 202 SER SER A . n 
A 1 202 TRP 202 203 203 TRP TRP A . n 
A 1 203 ILE 203 204 204 ILE ILE A . n 
A 1 204 LYS 204 205 205 LYS LYS A . n 
A 1 205 ASN 205 206 206 ASN ASN A . n 
A 1 206 GLY 206 207 207 GLY GLY A . n 
A 1 207 ASP 207 208 208 ASP ASP A . n 
A 1 208 TRP 208 209 209 TRP TRP A . n 
A 1 209 ALA 209 210 210 ALA ALA A . n 
A 1 210 ARG 210 211 211 ARG ARG A . n 
A 1 211 ILE 211 212 212 ILE ILE A . n 
A 1 212 GLU 212 213 213 GLU GLU A . n 
A 1 213 ALA 213 214 214 ALA ALA A . n 
A 1 214 CYS 214 215 215 CYS CYS A . n 
A 1 215 SER 215 216 216 SER SER A . n 
A 1 216 ALA 216 217 217 ALA ALA A . n 
A 1 217 GLU 217 218 218 GLU GLU A . n 
A 1 218 ALA 218 219 219 ALA ALA A . n 
A 1 219 ILE 219 220 220 ILE ILE A . n 
A 1 220 ALA 220 221 221 ALA ALA A . n 
A 1 221 LEU 221 222 222 LEU LEU A . n 
A 1 222 LEU 222 223 223 LEU LEU A . n 
A 1 223 ASP 223 224 224 ASP ASP A . n 
A 1 224 ALA 224 225 225 ALA ALA A . n 
A 1 225 ASN 225 226 226 ASN ASN A . n 
# 
loop_
_pdbx_nonpoly_scheme.asym_id 
_pdbx_nonpoly_scheme.entity_id 
_pdbx_nonpoly_scheme.mon_id 
_pdbx_nonpoly_scheme.ndb_seq_num 
_pdbx_nonpoly_scheme.pdb_seq_num 
_pdbx_nonpoly_scheme.auth_seq_num 
_pdbx_nonpoly_scheme.pdb_mon_id 
_pdbx_nonpoly_scheme.auth_mon_id 
_pdbx_nonpoly_scheme.pdb_strand_id 
_pdbx_nonpoly_scheme.pdb_ins_code 
B 2 SO4 1  299 299 SO4 SO4 A . 
C 2 SO4 1  300 300 SO4 SO4 A . 
D 3 HOH 1  301 301 HOH HOH A . 
D 3 HOH 2  302 302 HOH HOH A . 
D 3 HOH 3  303 303 HOH HOH A . 
D 3 HOH 4  304 304 HOH HOH A . 
D 3 HOH 5  305 305 HOH HOH A . 
D 3 HOH 6  306 306 HOH HOH A . 
D 3 HOH 7  307 307 HOH HOH A . 
D 3 HOH 8  308 308 HOH HOH A . 
D 3 HOH 9  309 309 HOH HOH A . 
D 3 HOH 10 310 310 HOH HOH A . 
D 3 HOH 11 311 311 HOH HOH A . 
D 3 HOH 12 312 312 HOH HOH A . 
D 3 HOH 13 313 313 HOH HOH A . 
D 3 HOH 14 314 314 HOH HOH A . 
D 3 HOH 15 315 315 HOH HOH A . 
D 3 HOH 16 316 316 HOH HOH A . 
D 3 HOH 17 317 317 HOH HOH A . 
D 3 HOH 18 318 318 HOH HOH A . 
D 3 HOH 19 319 319 HOH HOH A . 
D 3 HOH 20 320 320 HOH HOH A . 
D 3 HOH 21 321 321 HOH HOH A . 
D 3 HOH 22 322 322 HOH HOH A . 
D 3 HOH 23 323 323 HOH HOH A . 
D 3 HOH 24 324 324 HOH HOH A . 
D 3 HOH 25 325 325 HOH HOH A . 
D 3 HOH 26 326 326 HOH HOH A . 
D 3 HOH 27 327 327 HOH HOH A . 
D 3 HOH 28 328 328 HOH HOH A . 
D 3 HOH 29 329 329 HOH HOH A . 
D 3 HOH 30 330 330 HOH HOH A . 
D 3 HOH 31 332 332 HOH HOH A . 
D 3 HOH 32 333 333 HOH HOH A . 
D 3 HOH 33 334 334 HOH HOH A . 
D 3 HOH 34 335 335 HOH HOH A . 
D 3 HOH 35 336 336 HOH HOH A . 
D 3 HOH 36 337 337 HOH HOH A . 
D 3 HOH 37 338 338 HOH HOH A . 
D 3 HOH 38 339 339 HOH HOH A . 
D 3 HOH 39 340 340 HOH HOH A . 
D 3 HOH 40 341 341 HOH HOH A . 
D 3 HOH 41 342 342 HOH HOH A . 
D 3 HOH 42 343 343 HOH HOH A . 
D 3 HOH 43 344 344 HOH HOH A . 
D 3 HOH 44 345 345 HOH HOH A . 
D 3 HOH 45 346 346 HOH HOH A . 
D 3 HOH 46 347 347 HOH HOH A . 
D 3 HOH 47 348 348 HOH HOH A . 
D 3 HOH 48 349 349 HOH HOH A . 
D 3 HOH 49 350 350 HOH HOH A . 
D 3 HOH 50 351 351 HOH HOH A . 
D 3 HOH 51 352 352 HOH HOH A . 
D 3 HOH 52 353 353 HOH HOH A . 
D 3 HOH 53 354 354 HOH HOH A . 
D 3 HOH 54 355 355 HOH HOH A . 
D 3 HOH 55 356 356 HOH HOH A . 
D 3 HOH 56 357 357 HOH HOH A . 
# 
_pdbx_struct_assembly.id                   1 
_pdbx_struct_assembly.details              author_and_software_defined_assembly 
_pdbx_struct_assembly.method_details       PISA,PQS 
_pdbx_struct_assembly.oligomeric_details   trimeric 
_pdbx_struct_assembly.oligomeric_count     3 
# 
_pdbx_struct_assembly_gen.assembly_id       1 
_pdbx_struct_assembly_gen.oper_expression   1,2,3 
_pdbx_struct_assembly_gen.asym_id_list      A,B,C,D 
# 
loop_
_pdbx_struct_assembly_prop.biol_id 
_pdbx_struct_assembly_prop.type 
_pdbx_struct_assembly_prop.value 
_pdbx_struct_assembly_prop.details 
1 'ABSA (A^2)' 5100  ? 
1 MORE         -144  ? 
1 'SSA (A^2)'  23990 ? 
# 
loop_
_pdbx_struct_oper_list.id 
_pdbx_struct_oper_list.type 
_pdbx_struct_oper_list.name 
_pdbx_struct_oper_list.symmetry_operation 
_pdbx_struct_oper_list.matrix[1][1] 
_pdbx_struct_oper_list.matrix[1][2] 
_pdbx_struct_oper_list.matrix[1][3] 
_pdbx_struct_oper_list.vector[1] 
_pdbx_struct_oper_list.matrix[2][1] 
_pdbx_struct_oper_list.matrix[2][2] 
_pdbx_struct_oper_list.matrix[2][3] 
_pdbx_struct_oper_list.vector[2] 
_pdbx_struct_oper_list.matrix[3][1] 
_pdbx_struct_oper_list.matrix[3][2] 
_pdbx_struct_oper_list.matrix[3][3] 
_pdbx_struct_oper_list.vector[3] 
1 'identity operation'         1_555  x,y,z             1.0000000000 0.0000000000 0.0000000000 0.0000000000   0.0000000000 1.0000000000  0.0000000000  0.0000000000  0.0000000000 0.0000000000  1.0000000000  0.0000000000  
2 'crystal symmetry operation' 6_566  z+1/2,-x+3/2,-y+1 0.8218772984 0.1839170108 0.5391588258 -12.0732069722 0.5641484965 -0.3941652898 -0.7255137478 27.9483612368 0.0790833750 0.9004489200  -0.4277120086 17.8108051961 
3 'crystal symmetry operation' 12_664 -y+3/2,-z+1,x-1/2 0.8218772984 0.5641484965 0.0790833750 -7.2528698296  0.1839170108 -0.3941652898 0.9004489200  -2.8009782594 0.5391588258 -0.7255137478 -0.4277120086 34.4041916658 
# 
_pdbx_struct_special_symmetry.id              1 
_pdbx_struct_special_symmetry.PDB_model_num   1 
_pdbx_struct_special_symmetry.auth_asym_id    A 
_pdbx_struct_special_symmetry.auth_comp_id    HOH 
_pdbx_struct_special_symmetry.auth_seq_id     333 
_pdbx_struct_special_symmetry.PDB_ins_code    ? 
_pdbx_struct_special_symmetry.label_asym_id   D 
_pdbx_struct_special_symmetry.label_comp_id   HOH 
_pdbx_struct_special_symmetry.label_seq_id    . 
# 
loop_
_pdbx_audit_revision_history.ordinal 
_pdbx_audit_revision_history.data_content_type 
_pdbx_audit_revision_history.major_revision 
_pdbx_audit_revision_history.minor_revision 
_pdbx_audit_revision_history.revision_date 
1 'Structure model' 1 0 2003-09-16 
2 'Structure model' 1 1 2008-04-28 
3 'Structure model' 1 2 2011-07-13 
4 'Structure model' 1 3 2017-10-11 
5 'Structure model' 1 4 2023-10-25 
# 
_pdbx_audit_revision_details.ordinal             1 
_pdbx_audit_revision_details.revision_ordinal    1 
_pdbx_audit_revision_details.data_content_type   'Structure model' 
_pdbx_audit_revision_details.provider            repository 
_pdbx_audit_revision_details.type                'Initial release' 
_pdbx_audit_revision_details.description         ? 
_pdbx_audit_revision_details.details             ? 
# 
loop_
_pdbx_audit_revision_group.ordinal 
_pdbx_audit_revision_group.revision_ordinal 
_pdbx_audit_revision_group.data_content_type 
_pdbx_audit_revision_group.group 
1 2 'Structure model' 'Version format compliance' 
2 3 'Structure model' 'Derived calculations'      
3 3 'Structure model' 'Version format compliance' 
4 4 'Structure model' 'Refinement description'    
5 5 'Structure model' 'Data collection'           
6 5 'Structure model' 'Database references'       
7 5 'Structure model' 'Derived calculations'      
8 5 'Structure model' 'Refinement description'    
# 
loop_
_pdbx_audit_revision_category.ordinal 
_pdbx_audit_revision_category.revision_ordinal 
_pdbx_audit_revision_category.data_content_type 
_pdbx_audit_revision_category.category 
1 4 'Structure model' software                      
2 5 'Structure model' chem_comp_atom                
3 5 'Structure model' chem_comp_bond                
4 5 'Structure model' database_2                    
5 5 'Structure model' pdbx_initial_refinement_model 
6 5 'Structure model' struct_site                   
# 
loop_
_pdbx_audit_revision_item.ordinal 
_pdbx_audit_revision_item.revision_ordinal 
_pdbx_audit_revision_item.data_content_type 
_pdbx_audit_revision_item.item 
1 5 'Structure model' '_database_2.pdbx_DOI'                
2 5 'Structure model' '_database_2.pdbx_database_accession' 
3 5 'Structure model' '_struct_site.pdbx_auth_asym_id'      
4 5 'Structure model' '_struct_site.pdbx_auth_comp_id'      
5 5 'Structure model' '_struct_site.pdbx_auth_seq_id'       
# 
loop_
_software.name 
_software.classification 
_software.version 
_software.citation_id 
_software.pdbx_ordinal 
SCALEPACK 'data scaling' .   ? 1 
AMoRE     phasing        .   ? 2 
CNS       refinement     1.1 ? 3 
# 
_pdbx_validate_symm_contact.id                1 
_pdbx_validate_symm_contact.PDB_model_num     1 
_pdbx_validate_symm_contact.auth_atom_id_1    NH2 
_pdbx_validate_symm_contact.auth_asym_id_1    A 
_pdbx_validate_symm_contact.auth_comp_id_1    ARG 
_pdbx_validate_symm_contact.auth_seq_id_1     211 
_pdbx_validate_symm_contact.PDB_ins_code_1    ? 
_pdbx_validate_symm_contact.label_alt_id_1    ? 
_pdbx_validate_symm_contact.site_symmetry_1   1_555 
_pdbx_validate_symm_contact.auth_atom_id_2    NH2 
_pdbx_validate_symm_contact.auth_asym_id_2    A 
_pdbx_validate_symm_contact.auth_comp_id_2    ARG 
_pdbx_validate_symm_contact.auth_seq_id_2     211 
_pdbx_validate_symm_contact.PDB_ins_code_2    ? 
_pdbx_validate_symm_contact.label_alt_id_2    ? 
_pdbx_validate_symm_contact.site_symmetry_2   8_656 
_pdbx_validate_symm_contact.dist              1.91 
# 
_pdbx_validate_rmsd_bond.id                        1 
_pdbx_validate_rmsd_bond.PDB_model_num             1 
_pdbx_validate_rmsd_bond.auth_atom_id_1            CD 
_pdbx_validate_rmsd_bond.auth_asym_id_1            A 
_pdbx_validate_rmsd_bond.auth_comp_id_1            GLU 
_pdbx_validate_rmsd_bond.auth_seq_id_1             110 
_pdbx_validate_rmsd_bond.PDB_ins_code_1            ? 
_pdbx_validate_rmsd_bond.label_alt_id_1            ? 
_pdbx_validate_rmsd_bond.auth_atom_id_2            OE2 
_pdbx_validate_rmsd_bond.auth_asym_id_2            A 
_pdbx_validate_rmsd_bond.auth_comp_id_2            GLU 
_pdbx_validate_rmsd_bond.auth_seq_id_2             110 
_pdbx_validate_rmsd_bond.PDB_ins_code_2            ? 
_pdbx_validate_rmsd_bond.label_alt_id_2            ? 
_pdbx_validate_rmsd_bond.bond_value                1.331 
_pdbx_validate_rmsd_bond.bond_target_value         1.252 
_pdbx_validate_rmsd_bond.bond_deviation            0.079 
_pdbx_validate_rmsd_bond.bond_standard_deviation   0.011 
_pdbx_validate_rmsd_bond.linker_flag               N 
# 
loop_
_pdbx_validate_torsion.id 
_pdbx_validate_torsion.PDB_model_num 
_pdbx_validate_torsion.auth_comp_id 
_pdbx_validate_torsion.auth_asym_id 
_pdbx_validate_torsion.auth_seq_id 
_pdbx_validate_torsion.PDB_ins_code 
_pdbx_validate_torsion.label_alt_id 
_pdbx_validate_torsion.phi 
_pdbx_validate_torsion.psi 
1  1 ARG A 28  ? ? 73.76   -46.09  
2  1 GLU A 39  ? ? -58.28  1.27    
3  1 ILE A 41  ? ? -51.04  -71.20  
4  1 HIS A 64  ? ? -69.96  4.20    
5  1 SER A 128 ? ? -131.76 -31.15  
6  1 PHE A 165 ? ? -112.84 68.87   
7  1 THR A 195 ? ? 175.49  -176.77 
8  1 LEU A 199 ? ? -114.33 50.94   
9  1 ASN A 206 ? ? -67.54  1.80    
10 1 ASP A 224 ? ? -170.66 81.40   
11 1 ALA A 225 ? ? 173.43  -63.19  
# 
loop_
_pdbx_unobs_or_zero_occ_atoms.id 
_pdbx_unobs_or_zero_occ_atoms.PDB_model_num 
_pdbx_unobs_or_zero_occ_atoms.polymer_flag 
_pdbx_unobs_or_zero_occ_atoms.occupancy_flag 
_pdbx_unobs_or_zero_occ_atoms.auth_asym_id 
_pdbx_unobs_or_zero_occ_atoms.auth_comp_id 
_pdbx_unobs_or_zero_occ_atoms.auth_seq_id 
_pdbx_unobs_or_zero_occ_atoms.PDB_ins_code 
_pdbx_unobs_or_zero_occ_atoms.auth_atom_id 
_pdbx_unobs_or_zero_occ_atoms.label_alt_id 
_pdbx_unobs_or_zero_occ_atoms.label_asym_id 
_pdbx_unobs_or_zero_occ_atoms.label_comp_id 
_pdbx_unobs_or_zero_occ_atoms.label_seq_id 
_pdbx_unobs_or_zero_occ_atoms.label_atom_id 
1 1 Y 1 A THR 195 ? CB  ? A THR 194 CB  
2 1 Y 1 A THR 195 ? OG1 ? A THR 194 OG1 
3 1 Y 1 A THR 195 ? CG2 ? A THR 194 CG2 
# 
loop_
_pdbx_unobs_or_zero_occ_residues.id 
_pdbx_unobs_or_zero_occ_residues.PDB_model_num 
_pdbx_unobs_or_zero_occ_residues.polymer_flag 
_pdbx_unobs_or_zero_occ_residues.occupancy_flag 
_pdbx_unobs_or_zero_occ_residues.auth_asym_id 
_pdbx_unobs_or_zero_occ_residues.auth_comp_id 
_pdbx_unobs_or_zero_occ_residues.auth_seq_id 
_pdbx_unobs_or_zero_occ_residues.PDB_ins_code 
_pdbx_unobs_or_zero_occ_residues.label_asym_id 
_pdbx_unobs_or_zero_occ_residues.label_comp_id 
_pdbx_unobs_or_zero_occ_residues.label_seq_id 
1 1 Y 1 A THR 2  ? A THR 1 
2 1 Y 1 A THR 3  ? A THR 2 
3 1 Y 1 A LEU 4  ? A LEU 3 
4 1 Y 1 A GLU 5  ? A GLU 4 
5 1 Y 1 A ARG 6  ? A ARG 5 
6 1 Y 1 A PRO 7  ? A PRO 6 
7 1 Y 1 A GLN 8  ? A GLN 7 
8 1 Y 1 A PRO 9  ? A PRO 8 
9 1 Y 1 A LYS 10 ? A LYS 9 
# 
loop_
_chem_comp_atom.comp_id 
_chem_comp_atom.atom_id 
_chem_comp_atom.type_symbol 
_chem_comp_atom.pdbx_aromatic_flag 
_chem_comp_atom.pdbx_stereo_config 
_chem_comp_atom.pdbx_ordinal 
ALA N    N N N 1   
ALA CA   C N S 2   
ALA C    C N N 3   
ALA O    O N N 4   
ALA CB   C N N 5   
ALA OXT  O N N 6   
ALA H    H N N 7   
ALA H2   H N N 8   
ALA HA   H N N 9   
ALA HB1  H N N 10  
ALA HB2  H N N 11  
ALA HB3  H N N 12  
ALA HXT  H N N 13  
ARG N    N N N 14  
ARG CA   C N S 15  
ARG C    C N N 16  
ARG O    O N N 17  
ARG CB   C N N 18  
ARG CG   C N N 19  
ARG CD   C N N 20  
ARG NE   N N N 21  
ARG CZ   C N N 22  
ARG NH1  N N N 23  
ARG NH2  N N N 24  
ARG OXT  O N N 25  
ARG H    H N N 26  
ARG H2   H N N 27  
ARG HA   H N N 28  
ARG HB2  H N N 29  
ARG HB3  H N N 30  
ARG HG2  H N N 31  
ARG HG3  H N N 32  
ARG HD2  H N N 33  
ARG HD3  H N N 34  
ARG HE   H N N 35  
ARG HH11 H N N 36  
ARG HH12 H N N 37  
ARG HH21 H N N 38  
ARG HH22 H N N 39  
ARG HXT  H N N 40  
ASN N    N N N 41  
ASN CA   C N S 42  
ASN C    C N N 43  
ASN O    O N N 44  
ASN CB   C N N 45  
ASN CG   C N N 46  
ASN OD1  O N N 47  
ASN ND2  N N N 48  
ASN OXT  O N N 49  
ASN H    H N N 50  
ASN H2   H N N 51  
ASN HA   H N N 52  
ASN HB2  H N N 53  
ASN HB3  H N N 54  
ASN HD21 H N N 55  
ASN HD22 H N N 56  
ASN HXT  H N N 57  
ASP N    N N N 58  
ASP CA   C N S 59  
ASP C    C N N 60  
ASP O    O N N 61  
ASP CB   C N N 62  
ASP CG   C N N 63  
ASP OD1  O N N 64  
ASP OD2  O N N 65  
ASP OXT  O N N 66  
ASP H    H N N 67  
ASP H2   H N N 68  
ASP HA   H N N 69  
ASP HB2  H N N 70  
ASP HB3  H N N 71  
ASP HD2  H N N 72  
ASP HXT  H N N 73  
CYS N    N N N 74  
CYS CA   C N R 75  
CYS C    C N N 76  
CYS O    O N N 77  
CYS CB   C N N 78  
CYS SG   S N N 79  
CYS OXT  O N N 80  
CYS H    H N N 81  
CYS H2   H N N 82  
CYS HA   H N N 83  
CYS HB2  H N N 84  
CYS HB3  H N N 85  
CYS HG   H N N 86  
CYS HXT  H N N 87  
GLN N    N N N 88  
GLN CA   C N S 89  
GLN C    C N N 90  
GLN O    O N N 91  
GLN CB   C N N 92  
GLN CG   C N N 93  
GLN CD   C N N 94  
GLN OE1  O N N 95  
GLN NE2  N N N 96  
GLN OXT  O N N 97  
GLN H    H N N 98  
GLN H2   H N N 99  
GLN HA   H N N 100 
GLN HB2  H N N 101 
GLN HB3  H N N 102 
GLN HG2  H N N 103 
GLN HG3  H N N 104 
GLN HE21 H N N 105 
GLN HE22 H N N 106 
GLN HXT  H N N 107 
GLU N    N N N 108 
GLU CA   C N S 109 
GLU C    C N N 110 
GLU O    O N N 111 
GLU CB   C N N 112 
GLU CG   C N N 113 
GLU CD   C N N 114 
GLU OE1  O N N 115 
GLU OE2  O N N 116 
GLU OXT  O N N 117 
GLU H    H N N 118 
GLU H2   H N N 119 
GLU HA   H N N 120 
GLU HB2  H N N 121 
GLU HB3  H N N 122 
GLU HG2  H N N 123 
GLU HG3  H N N 124 
GLU HE2  H N N 125 
GLU HXT  H N N 126 
GLY N    N N N 127 
GLY CA   C N N 128 
GLY C    C N N 129 
GLY O    O N N 130 
GLY OXT  O N N 131 
GLY H    H N N 132 
GLY H2   H N N 133 
GLY HA2  H N N 134 
GLY HA3  H N N 135 
GLY HXT  H N N 136 
HIS N    N N N 137 
HIS CA   C N S 138 
HIS C    C N N 139 
HIS O    O N N 140 
HIS CB   C N N 141 
HIS CG   C Y N 142 
HIS ND1  N Y N 143 
HIS CD2  C Y N 144 
HIS CE1  C Y N 145 
HIS NE2  N Y N 146 
HIS OXT  O N N 147 
HIS H    H N N 148 
HIS H2   H N N 149 
HIS HA   H N N 150 
HIS HB2  H N N 151 
HIS HB3  H N N 152 
HIS HD1  H N N 153 
HIS HD2  H N N 154 
HIS HE1  H N N 155 
HIS HE2  H N N 156 
HIS HXT  H N N 157 
HOH O    O N N 158 
HOH H1   H N N 159 
HOH H2   H N N 160 
ILE N    N N N 161 
ILE CA   C N S 162 
ILE C    C N N 163 
ILE O    O N N 164 
ILE CB   C N S 165 
ILE CG1  C N N 166 
ILE CG2  C N N 167 
ILE CD1  C N N 168 
ILE OXT  O N N 169 
ILE H    H N N 170 
ILE H2   H N N 171 
ILE HA   H N N 172 
ILE HB   H N N 173 
ILE HG12 H N N 174 
ILE HG13 H N N 175 
ILE HG21 H N N 176 
ILE HG22 H N N 177 
ILE HG23 H N N 178 
ILE HD11 H N N 179 
ILE HD12 H N N 180 
ILE HD13 H N N 181 
ILE HXT  H N N 182 
LEU N    N N N 183 
LEU CA   C N S 184 
LEU C    C N N 185 
LEU O    O N N 186 
LEU CB   C N N 187 
LEU CG   C N N 188 
LEU CD1  C N N 189 
LEU CD2  C N N 190 
LEU OXT  O N N 191 
LEU H    H N N 192 
LEU H2   H N N 193 
LEU HA   H N N 194 
LEU HB2  H N N 195 
LEU HB3  H N N 196 
LEU HG   H N N 197 
LEU HD11 H N N 198 
LEU HD12 H N N 199 
LEU HD13 H N N 200 
LEU HD21 H N N 201 
LEU HD22 H N N 202 
LEU HD23 H N N 203 
LEU HXT  H N N 204 
LYS N    N N N 205 
LYS CA   C N S 206 
LYS C    C N N 207 
LYS O    O N N 208 
LYS CB   C N N 209 
LYS CG   C N N 210 
LYS CD   C N N 211 
LYS CE   C N N 212 
LYS NZ   N N N 213 
LYS OXT  O N N 214 
LYS H    H N N 215 
LYS H2   H N N 216 
LYS HA   H N N 217 
LYS HB2  H N N 218 
LYS HB3  H N N 219 
LYS HG2  H N N 220 
LYS HG3  H N N 221 
LYS HD2  H N N 222 
LYS HD3  H N N 223 
LYS HE2  H N N 224 
LYS HE3  H N N 225 
LYS HZ1  H N N 226 
LYS HZ2  H N N 227 
LYS HZ3  H N N 228 
LYS HXT  H N N 229 
MET N    N N N 230 
MET CA   C N S 231 
MET C    C N N 232 
MET O    O N N 233 
MET CB   C N N 234 
MET CG   C N N 235 
MET SD   S N N 236 
MET CE   C N N 237 
MET OXT  O N N 238 
MET H    H N N 239 
MET H2   H N N 240 
MET HA   H N N 241 
MET HB2  H N N 242 
MET HB3  H N N 243 
MET HG2  H N N 244 
MET HG3  H N N 245 
MET HE1  H N N 246 
MET HE2  H N N 247 
MET HE3  H N N 248 
MET HXT  H N N 249 
PHE N    N N N 250 
PHE CA   C N S 251 
PHE C    C N N 252 
PHE O    O N N 253 
PHE CB   C N N 254 
PHE CG   C Y N 255 
PHE CD1  C Y N 256 
PHE CD2  C Y N 257 
PHE CE1  C Y N 258 
PHE CE2  C Y N 259 
PHE CZ   C Y N 260 
PHE OXT  O N N 261 
PHE H    H N N 262 
PHE H2   H N N 263 
PHE HA   H N N 264 
PHE HB2  H N N 265 
PHE HB3  H N N 266 
PHE HD1  H N N 267 
PHE HD2  H N N 268 
PHE HE1  H N N 269 
PHE HE2  H N N 270 
PHE HZ   H N N 271 
PHE HXT  H N N 272 
PRO N    N N N 273 
PRO CA   C N S 274 
PRO C    C N N 275 
PRO O    O N N 276 
PRO CB   C N N 277 
PRO CG   C N N 278 
PRO CD   C N N 279 
PRO OXT  O N N 280 
PRO H    H N N 281 
PRO HA   H N N 282 
PRO HB2  H N N 283 
PRO HB3  H N N 284 
PRO HG2  H N N 285 
PRO HG3  H N N 286 
PRO HD2  H N N 287 
PRO HD3  H N N 288 
PRO HXT  H N N 289 
SER N    N N N 290 
SER CA   C N S 291 
SER C    C N N 292 
SER O    O N N 293 
SER CB   C N N 294 
SER OG   O N N 295 
SER OXT  O N N 296 
SER H    H N N 297 
SER H2   H N N 298 
SER HA   H N N 299 
SER HB2  H N N 300 
SER HB3  H N N 301 
SER HG   H N N 302 
SER HXT  H N N 303 
SO4 S    S N N 304 
SO4 O1   O N N 305 
SO4 O2   O N N 306 
SO4 O3   O N N 307 
SO4 O4   O N N 308 
THR N    N N N 309 
THR CA   C N S 310 
THR C    C N N 311 
THR O    O N N 312 
THR CB   C N R 313 
THR OG1  O N N 314 
THR CG2  C N N 315 
THR OXT  O N N 316 
THR H    H N N 317 
THR H2   H N N 318 
THR HA   H N N 319 
THR HB   H N N 320 
THR HG1  H N N 321 
THR HG21 H N N 322 
THR HG22 H N N 323 
THR HG23 H N N 324 
THR HXT  H N N 325 
TRP N    N N N 326 
TRP CA   C N S 327 
TRP C    C N N 328 
TRP O    O N N 329 
TRP CB   C N N 330 
TRP CG   C Y N 331 
TRP CD1  C Y N 332 
TRP CD2  C Y N 333 
TRP NE1  N Y N 334 
TRP CE2  C Y N 335 
TRP CE3  C Y N 336 
TRP CZ2  C Y N 337 
TRP CZ3  C Y N 338 
TRP CH2  C Y N 339 
TRP OXT  O N N 340 
TRP H    H N N 341 
TRP H2   H N N 342 
TRP HA   H N N 343 
TRP HB2  H N N 344 
TRP HB3  H N N 345 
TRP HD1  H N N 346 
TRP HE1  H N N 347 
TRP HE3  H N N 348 
TRP HZ2  H N N 349 
TRP HZ3  H N N 350 
TRP HH2  H N N 351 
TRP HXT  H N N 352 
TYR N    N N N 353 
TYR CA   C N S 354 
TYR C    C N N 355 
TYR O    O N N 356 
TYR CB   C N N 357 
TYR CG   C Y N 358 
TYR CD1  C Y N 359 
TYR CD2  C Y N 360 
TYR CE1  C Y N 361 
TYR CE2  C Y N 362 
TYR CZ   C Y N 363 
TYR OH   O N N 364 
TYR OXT  O N N 365 
TYR H    H N N 366 
TYR H2   H N N 367 
TYR HA   H N N 368 
TYR HB2  H N N 369 
TYR HB3  H N N 370 
TYR HD1  H N N 371 
TYR HD2  H N N 372 
TYR HE1  H N N 373 
TYR HE2  H N N 374 
TYR HH   H N N 375 
TYR HXT  H N N 376 
VAL N    N N N 377 
VAL CA   C N S 378 
VAL C    C N N 379 
VAL O    O N N 380 
VAL CB   C N N 381 
VAL CG1  C N N 382 
VAL CG2  C N N 383 
VAL OXT  O N N 384 
VAL H    H N N 385 
VAL H2   H N N 386 
VAL HA   H N N 387 
VAL HB   H N N 388 
VAL HG11 H N N 389 
VAL HG12 H N N 390 
VAL HG13 H N N 391 
VAL HG21 H N N 392 
VAL HG22 H N N 393 
VAL HG23 H N N 394 
VAL HXT  H N N 395 
# 
loop_
_chem_comp_bond.comp_id 
_chem_comp_bond.atom_id_1 
_chem_comp_bond.atom_id_2 
_chem_comp_bond.value_order 
_chem_comp_bond.pdbx_aromatic_flag 
_chem_comp_bond.pdbx_stereo_config 
_chem_comp_bond.pdbx_ordinal 
ALA N   CA   sing N N 1   
ALA N   H    sing N N 2   
ALA N   H2   sing N N 3   
ALA CA  C    sing N N 4   
ALA CA  CB   sing N N 5   
ALA CA  HA   sing N N 6   
ALA C   O    doub N N 7   
ALA C   OXT  sing N N 8   
ALA CB  HB1  sing N N 9   
ALA CB  HB2  sing N N 10  
ALA CB  HB3  sing N N 11  
ALA OXT HXT  sing N N 12  
ARG N   CA   sing N N 13  
ARG N   H    sing N N 14  
ARG N   H2   sing N N 15  
ARG CA  C    sing N N 16  
ARG CA  CB   sing N N 17  
ARG CA  HA   sing N N 18  
ARG C   O    doub N N 19  
ARG C   OXT  sing N N 20  
ARG CB  CG   sing N N 21  
ARG CB  HB2  sing N N 22  
ARG CB  HB3  sing N N 23  
ARG CG  CD   sing N N 24  
ARG CG  HG2  sing N N 25  
ARG CG  HG3  sing N N 26  
ARG CD  NE   sing N N 27  
ARG CD  HD2  sing N N 28  
ARG CD  HD3  sing N N 29  
ARG NE  CZ   sing N N 30  
ARG NE  HE   sing N N 31  
ARG CZ  NH1  sing N N 32  
ARG CZ  NH2  doub N N 33  
ARG NH1 HH11 sing N N 34  
ARG NH1 HH12 sing N N 35  
ARG NH2 HH21 sing N N 36  
ARG NH2 HH22 sing N N 37  
ARG OXT HXT  sing N N 38  
ASN N   CA   sing N N 39  
ASN N   H    sing N N 40  
ASN N   H2   sing N N 41  
ASN CA  C    sing N N 42  
ASN CA  CB   sing N N 43  
ASN CA  HA   sing N N 44  
ASN C   O    doub N N 45  
ASN C   OXT  sing N N 46  
ASN CB  CG   sing N N 47  
ASN CB  HB2  sing N N 48  
ASN CB  HB3  sing N N 49  
ASN CG  OD1  doub N N 50  
ASN CG  ND2  sing N N 51  
ASN ND2 HD21 sing N N 52  
ASN ND2 HD22 sing N N 53  
ASN OXT HXT  sing N N 54  
ASP N   CA   sing N N 55  
ASP N   H    sing N N 56  
ASP N   H2   sing N N 57  
ASP CA  C    sing N N 58  
ASP CA  CB   sing N N 59  
ASP CA  HA   sing N N 60  
ASP C   O    doub N N 61  
ASP C   OXT  sing N N 62  
ASP CB  CG   sing N N 63  
ASP CB  HB2  sing N N 64  
ASP CB  HB3  sing N N 65  
ASP CG  OD1  doub N N 66  
ASP CG  OD2  sing N N 67  
ASP OD2 HD2  sing N N 68  
ASP OXT HXT  sing N N 69  
CYS N   CA   sing N N 70  
CYS N   H    sing N N 71  
CYS N   H2   sing N N 72  
CYS CA  C    sing N N 73  
CYS CA  CB   sing N N 74  
CYS CA  HA   sing N N 75  
CYS C   O    doub N N 76  
CYS C   OXT  sing N N 77  
CYS CB  SG   sing N N 78  
CYS CB  HB2  sing N N 79  
CYS CB  HB3  sing N N 80  
CYS SG  HG   sing N N 81  
CYS OXT HXT  sing N N 82  
GLN N   CA   sing N N 83  
GLN N   H    sing N N 84  
GLN N   H2   sing N N 85  
GLN CA  C    sing N N 86  
GLN CA  CB   sing N N 87  
GLN CA  HA   sing N N 88  
GLN C   O    doub N N 89  
GLN C   OXT  sing N N 90  
GLN CB  CG   sing N N 91  
GLN CB  HB2  sing N N 92  
GLN CB  HB3  sing N N 93  
GLN CG  CD   sing N N 94  
GLN CG  HG2  sing N N 95  
GLN CG  HG3  sing N N 96  
GLN CD  OE1  doub N N 97  
GLN CD  NE2  sing N N 98  
GLN NE2 HE21 sing N N 99  
GLN NE2 HE22 sing N N 100 
GLN OXT HXT  sing N N 101 
GLU N   CA   sing N N 102 
GLU N   H    sing N N 103 
GLU N   H2   sing N N 104 
GLU CA  C    sing N N 105 
GLU CA  CB   sing N N 106 
GLU CA  HA   sing N N 107 
GLU C   O    doub N N 108 
GLU C   OXT  sing N N 109 
GLU CB  CG   sing N N 110 
GLU CB  HB2  sing N N 111 
GLU CB  HB3  sing N N 112 
GLU CG  CD   sing N N 113 
GLU CG  HG2  sing N N 114 
GLU CG  HG3  sing N N 115 
GLU CD  OE1  doub N N 116 
GLU CD  OE2  sing N N 117 
GLU OE2 HE2  sing N N 118 
GLU OXT HXT  sing N N 119 
GLY N   CA   sing N N 120 
GLY N   H    sing N N 121 
GLY N   H2   sing N N 122 
GLY CA  C    sing N N 123 
GLY CA  HA2  sing N N 124 
GLY CA  HA3  sing N N 125 
GLY C   O    doub N N 126 
GLY C   OXT  sing N N 127 
GLY OXT HXT  sing N N 128 
HIS N   CA   sing N N 129 
HIS N   H    sing N N 130 
HIS N   H2   sing N N 131 
HIS CA  C    sing N N 132 
HIS CA  CB   sing N N 133 
HIS CA  HA   sing N N 134 
HIS C   O    doub N N 135 
HIS C   OXT  sing N N 136 
HIS CB  CG   sing N N 137 
HIS CB  HB2  sing N N 138 
HIS CB  HB3  sing N N 139 
HIS CG  ND1  sing Y N 140 
HIS CG  CD2  doub Y N 141 
HIS ND1 CE1  doub Y N 142 
HIS ND1 HD1  sing N N 143 
HIS CD2 NE2  sing Y N 144 
HIS CD2 HD2  sing N N 145 
HIS CE1 NE2  sing Y N 146 
HIS CE1 HE1  sing N N 147 
HIS NE2 HE2  sing N N 148 
HIS OXT HXT  sing N N 149 
HOH O   H1   sing N N 150 
HOH O   H2   sing N N 151 
ILE N   CA   sing N N 152 
ILE N   H    sing N N 153 
ILE N   H2   sing N N 154 
ILE CA  C    sing N N 155 
ILE CA  CB   sing N N 156 
ILE CA  HA   sing N N 157 
ILE C   O    doub N N 158 
ILE C   OXT  sing N N 159 
ILE CB  CG1  sing N N 160 
ILE CB  CG2  sing N N 161 
ILE CB  HB   sing N N 162 
ILE CG1 CD1  sing N N 163 
ILE CG1 HG12 sing N N 164 
ILE CG1 HG13 sing N N 165 
ILE CG2 HG21 sing N N 166 
ILE CG2 HG22 sing N N 167 
ILE CG2 HG23 sing N N 168 
ILE CD1 HD11 sing N N 169 
ILE CD1 HD12 sing N N 170 
ILE CD1 HD13 sing N N 171 
ILE OXT HXT  sing N N 172 
LEU N   CA   sing N N 173 
LEU N   H    sing N N 174 
LEU N   H2   sing N N 175 
LEU CA  C    sing N N 176 
LEU CA  CB   sing N N 177 
LEU CA  HA   sing N N 178 
LEU C   O    doub N N 179 
LEU C   OXT  sing N N 180 
LEU CB  CG   sing N N 181 
LEU CB  HB2  sing N N 182 
LEU CB  HB3  sing N N 183 
LEU CG  CD1  sing N N 184 
LEU CG  CD2  sing N N 185 
LEU CG  HG   sing N N 186 
LEU CD1 HD11 sing N N 187 
LEU CD1 HD12 sing N N 188 
LEU CD1 HD13 sing N N 189 
LEU CD2 HD21 sing N N 190 
LEU CD2 HD22 sing N N 191 
LEU CD2 HD23 sing N N 192 
LEU OXT HXT  sing N N 193 
LYS N   CA   sing N N 194 
LYS N   H    sing N N 195 
LYS N   H2   sing N N 196 
LYS CA  C    sing N N 197 
LYS CA  CB   sing N N 198 
LYS CA  HA   sing N N 199 
LYS C   O    doub N N 200 
LYS C   OXT  sing N N 201 
LYS CB  CG   sing N N 202 
LYS CB  HB2  sing N N 203 
LYS CB  HB3  sing N N 204 
LYS CG  CD   sing N N 205 
LYS CG  HG2  sing N N 206 
LYS CG  HG3  sing N N 207 
LYS CD  CE   sing N N 208 
LYS CD  HD2  sing N N 209 
LYS CD  HD3  sing N N 210 
LYS CE  NZ   sing N N 211 
LYS CE  HE2  sing N N 212 
LYS CE  HE3  sing N N 213 
LYS NZ  HZ1  sing N N 214 
LYS NZ  HZ2  sing N N 215 
LYS NZ  HZ3  sing N N 216 
LYS OXT HXT  sing N N 217 
MET N   CA   sing N N 218 
MET N   H    sing N N 219 
MET N   H2   sing N N 220 
MET CA  C    sing N N 221 
MET CA  CB   sing N N 222 
MET CA  HA   sing N N 223 
MET C   O    doub N N 224 
MET C   OXT  sing N N 225 
MET CB  CG   sing N N 226 
MET CB  HB2  sing N N 227 
MET CB  HB3  sing N N 228 
MET CG  SD   sing N N 229 
MET CG  HG2  sing N N 230 
MET CG  HG3  sing N N 231 
MET SD  CE   sing N N 232 
MET CE  HE1  sing N N 233 
MET CE  HE2  sing N N 234 
MET CE  HE3  sing N N 235 
MET OXT HXT  sing N N 236 
PHE N   CA   sing N N 237 
PHE N   H    sing N N 238 
PHE N   H2   sing N N 239 
PHE CA  C    sing N N 240 
PHE CA  CB   sing N N 241 
PHE CA  HA   sing N N 242 
PHE C   O    doub N N 243 
PHE C   OXT  sing N N 244 
PHE CB  CG   sing N N 245 
PHE CB  HB2  sing N N 246 
PHE CB  HB3  sing N N 247 
PHE CG  CD1  doub Y N 248 
PHE CG  CD2  sing Y N 249 
PHE CD1 CE1  sing Y N 250 
PHE CD1 HD1  sing N N 251 
PHE CD2 CE2  doub Y N 252 
PHE CD2 HD2  sing N N 253 
PHE CE1 CZ   doub Y N 254 
PHE CE1 HE1  sing N N 255 
PHE CE2 CZ   sing Y N 256 
PHE CE2 HE2  sing N N 257 
PHE CZ  HZ   sing N N 258 
PHE OXT HXT  sing N N 259 
PRO N   CA   sing N N 260 
PRO N   CD   sing N N 261 
PRO N   H    sing N N 262 
PRO CA  C    sing N N 263 
PRO CA  CB   sing N N 264 
PRO CA  HA   sing N N 265 
PRO C   O    doub N N 266 
PRO C   OXT  sing N N 267 
PRO CB  CG   sing N N 268 
PRO CB  HB2  sing N N 269 
PRO CB  HB3  sing N N 270 
PRO CG  CD   sing N N 271 
PRO CG  HG2  sing N N 272 
PRO CG  HG3  sing N N 273 
PRO CD  HD2  sing N N 274 
PRO CD  HD3  sing N N 275 
PRO OXT HXT  sing N N 276 
SER N   CA   sing N N 277 
SER N   H    sing N N 278 
SER N   H2   sing N N 279 
SER CA  C    sing N N 280 
SER CA  CB   sing N N 281 
SER CA  HA   sing N N 282 
SER C   O    doub N N 283 
SER C   OXT  sing N N 284 
SER CB  OG   sing N N 285 
SER CB  HB2  sing N N 286 
SER CB  HB3  sing N N 287 
SER OG  HG   sing N N 288 
SER OXT HXT  sing N N 289 
SO4 S   O1   doub N N 290 
SO4 S   O2   doub N N 291 
SO4 S   O3   sing N N 292 
SO4 S   O4   sing N N 293 
THR N   CA   sing N N 294 
THR N   H    sing N N 295 
THR N   H2   sing N N 296 
THR CA  C    sing N N 297 
THR CA  CB   sing N N 298 
THR CA  HA   sing N N 299 
THR C   O    doub N N 300 
THR C   OXT  sing N N 301 
THR CB  OG1  sing N N 302 
THR CB  CG2  sing N N 303 
THR CB  HB   sing N N 304 
THR OG1 HG1  sing N N 305 
THR CG2 HG21 sing N N 306 
THR CG2 HG22 sing N N 307 
THR CG2 HG23 sing N N 308 
THR OXT HXT  sing N N 309 
TRP N   CA   sing N N 310 
TRP N   H    sing N N 311 
TRP N   H2   sing N N 312 
TRP CA  C    sing N N 313 
TRP CA  CB   sing N N 314 
TRP CA  HA   sing N N 315 
TRP C   O    doub N N 316 
TRP C   OXT  sing N N 317 
TRP CB  CG   sing N N 318 
TRP CB  HB2  sing N N 319 
TRP CB  HB3  sing N N 320 
TRP CG  CD1  doub Y N 321 
TRP CG  CD2  sing Y N 322 
TRP CD1 NE1  sing Y N 323 
TRP CD1 HD1  sing N N 324 
TRP CD2 CE2  doub Y N 325 
TRP CD2 CE3  sing Y N 326 
TRP NE1 CE2  sing Y N 327 
TRP NE1 HE1  sing N N 328 
TRP CE2 CZ2  sing Y N 329 
TRP CE3 CZ3  doub Y N 330 
TRP CE3 HE3  sing N N 331 
TRP CZ2 CH2  doub Y N 332 
TRP CZ2 HZ2  sing N N 333 
TRP CZ3 CH2  sing Y N 334 
TRP CZ3 HZ3  sing N N 335 
TRP CH2 HH2  sing N N 336 
TRP OXT HXT  sing N N 337 
TYR N   CA   sing N N 338 
TYR N   H    sing N N 339 
TYR N   H2   sing N N 340 
TYR CA  C    sing N N 341 
TYR CA  CB   sing N N 342 
TYR CA  HA   sing N N 343 
TYR C   O    doub N N 344 
TYR C   OXT  sing N N 345 
TYR CB  CG   sing N N 346 
TYR CB  HB2  sing N N 347 
TYR CB  HB3  sing N N 348 
TYR CG  CD1  doub Y N 349 
TYR CG  CD2  sing Y N 350 
TYR CD1 CE1  sing Y N 351 
TYR CD1 HD1  sing N N 352 
TYR CD2 CE2  doub Y N 353 
TYR CD2 HD2  sing N N 354 
TYR CE1 CZ   doub Y N 355 
TYR CE1 HE1  sing N N 356 
TYR CE2 CZ   sing Y N 357 
TYR CE2 HE2  sing N N 358 
TYR CZ  OH   sing N N 359 
TYR OH  HH   sing N N 360 
TYR OXT HXT  sing N N 361 
VAL N   CA   sing N N 362 
VAL N   H    sing N N 363 
VAL N   H2   sing N N 364 
VAL CA  C    sing N N 365 
VAL CA  CB   sing N N 366 
VAL CA  HA   sing N N 367 
VAL C   O    doub N N 368 
VAL C   OXT  sing N N 369 
VAL CB  CG1  sing N N 370 
VAL CB  CG2  sing N N 371 
VAL CB  HB   sing N N 372 
VAL CG1 HG11 sing N N 373 
VAL CG1 HG12 sing N N 374 
VAL CG1 HG13 sing N N 375 
VAL CG2 HG21 sing N N 376 
VAL CG2 HG22 sing N N 377 
VAL CG2 HG23 sing N N 378 
VAL OXT HXT  sing N N 379 
# 
loop_
_pdbx_entity_nonpoly.entity_id 
_pdbx_entity_nonpoly.name 
_pdbx_entity_nonpoly.comp_id 
2 'SULFATE ION' SO4 
3 water         HOH 
# 
_pdbx_initial_refinement_model.id               1 
_pdbx_initial_refinement_model.entity_id_list   ? 
_pdbx_initial_refinement_model.type             'experimental model' 
_pdbx_initial_refinement_model.source_name      PDB 
_pdbx_initial_refinement_model.accession_code   1EUN 
_pdbx_initial_refinement_model.details          ? 
# 
